data_3ECK
#
_entry.id   3ECK
#
_cell.length_a   110.735
_cell.length_b   163.176
_cell.length_c   101.373
_cell.angle_alpha   90.00
_cell.angle_beta   90.00
_cell.angle_gamma   90.00
#
_symmetry.space_group_name_H-M   'P 21 21 2'
#
loop_
_entity.id
_entity.type
_entity.pdbx_description
1 polymer 'PROTEIN (Homoprotocatechuate 2,3-dioxygenase)'
2 non-polymer 'FE (II) ION'
3 non-polymer 'CHLORIDE ION'
4 non-polymer GLYCEROL
5 non-polymer 'CALCIUM ION'
6 non-polymer '3,3-dihydroxy-4-oxocyclohexa-1,5-diene-1-sulfonic acid'
7 water water
#
_entity_poly.entity_id   1
_entity_poly.type   'polypeptide(L)'
_entity_poly.pdbx_seq_one_letter_code
;MSNEIPKPVAPAPDILRCAYAELVVTDLAKSRNFYVDVLGLHVSYEDENQIYLRSFEEFIHHNLVLTKGPVAALKAMAFR
VRTPEDVDKAEAYYQELGCRTERRKDGFVKGIGDALRVEDPLGFPYEFFFETTHVERLHMRYDLYSAGELVRLDHFNQVT
PDVPRGRKYLEDLGFRVTEDIQDDEGTTYAAWMHRKGTVHDTALTGGNGPRLHHVAFSTHEKHNIIQICDKMGALRISDR
IERGPGRHGVSNAFYLYILDPDNHRIEIYTQDYYTGDPDNPTITWNVHDNQRRDWWGNPVVPSWYTEASKVLDLDGNVQE
IILRTDDSELEVTIGADGFSFTRAGDEDGSYHGQASKGFKLGNQL
;
_entity_poly.pdbx_strand_id   A,B,C,D
#
# COMPACT_ATOMS: atom_id res chain seq x y z
N GLU A 4 -23.13 4.54 -41.77
CA GLU A 4 -23.80 4.55 -40.42
C GLU A 4 -24.49 3.21 -40.11
N ILE A 5 -24.35 2.75 -38.88
CA ILE A 5 -25.00 1.50 -38.46
C ILE A 5 -26.38 1.83 -37.89
N PRO A 6 -27.44 1.30 -38.53
CA PRO A 6 -28.79 1.71 -38.12
C PRO A 6 -29.14 1.18 -36.74
N LYS A 7 -30.01 1.90 -36.03
CA LYS A 7 -30.52 1.46 -34.75
C LYS A 7 -31.70 0.52 -34.99
N PRO A 8 -31.56 -0.75 -34.60
CA PRO A 8 -32.64 -1.71 -34.74
C PRO A 8 -33.94 -1.26 -34.11
N VAL A 9 -35.05 -1.76 -34.66
CA VAL A 9 -36.35 -1.64 -34.01
C VAL A 9 -36.38 -2.59 -32.79
N ALA A 10 -35.81 -3.77 -32.95
CA ALA A 10 -35.75 -4.77 -31.87
C ALA A 10 -34.98 -4.24 -30.65
N PRO A 11 -35.45 -4.54 -29.41
CA PRO A 11 -34.75 -3.98 -28.23
C PRO A 11 -33.38 -4.60 -28.03
N ALA A 12 -32.42 -3.79 -27.58
CA ALA A 12 -31.09 -4.29 -27.26
C ALA A 12 -31.17 -5.27 -26.09
N PRO A 13 -30.31 -6.31 -26.11
CA PRO A 13 -30.16 -7.16 -24.92
C PRO A 13 -29.69 -6.31 -23.74
N ASP A 14 -30.12 -6.65 -22.53
CA ASP A 14 -29.65 -5.97 -21.33
C ASP A 14 -28.31 -6.59 -20.95
N ILE A 15 -27.22 -5.87 -21.25
CA ILE A 15 -25.86 -6.35 -20.99
C ILE A 15 -25.42 -5.96 -19.58
N LEU A 16 -24.94 -6.95 -18.84
CA LEU A 16 -24.47 -6.70 -17.47
C LEU A 16 -23.06 -6.15 -17.44
N ARG A 17 -22.16 -6.83 -18.15
CA ARG A 17 -20.71 -6.60 -18.05
C ARG A 17 -19.96 -7.48 -19.04
N CYS A 18 -18.71 -7.10 -19.35
CA CYS A 18 -17.78 -8.04 -19.93
C CYS A 18 -17.65 -9.22 -18.94
N ALA A 19 -17.53 -10.42 -19.48
CA ALA A 19 -17.49 -11.63 -18.64
C ALA A 19 -16.31 -12.56 -18.90
N TYR A 20 -16.02 -12.86 -20.17
CA TYR A 20 -14.82 -13.62 -20.50
C TYR A 20 -14.34 -13.41 -21.93
N ALA A 21 -13.09 -13.75 -22.17
CA ALA A 21 -12.57 -13.79 -23.51
C ALA A 21 -12.05 -15.20 -23.81
N GLU A 22 -12.33 -15.67 -25.01
CA GLU A 22 -11.71 -16.87 -25.52
C GLU A 22 -10.60 -16.49 -26.47
N LEU A 23 -9.37 -16.84 -26.08
CA LEU A 23 -8.18 -16.57 -26.86
C LEU A 23 -7.62 -17.84 -27.46
N VAL A 24 -7.28 -17.79 -28.74
CA VAL A 24 -6.57 -18.91 -29.37
C VAL A 24 -5.07 -18.72 -29.18
N VAL A 25 -4.43 -19.78 -28.67
CA VAL A 25 -2.99 -19.77 -28.39
C VAL A 25 -2.32 -20.93 -29.16
N THR A 26 -1.03 -20.78 -29.47
CA THR A 26 -0.31 -21.78 -30.29
C THR A 26 0.35 -22.89 -29.46
N ASP A 27 0.72 -22.56 -28.21
CA ASP A 27 1.39 -23.52 -27.33
C ASP A 27 0.74 -23.44 -25.96
N LEU A 28 -0.13 -24.40 -25.68
CA LEU A 28 -0.97 -24.34 -24.49
C LEU A 28 -0.13 -24.33 -23.20
N ALA A 29 0.92 -25.15 -23.16
CA ALA A 29 1.78 -25.25 -21.99
C ALA A 29 2.46 -23.91 -21.68
N LYS A 30 2.99 -23.27 -22.71
CA LYS A 30 3.66 -21.99 -22.55
C LYS A 30 2.67 -20.91 -22.11
N SER A 31 1.47 -20.95 -22.68
CA SER A 31 0.43 -20.01 -22.29
C SER A 31 -0.01 -20.26 -20.85
N ARG A 32 -0.09 -21.54 -20.44
CA ARG A 32 -0.38 -21.88 -19.04
C ARG A 32 0.68 -21.31 -18.10
N ASN A 33 1.95 -21.44 -18.47
N ASN A 33 1.95 -21.43 -18.49
CA ASN A 33 3.00 -20.90 -17.62
CA ASN A 33 3.06 -20.91 -17.68
C ASN A 33 2.74 -19.43 -17.37
C ASN A 33 2.92 -19.42 -17.42
N PHE A 34 2.46 -18.69 -18.43
CA PHE A 34 2.22 -17.24 -18.33
C PHE A 34 1.01 -16.89 -17.47
N TYR A 35 -0.17 -17.43 -17.80
CA TYR A 35 -1.41 -17.04 -17.12
C TYR A 35 -1.56 -17.62 -15.73
N VAL A 36 -1.02 -18.83 -15.53
CA VAL A 36 -1.12 -19.49 -14.21
C VAL A 36 0.12 -19.24 -13.35
N ASP A 37 1.29 -19.62 -13.84
CA ASP A 37 2.51 -19.53 -13.04
C ASP A 37 3.03 -18.10 -12.88
N VAL A 38 2.97 -17.29 -13.94
CA VAL A 38 3.39 -15.90 -13.82
C VAL A 38 2.30 -15.04 -13.19
N LEU A 39 1.10 -15.06 -13.77
CA LEU A 39 0.00 -14.17 -13.35
C LEU A 39 -0.92 -14.69 -12.25
N GLY A 40 -0.88 -15.98 -11.98
CA GLY A 40 -1.61 -16.52 -10.82
C GLY A 40 -3.12 -16.66 -11.00
N LEU A 41 -3.61 -16.67 -12.24
CA LEU A 41 -5.03 -16.93 -12.46
C LEU A 41 -5.37 -18.35 -12.01
N HIS A 42 -6.63 -18.55 -11.66
CA HIS A 42 -7.09 -19.81 -11.05
C HIS A 42 -7.74 -20.73 -12.07
N VAL A 43 -7.32 -22.00 -12.06
CA VAL A 43 -7.81 -22.98 -13.03
C VAL A 43 -9.19 -23.50 -12.59
N SER A 44 -10.20 -23.24 -13.43
CA SER A 44 -11.55 -23.76 -13.21
C SER A 44 -11.70 -25.15 -13.84
N TYR A 45 -10.99 -25.36 -14.94
CA TYR A 45 -10.99 -26.60 -15.68
C TYR A 45 -9.83 -26.56 -16.63
N GLU A 46 -9.20 -27.71 -16.86
CA GLU A 46 -8.29 -27.83 -18.00
C GLU A 46 -8.23 -29.24 -18.54
N ASP A 47 -7.90 -29.33 -19.82
CA ASP A 47 -7.54 -30.59 -20.43
C ASP A 47 -6.40 -30.26 -21.37
N GLU A 48 -6.21 -31.09 -22.39
N GLU A 48 -6.17 -31.07 -22.39
CA GLU A 48 -5.10 -30.96 -23.35
CA GLU A 48 -5.03 -30.85 -23.29
C GLU A 48 -5.33 -29.90 -24.43
C GLU A 48 -5.33 -29.94 -24.51
N ASN A 49 -6.57 -29.47 -24.60
CA ASN A 49 -6.92 -28.52 -25.67
C ASN A 49 -7.22 -27.12 -25.18
N GLN A 50 -7.67 -27.01 -23.93
CA GLN A 50 -8.13 -25.73 -23.37
C GLN A 50 -7.79 -25.61 -21.89
N ILE A 51 -7.60 -24.35 -21.47
CA ILE A 51 -7.48 -23.99 -20.05
C ILE A 51 -8.52 -22.91 -19.73
N TYR A 52 -9.36 -23.19 -18.73
CA TYR A 52 -10.38 -22.25 -18.26
C TYR A 52 -9.89 -21.58 -16.98
N LEU A 53 -9.84 -20.24 -16.99
CA LEU A 53 -9.26 -19.47 -15.87
C LEU A 53 -10.20 -18.42 -15.32
N ARG A 54 -10.12 -18.16 -14.01
CA ARG A 54 -10.90 -17.11 -13.40
C ARG A 54 -10.06 -16.28 -12.45
N SER A 55 -10.54 -15.07 -12.19
CA SER A 55 -9.91 -14.19 -11.23
C SER A 55 -10.34 -14.53 -9.81
N PHE A 56 -9.73 -13.86 -8.82
CA PHE A 56 -9.90 -14.13 -7.39
C PHE A 56 -11.34 -13.98 -6.88
N GLU A 57 -12.07 -13.01 -7.42
CA GLU A 57 -13.39 -12.70 -6.85
C GLU A 57 -14.56 -13.20 -7.71
N GLU A 58 -14.21 -13.92 -8.78
CA GLU A 58 -15.21 -14.38 -9.76
C GLU A 58 -15.99 -15.60 -9.28
N PHE A 59 -17.31 -15.59 -9.52
CA PHE A 59 -18.16 -16.75 -9.21
C PHE A 59 -18.68 -17.46 -10.46
N ILE A 60 -18.73 -16.77 -11.61
CA ILE A 60 -19.03 -17.50 -12.86
C ILE A 60 -17.84 -18.40 -13.23
N HIS A 61 -18.07 -19.31 -14.17
CA HIS A 61 -17.12 -20.36 -14.45
C HIS A 61 -15.69 -19.90 -14.79
N HIS A 62 -15.58 -18.84 -15.58
CA HIS A 62 -14.28 -18.40 -16.04
C HIS A 62 -14.36 -16.97 -16.56
N ASN A 63 -13.19 -16.32 -16.56
CA ASN A 63 -12.98 -15.01 -17.21
C ASN A 63 -12.11 -15.11 -18.46
N LEU A 64 -11.48 -16.26 -18.65
CA LEU A 64 -10.56 -16.45 -19.75
C LEU A 64 -10.49 -17.92 -20.16
N VAL A 65 -10.70 -18.17 -21.45
CA VAL A 65 -10.55 -19.51 -22.01
C VAL A 65 -9.38 -19.47 -23.00
N LEU A 66 -8.37 -20.31 -22.77
CA LEU A 66 -7.23 -20.45 -23.67
C LEU A 66 -7.48 -21.70 -24.50
N THR A 67 -7.56 -21.53 -25.82
CA THR A 67 -7.88 -22.64 -26.71
C THR A 67 -6.72 -22.85 -27.67
N LYS A 68 -6.17 -24.06 -27.70
CA LYS A 68 -5.10 -24.35 -28.64
C LYS A 68 -5.63 -24.27 -30.07
N GLY A 69 -4.81 -23.72 -30.96
CA GLY A 69 -5.17 -23.52 -32.36
C GLY A 69 -3.96 -23.14 -33.20
N PRO A 70 -4.10 -23.18 -34.54
CA PRO A 70 -2.98 -22.94 -35.44
C PRO A 70 -2.55 -21.46 -35.51
N VAL A 71 -3.51 -20.56 -35.33
CA VAL A 71 -3.26 -19.11 -35.45
C VAL A 71 -3.76 -18.35 -34.21
N ALA A 72 -2.84 -17.70 -33.52
CA ALA A 72 -3.20 -16.97 -32.30
C ALA A 72 -4.14 -15.80 -32.65
N ALA A 73 -5.26 -15.69 -31.93
CA ALA A 73 -6.31 -14.72 -32.24
C ALA A 73 -7.39 -14.68 -31.18
N LEU A 74 -8.18 -13.61 -31.19
CA LEU A 74 -9.36 -13.55 -30.35
C LEU A 74 -10.46 -14.40 -30.98
N LYS A 75 -10.95 -15.39 -30.25
CA LYS A 75 -12.08 -16.20 -30.77
C LYS A 75 -13.43 -15.64 -30.42
N ALA A 76 -13.57 -15.10 -29.21
CA ALA A 76 -14.81 -14.46 -28.80
C ALA A 76 -14.58 -13.55 -27.60
N MET A 77 -15.27 -12.40 -27.61
CA MET A 77 -15.38 -11.53 -26.45
C MET A 77 -16.77 -11.69 -25.96
N ALA A 78 -16.93 -12.18 -24.72
CA ALA A 78 -18.25 -12.48 -24.17
C ALA A 78 -18.77 -11.51 -23.13
N PHE A 79 -20.03 -11.13 -23.29
CA PHE A 79 -20.73 -10.27 -22.37
C PHE A 79 -21.87 -11.04 -21.72
N ARG A 80 -22.01 -10.91 -20.41
CA ARG A 80 -23.12 -11.59 -19.75
C ARG A 80 -24.31 -10.67 -19.82
N VAL A 81 -25.48 -11.24 -20.12
CA VAL A 81 -26.76 -10.49 -20.15
C VAL A 81 -27.64 -10.78 -18.94
N ARG A 82 -28.63 -9.93 -18.69
CA ARG A 82 -29.36 -9.96 -17.42
C ARG A 82 -30.23 -11.21 -17.21
N THR A 83 -30.88 -11.67 -18.28
CA THR A 83 -31.82 -12.79 -18.18
C THR A 83 -31.60 -13.76 -19.33
N PRO A 84 -32.12 -15.01 -19.21
CA PRO A 84 -32.01 -15.91 -20.36
C PRO A 84 -32.69 -15.37 -21.64
N GLU A 85 -33.78 -14.61 -21.48
CA GLU A 85 -34.48 -13.99 -22.63
C GLU A 85 -33.66 -12.93 -23.37
N ASP A 86 -32.63 -12.40 -22.73
CA ASP A 86 -31.78 -11.41 -23.37
C ASP A 86 -30.89 -12.03 -24.45
N VAL A 87 -30.69 -13.35 -24.37
CA VAL A 87 -30.01 -14.08 -25.43
C VAL A 87 -30.87 -14.08 -26.71
N ASP A 88 -32.17 -14.31 -26.55
CA ASP A 88 -33.12 -14.17 -27.66
C ASP A 88 -33.12 -12.76 -28.22
N LYS A 89 -33.14 -11.76 -27.33
CA LYS A 89 -33.08 -10.36 -27.75
C LYS A 89 -31.80 -10.06 -28.53
N ALA A 90 -30.67 -10.59 -28.07
CA ALA A 90 -29.42 -10.45 -28.80
C ALA A 90 -29.48 -11.06 -30.21
N GLU A 91 -30.09 -12.25 -30.33
CA GLU A 91 -30.25 -12.89 -31.64
C GLU A 91 -31.09 -12.03 -32.58
N ALA A 92 -32.24 -11.55 -32.11
CA ALA A 92 -33.15 -10.75 -32.93
C ALA A 92 -32.47 -9.44 -33.33
N TYR A 93 -31.72 -8.86 -32.39
CA TYR A 93 -31.04 -7.58 -32.61
C TYR A 93 -30.02 -7.68 -33.73
N TYR A 94 -29.12 -8.64 -33.63
CA TYR A 94 -28.07 -8.82 -34.62
C TYR A 94 -28.62 -9.35 -35.95
N GLN A 95 -29.72 -10.09 -35.88
CA GLN A 95 -30.39 -10.52 -37.10
C GLN A 95 -30.95 -9.32 -37.87
N GLU A 96 -31.59 -8.40 -37.16
CA GLU A 96 -32.07 -7.15 -37.77
C GLU A 96 -30.93 -6.30 -38.34
N LEU A 97 -29.75 -6.37 -37.71
CA LEU A 97 -28.54 -5.74 -38.22
C LEU A 97 -27.95 -6.45 -39.44
N GLY A 98 -28.48 -7.63 -39.78
CA GLY A 98 -27.97 -8.40 -40.93
C GLY A 98 -26.64 -9.09 -40.65
N CYS A 99 -26.35 -9.27 -39.37
CA CYS A 99 -25.11 -9.92 -38.95
C CYS A 99 -25.26 -11.44 -38.90
N ARG A 100 -24.17 -12.12 -39.22
CA ARG A 100 -24.09 -13.57 -39.03
C ARG A 100 -24.15 -13.93 -37.54
N THR A 101 -25.05 -14.86 -37.19
CA THR A 101 -25.23 -15.30 -35.80
C THR A 101 -25.16 -16.83 -35.71
N GLU A 102 -24.74 -17.33 -34.55
CA GLU A 102 -24.77 -18.76 -34.27
C GLU A 102 -25.22 -18.97 -32.82
N ARG A 103 -26.26 -19.77 -32.66
CA ARG A 103 -26.85 -20.05 -31.37
C ARG A 103 -26.54 -21.49 -30.96
N ARG A 104 -26.05 -21.67 -29.74
CA ARG A 104 -25.86 -23.02 -29.17
C ARG A 104 -26.50 -23.11 -27.80
N LYS A 105 -27.51 -23.98 -27.71
CA LYS A 105 -28.30 -24.11 -26.48
C LYS A 105 -27.44 -24.60 -25.32
N ASP A 106 -26.35 -25.30 -25.63
CA ASP A 106 -25.44 -25.83 -24.60
C ASP A 106 -24.05 -25.21 -24.63
N GLY A 107 -23.95 -24.04 -25.27
CA GLY A 107 -22.74 -23.23 -25.25
C GLY A 107 -21.64 -23.60 -26.22
N PHE A 108 -20.69 -22.69 -26.40
CA PHE A 108 -19.53 -22.89 -27.26
C PHE A 108 -18.33 -23.39 -26.49
N VAL A 109 -18.31 -23.10 -25.18
CA VAL A 109 -17.21 -23.53 -24.30
C VAL A 109 -17.79 -24.11 -23.01
N LYS A 110 -16.99 -24.89 -22.28
CA LYS A 110 -17.45 -25.44 -20.99
C LYS A 110 -17.84 -24.36 -20.00
N GLY A 111 -18.84 -24.65 -19.17
CA GLY A 111 -19.28 -23.78 -18.10
C GLY A 111 -20.14 -22.62 -18.57
N ILE A 112 -20.45 -22.60 -19.87
CA ILE A 112 -21.42 -21.66 -20.42
C ILE A 112 -22.60 -22.45 -21.03
N GLY A 113 -23.82 -21.99 -20.75
CA GLY A 113 -25.04 -22.59 -21.27
C GLY A 113 -25.44 -21.94 -22.58
N ASP A 114 -26.74 -21.66 -22.73
CA ASP A 114 -27.31 -21.09 -23.95
C ASP A 114 -26.54 -19.80 -24.32
N ALA A 115 -25.96 -19.79 -25.53
CA ALA A 115 -25.05 -18.72 -25.96
C ALA A 115 -25.22 -18.35 -27.42
N LEU A 116 -25.14 -17.06 -27.71
CA LEU A 116 -25.20 -16.57 -29.07
C LEU A 116 -23.88 -15.94 -29.41
N ARG A 117 -23.25 -16.39 -30.48
CA ARG A 117 -22.10 -15.68 -31.03
C ARG A 117 -22.48 -14.98 -32.31
N VAL A 118 -21.88 -13.79 -32.52
CA VAL A 118 -22.17 -12.99 -33.71
C VAL A 118 -20.88 -12.44 -34.31
N GLU A 119 -20.87 -12.27 -35.63
CA GLU A 119 -19.86 -11.44 -36.29
C GLU A 119 -20.49 -10.06 -36.35
N ASP A 120 -20.06 -9.17 -35.44
CA ASP A 120 -20.77 -7.89 -35.27
C ASP A 120 -20.44 -6.91 -36.43
N PRO A 121 -21.15 -5.76 -36.49
CA PRO A 121 -20.94 -4.78 -37.57
C PRO A 121 -19.53 -4.26 -37.75
N LEU A 122 -18.71 -4.37 -36.70
CA LEU A 122 -17.30 -3.95 -36.78
C LEU A 122 -16.36 -5.13 -36.99
N GLY A 123 -16.94 -6.32 -37.15
CA GLY A 123 -16.15 -7.51 -37.49
C GLY A 123 -15.68 -8.30 -36.28
N PHE A 124 -16.16 -7.95 -35.11
CA PHE A 124 -15.71 -8.60 -33.87
C PHE A 124 -16.59 -9.79 -33.49
N PRO A 125 -15.98 -10.88 -32.95
CA PRO A 125 -16.75 -12.03 -32.49
C PRO A 125 -17.25 -11.79 -31.07
N TYR A 126 -18.49 -11.34 -30.97
CA TYR A 126 -19.14 -11.14 -29.69
C TYR A 126 -19.92 -12.39 -29.31
N GLU A 127 -19.92 -12.72 -28.03
CA GLU A 127 -20.86 -13.69 -27.45
C GLU A 127 -21.76 -13.06 -26.40
N PHE A 128 -23.02 -13.50 -26.37
CA PHE A 128 -23.96 -13.10 -25.32
C PHE A 128 -24.48 -14.36 -24.65
N PHE A 129 -24.45 -14.37 -23.31
CA PHE A 129 -24.94 -15.53 -22.57
C PHE A 129 -25.47 -15.10 -21.22
N PHE A 130 -26.38 -15.90 -20.66
CA PHE A 130 -26.76 -15.75 -19.28
C PHE A 130 -26.28 -16.94 -18.43
N GLU A 131 -26.61 -18.14 -18.90
N GLU A 131 -26.63 -18.14 -18.87
CA GLU A 131 -26.32 -19.40 -18.21
CA GLU A 131 -26.39 -19.36 -18.10
C GLU A 131 -24.83 -19.65 -18.04
C GLU A 131 -24.90 -19.69 -18.02
N THR A 132 -24.42 -19.87 -16.80
CA THR A 132 -23.03 -20.23 -16.53
C THR A 132 -22.96 -21.05 -15.25
N THR A 133 -22.06 -22.02 -15.24
CA THR A 133 -21.80 -22.86 -14.07
C THR A 133 -21.13 -22.01 -12.99
N HIS A 134 -21.78 -21.88 -11.82
CA HIS A 134 -21.20 -21.17 -10.66
C HIS A 134 -20.11 -22.03 -10.03
N VAL A 135 -19.04 -21.38 -9.58
CA VAL A 135 -17.90 -22.09 -8.97
C VAL A 135 -17.56 -21.43 -7.62
N GLU A 136 -16.58 -21.98 -6.89
CA GLU A 136 -16.26 -21.42 -5.58
C GLU A 136 -15.71 -20.00 -5.78
N ARG A 137 -16.40 -19.02 -5.21
CA ARG A 137 -15.91 -17.63 -5.25
C ARG A 137 -14.73 -17.53 -4.30
N LEU A 138 -13.55 -17.22 -4.83
CA LEU A 138 -12.32 -17.34 -4.06
C LEU A 138 -11.94 -16.05 -3.31
N HIS A 139 -12.90 -15.13 -3.19
CA HIS A 139 -12.60 -13.75 -2.76
C HIS A 139 -12.01 -13.62 -1.32
N MET A 140 -12.20 -14.65 -0.49
CA MET A 140 -11.61 -14.66 0.86
C MET A 140 -10.59 -15.80 1.06
N ARG A 141 -10.13 -16.38 -0.05
CA ARG A 141 -9.15 -17.46 -0.03
C ARG A 141 -7.75 -16.85 0.01
N TYR A 142 -7.48 -16.16 1.12
CA TYR A 142 -6.21 -15.48 1.26
C TYR A 142 -5.03 -16.45 1.41
N ASP A 143 -5.33 -17.72 1.67
CA ASP A 143 -4.33 -18.77 1.59
C ASP A 143 -3.81 -18.99 0.13
N LEU A 144 -4.59 -18.51 -0.83
CA LEU A 144 -4.21 -18.59 -2.26
C LEU A 144 -3.77 -17.26 -2.85
N TYR A 145 -4.01 -16.17 -2.14
CA TYR A 145 -3.76 -14.82 -2.63
C TYR A 145 -2.28 -14.57 -2.96
N SER A 146 -2.03 -14.12 -4.19
CA SER A 146 -0.69 -13.83 -4.71
C SER A 146 -0.37 -12.37 -4.41
N ALA A 147 0.92 -12.04 -4.29
CA ALA A 147 1.31 -10.64 -4.14
C ALA A 147 0.91 -9.81 -5.38
N GLY A 148 0.64 -10.50 -6.49
CA GLY A 148 0.18 -9.84 -7.72
C GLY A 148 -1.25 -10.18 -8.11
N GLU A 149 -2.09 -10.54 -7.13
CA GLU A 149 -3.39 -11.17 -7.42
C GLU A 149 -4.31 -10.37 -8.36
N LEU A 150 -4.82 -11.05 -9.40
CA LEU A 150 -5.80 -10.46 -10.32
C LEU A 150 -7.19 -10.80 -9.79
N VAL A 151 -7.96 -9.77 -9.48
CA VAL A 151 -9.19 -9.94 -8.72
C VAL A 151 -10.48 -9.98 -9.55
N ARG A 152 -10.47 -9.27 -10.68
N ARG A 152 -10.51 -9.22 -10.65
CA ARG A 152 -11.62 -9.20 -11.56
CA ARG A 152 -11.69 -9.14 -11.51
C ARG A 152 -11.17 -9.13 -13.02
C ARG A 152 -11.25 -9.01 -12.98
N LEU A 153 -12.09 -9.49 -13.92
CA LEU A 153 -11.97 -9.07 -15.32
C LEU A 153 -12.60 -7.67 -15.41
N ASP A 154 -11.90 -6.73 -16.02
CA ASP A 154 -12.42 -5.38 -16.06
C ASP A 154 -12.97 -4.93 -17.40
N HIS A 155 -12.22 -5.17 -18.48
CA HIS A 155 -12.67 -4.71 -19.80
C HIS A 155 -11.94 -5.32 -20.99
N PHE A 156 -12.51 -5.07 -22.17
CA PHE A 156 -11.86 -5.34 -23.42
C PHE A 156 -11.48 -3.99 -24.07
N ASN A 157 -10.54 -4.04 -25.00
CA ASN A 157 -10.26 -2.87 -25.82
C ASN A 157 -10.06 -3.30 -27.27
N GLN A 158 -10.83 -2.68 -28.17
CA GLN A 158 -10.95 -3.07 -29.57
C GLN A 158 -10.33 -2.02 -30.49
N VAL A 159 -9.53 -2.46 -31.46
CA VAL A 159 -9.01 -1.57 -32.50
C VAL A 159 -9.98 -1.58 -33.68
N THR A 160 -10.43 -0.40 -34.09
CA THR A 160 -11.38 -0.29 -35.20
C THR A 160 -11.06 0.99 -36.01
N PRO A 161 -11.21 0.93 -37.35
CA PRO A 161 -10.76 2.11 -38.12
C PRO A 161 -11.58 3.40 -37.95
N ASP A 162 -12.87 3.30 -37.63
CA ASP A 162 -13.76 4.48 -37.57
C ASP A 162 -14.43 4.53 -36.21
N VAL A 163 -13.89 5.34 -35.31
CA VAL A 163 -14.37 5.35 -33.93
C VAL A 163 -15.82 5.89 -33.80
N PRO A 164 -16.15 7.03 -34.45
CA PRO A 164 -17.55 7.49 -34.32
C PRO A 164 -18.59 6.47 -34.79
N ARG A 165 -18.28 5.74 -35.86
CA ARG A 165 -19.21 4.73 -36.40
C ARG A 165 -19.41 3.61 -35.38
N GLY A 166 -18.31 3.17 -34.77
CA GLY A 166 -18.36 2.12 -33.76
C GLY A 166 -19.06 2.61 -32.50
N ARG A 167 -18.77 3.85 -32.13
CA ARG A 167 -19.36 4.47 -30.96
C ARG A 167 -20.89 4.49 -30.99
N LYS A 168 -21.45 4.94 -32.11
CA LYS A 168 -22.89 5.01 -32.28
C LYS A 168 -23.55 3.64 -32.13
N TYR A 169 -22.93 2.64 -32.75
CA TYR A 169 -23.37 1.25 -32.68
C TYR A 169 -23.40 0.74 -31.21
N LEU A 170 -22.31 1.01 -30.47
CA LEU A 170 -22.27 0.57 -29.07
C LEU A 170 -23.24 1.31 -28.17
N GLU A 171 -23.46 2.60 -28.45
CA GLU A 171 -24.44 3.36 -27.69
C GLU A 171 -25.84 2.80 -27.93
N ASP A 172 -26.16 2.43 -29.17
CA ASP A 172 -27.46 1.80 -29.47
C ASP A 172 -27.61 0.47 -28.72
N LEU A 173 -26.49 -0.21 -28.55
CA LEU A 173 -26.43 -1.47 -27.81
C LEU A 173 -26.56 -1.24 -26.29
N GLY A 174 -26.48 0.01 -25.86
CA GLY A 174 -26.68 0.38 -24.45
C GLY A 174 -25.45 0.78 -23.63
N PHE A 175 -24.29 0.73 -24.26
CA PHE A 175 -23.05 1.20 -23.61
C PHE A 175 -23.11 2.72 -23.49
N ARG A 176 -22.54 3.26 -22.41
CA ARG A 176 -22.54 4.70 -22.18
C ARG A 176 -21.09 5.21 -22.28
N VAL A 177 -20.84 6.20 -23.16
CA VAL A 177 -19.49 6.75 -23.30
C VAL A 177 -19.13 7.53 -22.03
N THR A 178 -17.93 7.28 -21.53
CA THR A 178 -17.47 7.94 -20.30
C THR A 178 -16.36 8.94 -20.60
N GLU A 179 -15.43 8.52 -21.46
CA GLU A 179 -14.33 9.39 -21.88
C GLU A 179 -14.00 9.16 -23.34
N ASP A 180 -13.38 10.16 -23.95
CA ASP A 180 -12.87 10.00 -25.31
C ASP A 180 -11.68 10.90 -25.58
N ILE A 181 -11.02 10.67 -26.71
CA ILE A 181 -9.91 11.51 -27.14
C ILE A 181 -10.23 12.02 -28.53
N GLN A 182 -10.18 13.35 -28.69
CA GLN A 182 -10.47 14.01 -29.97
C GLN A 182 -9.41 15.06 -30.25
N ASP A 183 -9.40 15.61 -31.47
CA ASP A 183 -8.60 16.83 -31.68
C ASP A 183 -9.49 18.00 -32.06
N ASP A 184 -8.86 19.14 -32.37
CA ASP A 184 -9.60 20.35 -32.67
C ASP A 184 -10.10 20.39 -34.13
N GLU A 185 -9.83 19.33 -34.89
CA GLU A 185 -10.23 19.26 -36.29
C GLU A 185 -11.30 18.21 -36.51
N GLY A 186 -11.93 17.74 -35.43
CA GLY A 186 -13.07 16.85 -35.54
C GLY A 186 -12.77 15.37 -35.62
N THR A 187 -11.52 14.99 -35.39
CA THR A 187 -11.14 13.57 -35.41
C THR A 187 -11.28 12.96 -34.02
N THR A 188 -11.91 11.78 -33.96
CA THR A 188 -11.95 10.98 -32.72
C THR A 188 -10.92 9.86 -32.84
N TYR A 189 -10.12 9.70 -31.79
CA TYR A 189 -9.03 8.72 -31.79
C TYR A 189 -9.34 7.49 -30.93
N ALA A 190 -10.21 7.68 -29.93
CA ALA A 190 -10.54 6.60 -28.97
C ALA A 190 -11.77 6.98 -28.17
N ALA A 191 -12.50 5.98 -27.70
CA ALA A 191 -13.67 6.20 -26.86
C ALA A 191 -13.77 5.05 -25.88
N TRP A 192 -14.27 5.34 -24.69
CA TRP A 192 -14.45 4.35 -23.60
C TRP A 192 -15.94 4.27 -23.24
N MET A 193 -16.47 3.06 -23.05
CA MET A 193 -17.91 2.95 -22.78
C MET A 193 -18.24 1.78 -21.88
N HIS A 194 -19.23 1.99 -21.03
CA HIS A 194 -19.53 1.02 -19.97
C HIS A 194 -20.97 0.51 -19.93
N ARG A 195 -21.13 -0.65 -19.29
CA ARG A 195 -22.43 -1.09 -18.78
C ARG A 195 -22.43 -1.21 -17.25
N LYS A 196 -21.33 -1.73 -16.67
CA LYS A 196 -21.34 -2.11 -15.25
C LYS A 196 -21.06 -1.02 -14.19
N GLY A 197 -20.84 0.22 -14.63
CA GLY A 197 -20.65 1.33 -13.70
C GLY A 197 -19.19 1.62 -13.32
N THR A 198 -18.28 1.07 -14.13
CA THR A 198 -16.88 1.49 -14.07
C THR A 198 -16.61 2.30 -15.33
N VAL A 199 -15.36 2.69 -15.56
CA VAL A 199 -15.12 3.58 -16.69
C VAL A 199 -15.46 2.89 -18.01
N HIS A 200 -15.21 1.59 -18.09
CA HIS A 200 -15.55 0.82 -19.30
C HIS A 200 -15.69 -0.68 -19.15
N ASP A 201 -16.51 -1.23 -20.04
CA ASP A 201 -16.55 -2.67 -20.29
C ASP A 201 -15.90 -2.99 -21.62
N THR A 202 -16.01 -2.08 -22.58
CA THR A 202 -15.16 -2.13 -23.75
C THR A 202 -14.77 -0.71 -24.16
N ALA A 203 -13.86 -0.62 -25.13
CA ALA A 203 -13.36 0.66 -25.58
C ALA A 203 -12.96 0.50 -27.04
N LEU A 204 -12.95 1.61 -27.77
CA LEU A 204 -12.51 1.60 -29.15
C LEU A 204 -11.24 2.44 -29.27
N THR A 205 -10.21 1.84 -29.85
CA THR A 205 -8.94 2.50 -30.16
C THR A 205 -8.86 2.62 -31.69
N GLY A 206 -8.63 3.83 -32.19
CA GLY A 206 -8.59 4.02 -33.63
C GLY A 206 -7.37 3.33 -34.23
N GLY A 207 -7.60 2.52 -35.26
CA GLY A 207 -6.52 1.90 -36.01
C GLY A 207 -7.07 0.88 -36.97
N ASN A 208 -6.17 0.23 -37.71
CA ASN A 208 -6.56 -0.85 -38.64
C ASN A 208 -7.25 -1.97 -37.87
N GLY A 209 -8.39 -2.43 -38.34
CA GLY A 209 -9.14 -3.45 -37.61
C GLY A 209 -10.12 -4.24 -38.46
N PRO A 210 -10.85 -5.20 -37.87
CA PRO A 210 -10.86 -5.50 -36.42
C PRO A 210 -9.61 -6.19 -35.89
N ARG A 211 -9.11 -5.68 -34.77
CA ARG A 211 -8.07 -6.36 -33.99
C ARG A 211 -8.41 -6.15 -32.53
N LEU A 212 -7.98 -7.09 -31.68
CA LEU A 212 -8.18 -6.95 -30.24
C LEU A 212 -6.97 -6.25 -29.65
N HIS A 213 -7.18 -5.07 -29.05
CA HIS A 213 -6.05 -4.37 -28.46
C HIS A 213 -5.58 -5.08 -27.19
N HIS A 214 -6.49 -5.29 -26.25
CA HIS A 214 -6.16 -5.99 -24.98
C HIS A 214 -7.38 -6.45 -24.21
N VAL A 215 -7.14 -7.34 -23.23
CA VAL A 215 -8.08 -7.72 -22.20
C VAL A 215 -7.45 -7.19 -20.90
N ALA A 216 -8.27 -6.60 -20.03
CA ALA A 216 -7.76 -6.03 -18.77
C ALA A 216 -8.32 -6.75 -17.56
N PHE A 217 -7.44 -7.01 -16.60
CA PHE A 217 -7.81 -7.52 -15.27
C PHE A 217 -7.46 -6.49 -14.22
N SER A 218 -8.22 -6.48 -13.12
CA SER A 218 -8.02 -5.57 -11.99
C SER A 218 -7.19 -6.22 -10.89
N THR A 219 -6.52 -5.38 -10.11
CA THR A 219 -5.97 -5.76 -8.81
C THR A 219 -6.65 -4.92 -7.73
N HIS A 220 -6.44 -5.27 -6.45
CA HIS A 220 -6.96 -4.47 -5.36
C HIS A 220 -6.20 -3.17 -5.24
N GLU A 221 -4.87 -3.25 -5.29
CA GLU A 221 -4.04 -2.09 -4.97
C GLU A 221 -2.90 -1.89 -5.96
N LYS A 222 -2.33 -0.69 -5.92
CA LYS A 222 -1.27 -0.32 -6.86
C LYS A 222 -0.01 -1.20 -6.66
N HIS A 223 0.28 -1.56 -5.41
CA HIS A 223 1.45 -2.40 -5.18
C HIS A 223 1.31 -3.79 -5.82
N ASN A 224 0.08 -4.24 -6.05
CA ASN A 224 -0.09 -5.55 -6.68
C ASN A 224 0.41 -5.51 -8.13
N ILE A 225 0.16 -4.37 -8.80
CA ILE A 225 0.68 -4.18 -10.16
C ILE A 225 2.21 -4.07 -10.16
N ILE A 226 2.77 -3.33 -9.19
CA ILE A 226 4.22 -3.21 -9.05
CA ILE A 226 4.22 -3.21 -9.05
C ILE A 226 4.85 -4.60 -8.90
N GLN A 227 4.22 -5.45 -8.08
CA GLN A 227 4.72 -6.81 -7.90
C GLN A 227 4.77 -7.61 -9.22
N ILE A 228 3.77 -7.43 -10.09
CA ILE A 228 3.81 -8.13 -11.38
C ILE A 228 5.07 -7.74 -12.15
N CYS A 229 5.37 -6.43 -12.21
CA CYS A 229 6.61 -5.99 -12.82
C CYS A 229 7.84 -6.61 -12.16
N ASP A 230 7.88 -6.56 -10.83
CA ASP A 230 9.02 -7.10 -10.07
C ASP A 230 9.23 -8.60 -10.36
N LYS A 231 8.14 -9.36 -10.40
CA LYS A 231 8.20 -10.81 -10.68
C LYS A 231 8.72 -11.07 -12.11
N MET A 232 8.27 -10.27 -13.07
CA MET A 232 8.76 -10.42 -14.45
C MET A 232 10.25 -10.11 -14.55
N GLY A 233 10.73 -9.11 -13.78
CA GLY A 233 12.16 -8.86 -13.68
C GLY A 233 12.88 -10.09 -13.11
N ALA A 234 12.33 -10.65 -12.02
CA ALA A 234 12.93 -11.84 -11.39
C ALA A 234 12.99 -13.06 -12.34
N LEU A 235 11.97 -13.22 -13.18
CA LEU A 235 11.90 -14.32 -14.14
C LEU A 235 12.69 -14.00 -15.41
N ARG A 236 13.27 -12.79 -15.46
CA ARG A 236 14.07 -12.31 -16.57
C ARG A 236 13.25 -12.33 -17.86
N ILE A 237 11.99 -11.90 -17.73
CA ILE A 237 11.08 -11.69 -18.85
C ILE A 237 10.57 -10.23 -18.90
N SER A 238 11.41 -9.31 -18.43
CA SER A 238 11.05 -7.89 -18.49
C SER A 238 10.82 -7.37 -19.92
N ASP A 239 11.37 -8.07 -20.92
CA ASP A 239 11.06 -7.71 -22.31
C ASP A 239 9.58 -7.94 -22.69
N ARG A 240 8.86 -8.69 -21.88
CA ARG A 240 7.41 -8.87 -22.06
C ARG A 240 6.55 -7.80 -21.33
N ILE A 241 7.22 -6.88 -20.63
CA ILE A 241 6.53 -5.69 -20.12
C ILE A 241 6.58 -4.69 -21.27
N GLU A 242 5.42 -4.40 -21.85
CA GLU A 242 5.38 -3.52 -23.00
C GLU A 242 5.39 -2.03 -22.62
N ARG A 243 4.59 -1.67 -21.63
CA ARG A 243 4.34 -0.26 -21.31
C ARG A 243 3.84 -0.14 -19.88
N GLY A 244 4.42 0.83 -19.16
CA GLY A 244 4.02 1.12 -17.77
C GLY A 244 5.08 0.62 -16.80
N PRO A 245 4.73 0.53 -15.51
CA PRO A 245 3.43 0.91 -14.97
C PRO A 245 3.25 2.42 -14.96
N GLY A 246 2.00 2.84 -14.84
CA GLY A 246 1.72 4.26 -14.91
C GLY A 246 0.35 4.59 -14.33
N ARG A 247 0.03 5.88 -14.37
CA ARG A 247 -1.30 6.36 -14.05
C ARG A 247 -1.90 6.82 -15.36
N HIS A 248 -3.07 6.31 -15.69
CA HIS A 248 -3.81 6.78 -16.86
C HIS A 248 -4.36 8.19 -16.64
N GLY A 249 -4.40 9.00 -17.71
CA GLY A 249 -5.19 10.23 -17.68
C GLY A 249 -6.66 9.82 -17.83
N VAL A 250 -7.01 9.38 -19.03
CA VAL A 250 -8.34 8.82 -19.26
C VAL A 250 -8.50 7.61 -18.34
N SER A 251 -9.59 7.61 -17.56
CA SER A 251 -9.96 6.54 -16.62
C SER A 251 -9.38 6.74 -15.20
N ASN A 252 -8.26 7.47 -15.09
CA ASN A 252 -7.58 7.68 -13.79
C ASN A 252 -6.99 6.41 -13.14
N ALA A 253 -6.97 5.31 -13.89
CA ALA A 253 -6.54 4.04 -13.30
C ALA A 253 -5.03 3.88 -13.31
N PHE A 254 -4.52 3.15 -12.32
CA PHE A 254 -3.13 2.72 -12.33
C PHE A 254 -3.06 1.48 -13.23
N TYR A 255 -2.02 1.37 -14.05
CA TYR A 255 -2.03 0.40 -15.15
C TYR A 255 -0.67 -0.22 -15.47
N LEU A 256 -0.72 -1.32 -16.22
CA LEU A 256 0.46 -1.96 -16.76
C LEU A 256 0.03 -2.77 -17.99
N TYR A 257 0.85 -2.76 -19.05
CA TYR A 257 0.62 -3.64 -20.21
C TYR A 257 1.75 -4.63 -20.39
N ILE A 258 1.37 -5.90 -20.51
CA ILE A 258 2.32 -6.99 -20.70
C ILE A 258 1.87 -7.86 -21.86
N LEU A 259 2.82 -8.64 -22.41
CA LEU A 259 2.53 -9.45 -23.60
C LEU A 259 2.63 -10.93 -23.30
N ASP A 260 1.56 -11.66 -23.63
CA ASP A 260 1.58 -13.12 -23.48
C ASP A 260 2.45 -13.82 -24.54
N PRO A 261 2.66 -15.14 -24.42
CA PRO A 261 3.53 -15.82 -25.35
C PRO A 261 3.18 -15.68 -26.86
N ASP A 262 1.91 -15.44 -27.16
CA ASP A 262 1.47 -15.20 -28.55
C ASP A 262 1.33 -13.70 -28.87
N ASN A 263 1.89 -12.86 -28.01
CA ASN A 263 1.81 -11.40 -28.15
C ASN A 263 0.42 -10.79 -27.91
N HIS A 264 -0.52 -11.58 -27.38
CA HIS A 264 -1.79 -11.03 -26.86
C HIS A 264 -1.43 -10.07 -25.72
N ARG A 265 -1.95 -8.85 -25.82
CA ARG A 265 -1.68 -7.83 -24.79
C ARG A 265 -2.69 -7.94 -23.65
N ILE A 266 -2.17 -7.96 -22.42
CA ILE A 266 -2.99 -7.98 -21.20
C ILE A 266 -2.68 -6.70 -20.40
N GLU A 267 -3.72 -6.00 -19.97
CA GLU A 267 -3.56 -4.84 -19.09
C GLU A 267 -3.92 -5.24 -17.66
N ILE A 268 -3.12 -4.76 -16.72
CA ILE A 268 -3.48 -4.82 -15.32
C ILE A 268 -3.87 -3.40 -14.90
N TYR A 269 -4.94 -3.28 -14.13
CA TYR A 269 -5.69 -2.04 -14.01
C TYR A 269 -6.24 -1.96 -12.58
N THR A 270 -6.19 -0.78 -11.96
CA THR A 270 -6.85 -0.61 -10.66
C THR A 270 -7.29 0.83 -10.40
N GLN A 271 -8.40 0.97 -9.69
CA GLN A 271 -8.80 2.24 -9.08
C GLN A 271 -9.27 3.34 -10.03
N ASP A 272 -10.06 2.93 -11.02
CA ASP A 272 -10.90 3.93 -11.70
C ASP A 272 -12.11 4.33 -10.82
N TYR A 273 -13.08 5.02 -11.42
CA TYR A 273 -14.13 5.70 -10.65
C TYR A 273 -15.53 5.24 -11.08
N TYR A 274 -16.52 5.61 -10.28
CA TYR A 274 -17.91 5.19 -10.48
C TYR A 274 -18.60 5.98 -11.62
N THR A 275 -19.24 5.26 -12.55
CA THR A 275 -19.88 5.90 -13.72
C THR A 275 -21.39 5.57 -13.81
N GLY A 276 -21.93 4.97 -12.77
CA GLY A 276 -23.27 4.37 -12.84
C GLY A 276 -24.43 5.36 -12.99
N ASP A 277 -24.22 6.63 -12.61
CA ASP A 277 -25.31 7.63 -12.74
C ASP A 277 -25.52 7.92 -14.22
N PRO A 278 -26.80 8.07 -14.64
CA PRO A 278 -26.97 8.18 -16.11
C PRO A 278 -26.53 9.51 -16.69
N ASP A 279 -26.38 10.53 -15.86
CA ASP A 279 -25.80 11.82 -16.29
C ASP A 279 -24.32 11.95 -15.90
N ASN A 280 -23.66 10.82 -15.64
CA ASN A 280 -22.20 10.82 -15.42
C ASN A 280 -21.49 11.76 -16.40
N PRO A 281 -20.73 12.74 -15.88
CA PRO A 281 -20.03 13.72 -16.74
C PRO A 281 -19.03 13.04 -17.67
N THR A 282 -19.22 13.26 -18.96
CA THR A 282 -18.34 12.77 -20.00
CA THR A 282 -18.30 12.74 -19.95
C THR A 282 -17.06 13.63 -20.02
N ILE A 283 -15.91 13.01 -20.32
CA ILE A 283 -14.64 13.75 -20.35
C ILE A 283 -13.96 13.55 -21.70
N THR A 284 -13.67 14.66 -22.39
CA THR A 284 -12.96 14.63 -23.65
C THR A 284 -11.57 15.22 -23.48
N TRP A 285 -10.57 14.45 -23.90
CA TRP A 285 -9.19 14.89 -23.87
C TRP A 285 -8.74 15.24 -25.27
N ASN A 286 -7.86 16.24 -25.36
CA ASN A 286 -7.23 16.53 -26.64
C ASN A 286 -6.11 15.53 -26.92
N VAL A 287 -6.00 15.09 -28.16
CA VAL A 287 -5.00 14.08 -28.52
C VAL A 287 -3.55 14.53 -28.29
N HIS A 288 -3.31 15.84 -28.29
CA HIS A 288 -1.94 16.35 -28.11
C HIS A 288 -1.60 16.56 -26.64
N ASP A 289 -2.55 16.28 -25.75
CA ASP A 289 -2.32 16.45 -24.31
C ASP A 289 -1.46 15.29 -23.81
N ASN A 290 -0.22 15.59 -23.43
CA ASN A 290 0.74 14.54 -23.07
C ASN A 290 0.43 13.87 -21.72
N GLN A 291 -0.62 14.35 -21.02
CA GLN A 291 -1.05 13.63 -19.78
C GLN A 291 -2.32 12.78 -19.97
N ARG A 292 -2.77 12.64 -21.21
CA ARG A 292 -4.04 11.96 -21.47
C ARG A 292 -3.96 10.44 -21.32
N ARG A 293 -2.83 9.87 -21.71
CA ARG A 293 -2.68 8.41 -21.68
C ARG A 293 -1.85 7.97 -20.49
N ASP A 294 -0.69 8.58 -20.33
CA ASP A 294 0.06 8.49 -19.08
C ASP A 294 0.01 9.87 -18.41
N TRP A 295 -0.63 9.94 -17.24
CA TRP A 295 -0.80 11.19 -16.48
C TRP A 295 0.53 11.85 -16.11
N TRP A 296 1.58 11.04 -15.97
CA TRP A 296 2.90 11.51 -15.59
C TRP A 296 3.74 11.93 -16.79
N GLY A 297 3.14 11.83 -17.98
CA GLY A 297 3.77 12.29 -19.21
C GLY A 297 4.76 11.32 -19.82
N ASN A 298 4.82 10.10 -19.27
CA ASN A 298 5.72 9.10 -19.85
C ASN A 298 5.26 8.78 -21.27
N PRO A 299 6.22 8.52 -22.18
CA PRO A 299 5.88 8.33 -23.58
C PRO A 299 5.14 7.02 -23.83
N VAL A 300 4.25 7.06 -24.80
CA VAL A 300 3.51 5.85 -25.19
C VAL A 300 4.36 5.13 -26.22
N VAL A 301 4.71 3.90 -25.85
CA VAL A 301 5.46 2.98 -26.67
C VAL A 301 4.82 2.80 -28.08
N PRO A 302 5.62 2.96 -29.16
CA PRO A 302 5.00 2.87 -30.50
C PRO A 302 4.26 1.55 -30.77
N SER A 303 4.78 0.44 -30.24
CA SER A 303 4.08 -0.83 -30.41
C SER A 303 2.66 -0.83 -29.81
N TRP A 304 2.42 0.03 -28.82
CA TRP A 304 1.10 0.13 -28.23
C TRP A 304 0.08 0.63 -29.28
N TYR A 305 0.55 1.46 -30.20
CA TYR A 305 -0.31 1.97 -31.26
C TYR A 305 -0.40 1.05 -32.49
N THR A 306 0.64 0.27 -32.76
CA THR A 306 0.72 -0.49 -34.02
C THR A 306 0.33 -1.97 -33.91
N GLU A 307 0.58 -2.57 -32.74
CA GLU A 307 0.37 -4.00 -32.55
C GLU A 307 -0.95 -4.32 -31.84
N ALA A 308 -1.63 -5.37 -32.33
CA ALA A 308 -2.89 -5.82 -31.75
C ALA A 308 -3.19 -7.23 -32.28
N SER A 309 -4.04 -7.99 -31.59
CA SER A 309 -4.31 -9.38 -31.97
C SER A 309 -5.31 -9.51 -33.12
N LYS A 310 -5.07 -10.49 -34.00
CA LYS A 310 -6.09 -10.93 -34.96
C LYS A 310 -7.39 -11.33 -34.25
N VAL A 311 -8.51 -11.26 -34.98
CA VAL A 311 -9.78 -11.77 -34.45
C VAL A 311 -10.35 -12.75 -35.49
N LEU A 312 -11.13 -13.71 -35.02
CA LEU A 312 -11.66 -14.75 -35.91
C LEU A 312 -13.11 -14.50 -36.25
N ASP A 313 -13.51 -14.96 -37.43
CA ASP A 313 -14.93 -15.06 -37.73
C ASP A 313 -15.50 -16.38 -37.16
N LEU A 314 -16.77 -16.65 -37.43
CA LEU A 314 -17.46 -17.79 -36.84
C LEU A 314 -16.99 -19.16 -37.37
N ASP A 315 -16.28 -19.16 -38.50
CA ASP A 315 -15.66 -20.37 -39.08
C ASP A 315 -14.24 -20.58 -38.54
N GLY A 316 -13.77 -19.65 -37.72
CA GLY A 316 -12.42 -19.73 -37.15
C GLY A 316 -11.35 -19.22 -38.07
N ASN A 317 -11.76 -18.47 -39.10
CA ASN A 317 -10.84 -17.80 -40.00
C ASN A 317 -10.60 -16.36 -39.55
N VAL A 318 -9.38 -15.88 -39.77
CA VAL A 318 -8.98 -14.52 -39.38
C VAL A 318 -9.76 -13.48 -40.20
N GLN A 319 -10.35 -12.50 -39.51
CA GLN A 319 -11.06 -11.39 -40.18
C GLN A 319 -10.08 -10.51 -40.93
N GLU A 320 -10.47 -10.10 -42.14
CA GLU A 320 -9.67 -9.22 -42.98
C GLU A 320 -9.55 -7.86 -42.29
N ILE A 321 -8.38 -7.25 -42.40
CA ILE A 321 -8.12 -5.91 -41.83
C ILE A 321 -8.62 -4.80 -42.77
N ILE A 322 -9.34 -3.83 -42.22
CA ILE A 322 -9.66 -2.61 -42.95
C ILE A 322 -8.79 -1.47 -42.42
N LEU A 323 -8.15 -0.72 -43.32
CA LEU A 323 -7.22 0.33 -42.91
C LEU A 323 -7.92 1.58 -42.39
N ARG A 324 -7.35 2.17 -41.35
CA ARG A 324 -7.84 3.44 -40.85
C ARG A 324 -7.43 4.53 -41.85
N THR A 325 -8.37 5.43 -42.15
CA THR A 325 -8.09 6.58 -43.00
C THR A 325 -8.03 7.89 -42.22
N ASP A 326 -8.69 7.93 -41.06
CA ASP A 326 -8.56 9.06 -40.14
C ASP A 326 -7.11 9.17 -39.65
N ASP A 327 -6.74 10.34 -39.14
CA ASP A 327 -5.39 10.59 -38.62
C ASP A 327 -4.98 9.56 -37.57
N SER A 328 -3.69 9.24 -37.57
CA SER A 328 -3.12 8.28 -36.65
C SER A 328 -2.70 8.97 -35.35
N GLU A 329 -3.16 8.45 -34.21
CA GLU A 329 -2.73 9.01 -32.92
C GLU A 329 -1.21 8.98 -32.76
N LEU A 330 -0.57 7.88 -33.20
CA LEU A 330 0.87 7.79 -33.19
C LEU A 330 1.50 8.94 -34.01
N GLU A 331 1.05 9.07 -35.25
CA GLU A 331 1.68 10.06 -36.14
C GLU A 331 1.50 11.48 -35.60
N VAL A 332 0.34 11.77 -35.02
CA VAL A 332 0.05 13.16 -34.66
C VAL A 332 0.66 13.56 -33.32
N THR A 333 1.07 12.58 -32.51
CA THR A 333 1.68 12.86 -31.21
C THR A 333 3.20 12.60 -31.09
N ILE A 334 3.65 11.47 -31.65
CA ILE A 334 5.05 11.05 -31.43
C ILE A 334 5.82 10.80 -32.72
N GLY A 335 5.12 10.87 -33.85
CA GLY A 335 5.74 10.72 -35.16
C GLY A 335 6.64 11.90 -35.49
N ALA A 336 7.28 11.84 -36.67
CA ALA A 336 8.20 12.90 -37.12
C ALA A 336 7.54 14.29 -37.22
N ASP A 337 6.26 14.33 -37.58
CA ASP A 337 5.51 15.57 -37.67
C ASP A 337 4.53 15.74 -36.50
N GLY A 338 4.75 14.98 -35.41
CA GLY A 338 3.85 14.99 -34.26
C GLY A 338 4.06 16.17 -33.31
N PHE A 339 3.15 16.28 -32.34
CA PHE A 339 3.23 17.31 -31.33
C PHE A 339 2.48 16.86 -30.07
N SER A 340 3.05 17.18 -28.91
CA SER A 340 2.29 17.09 -27.66
CA SER A 340 2.33 17.05 -27.65
C SER A 340 2.71 18.19 -26.70
N PHE A 341 1.79 18.49 -25.78
CA PHE A 341 2.03 19.53 -24.79
C PHE A 341 1.85 19.01 -23.36
N THR A 342 2.49 19.70 -22.42
CA THR A 342 2.22 19.47 -20.99
C THR A 342 1.13 20.43 -20.49
N ARG A 343 1.28 21.70 -20.83
CA ARG A 343 0.28 22.73 -20.53
C ARG A 343 -0.18 23.32 -21.86
N ALA A 344 -1.49 23.31 -22.11
CA ALA A 344 -2.06 23.86 -23.35
C ALA A 344 -1.59 25.29 -23.53
N GLY A 345 -1.06 25.60 -24.71
CA GLY A 345 -0.58 26.94 -25.02
C GLY A 345 0.83 27.30 -24.56
N ASP A 346 1.47 26.38 -23.84
CA ASP A 346 2.81 26.61 -23.32
C ASP A 346 3.82 25.84 -24.19
N GLU A 347 4.76 26.58 -24.77
CA GLU A 347 5.84 25.96 -25.54
C GLU A 347 6.79 25.17 -24.62
N ASP A 348 6.97 25.67 -23.41
N ASP A 348 7.00 25.66 -23.40
CA ASP A 348 7.75 24.94 -22.40
CA ASP A 348 7.78 24.94 -22.40
C ASP A 348 7.05 23.64 -22.03
C ASP A 348 7.06 23.64 -22.02
N GLY A 349 7.78 22.52 -22.09
CA GLY A 349 7.20 21.20 -21.79
C GLY A 349 6.43 20.63 -22.97
N SER A 350 6.64 21.19 -24.17
CA SER A 350 6.02 20.63 -25.37
C SER A 350 7.07 19.83 -26.16
N TYR A 351 6.59 18.95 -27.02
CA TYR A 351 7.43 18.04 -27.78
C TYR A 351 7.06 18.14 -29.26
N HIS A 352 8.06 18.35 -30.11
CA HIS A 352 7.85 18.48 -31.56
C HIS A 352 8.59 17.37 -32.26
N GLY A 353 7.85 16.50 -32.95
CA GLY A 353 8.45 15.45 -33.78
C GLY A 353 9.19 14.39 -33.00
N GLN A 354 8.80 14.24 -31.74
CA GLN A 354 9.38 13.19 -30.89
C GLN A 354 8.53 12.95 -29.67
N ALA A 355 8.90 11.89 -28.94
CA ALA A 355 8.17 11.51 -27.73
C ALA A 355 8.66 12.31 -26.53
N SER A 356 7.92 12.24 -25.43
CA SER A 356 8.32 12.90 -24.19
C SER A 356 9.56 12.24 -23.57
N LYS A 357 10.14 12.92 -22.59
CA LYS A 357 11.22 12.38 -21.77
C LYS A 357 12.55 12.16 -22.51
N GLY A 358 12.68 12.69 -23.72
CA GLY A 358 13.97 12.67 -24.43
C GLY A 358 14.14 11.59 -25.48
N PHE A 359 13.05 10.88 -25.77
CA PHE A 359 13.07 9.76 -26.71
C PHE A 359 12.47 10.09 -28.08
N LYS A 360 12.97 9.39 -29.09
CA LYS A 360 12.38 9.39 -30.44
C LYS A 360 11.89 7.98 -30.74
N LEU A 361 11.08 7.84 -31.79
CA LEU A 361 10.61 6.53 -32.27
C LEU A 361 11.80 5.66 -32.70
N GLY A 362 11.83 4.41 -32.22
CA GLY A 362 12.89 3.47 -32.55
C GLY A 362 12.70 2.84 -33.93
N GLU B 4 -46.36 -7.99 8.21
CA GLU B 4 -45.70 -7.93 6.87
C GLU B 4 -46.05 -6.63 6.15
N ILE B 5 -45.07 -6.09 5.44
CA ILE B 5 -45.27 -4.89 4.65
C ILE B 5 -45.67 -5.33 3.25
N PRO B 6 -46.86 -4.90 2.78
CA PRO B 6 -47.37 -5.36 1.49
C PRO B 6 -46.55 -4.83 0.32
N LYS B 7 -46.52 -5.62 -0.75
CA LYS B 7 -45.89 -5.20 -1.99
C LYS B 7 -46.88 -4.35 -2.80
N PRO B 8 -46.56 -3.06 -3.02
CA PRO B 8 -47.46 -2.21 -3.81
C PRO B 8 -47.70 -2.72 -5.23
N VAL B 9 -48.87 -2.38 -5.77
CA VAL B 9 -49.15 -2.54 -7.19
C VAL B 9 -48.33 -1.51 -7.99
N ALA B 10 -48.22 -0.30 -7.44
CA ALA B 10 -47.41 0.79 -8.03
C ALA B 10 -45.95 0.32 -8.17
N PRO B 11 -45.31 0.60 -9.33
CA PRO B 11 -43.91 0.19 -9.53
C PRO B 11 -42.95 0.92 -8.60
N ALA B 12 -41.88 0.22 -8.20
CA ALA B 12 -40.85 0.81 -7.35
C ALA B 12 -40.06 1.87 -8.12
N PRO B 13 -39.63 2.95 -7.44
CA PRO B 13 -38.71 3.89 -8.09
C PRO B 13 -37.42 3.13 -8.42
N ASP B 14 -36.83 3.44 -9.57
CA ASP B 14 -35.55 2.85 -9.94
C ASP B 14 -34.44 3.56 -9.16
N ILE B 15 -33.95 2.91 -8.11
CA ILE B 15 -32.91 3.49 -7.27
C ILE B 15 -31.50 3.20 -7.79
N LEU B 16 -30.70 4.25 -7.92
CA LEU B 16 -29.32 4.13 -8.43
C LEU B 16 -28.36 3.70 -7.33
N ARG B 17 -28.46 4.38 -6.19
CA ARG B 17 -27.44 4.31 -5.13
C ARG B 17 -27.79 5.19 -3.95
N CYS B 18 -27.17 4.89 -2.81
CA CYS B 18 -27.14 5.86 -1.71
C CYS B 18 -26.39 7.09 -2.27
N ALA B 19 -26.83 8.28 -1.88
CA ALA B 19 -26.26 9.54 -2.42
C ALA B 19 -25.74 10.53 -1.37
N TYR B 20 -26.53 10.76 -0.31
CA TYR B 20 -26.12 11.60 0.79
C TYR B 20 -26.94 11.35 2.04
N ALA B 21 -26.39 11.74 3.18
CA ALA B 21 -27.13 11.82 4.42
C ALA B 21 -27.16 13.25 4.94
N GLU B 22 -28.29 13.64 5.53
CA GLU B 22 -28.38 14.88 6.29
C GLU B 22 -28.40 14.56 7.77
N LEU B 23 -27.33 14.95 8.46
CA LEU B 23 -27.22 14.78 9.90
C LEU B 23 -27.42 16.09 10.63
N VAL B 24 -28.25 16.05 11.66
CA VAL B 24 -28.37 17.16 12.59
C VAL B 24 -27.26 17.07 13.64
N VAL B 25 -26.55 18.19 13.79
CA VAL B 25 -25.44 18.30 14.74
C VAL B 25 -25.69 19.46 15.72
N THR B 26 -25.13 19.37 16.92
CA THR B 26 -25.40 20.39 17.96
C THR B 26 -24.44 21.59 17.94
N ASP B 27 -23.19 21.35 17.55
CA ASP B 27 -22.18 22.41 17.45
C ASP B 27 -21.54 22.36 16.05
N LEU B 28 -21.94 23.28 15.18
CA LEU B 28 -21.56 23.22 13.77
C LEU B 28 -20.04 23.34 13.56
N ALA B 29 -19.39 24.20 14.33
CA ALA B 29 -17.95 24.38 14.21
C ALA B 29 -17.19 23.12 14.62
N LYS B 30 -17.62 22.50 15.71
CA LYS B 30 -16.99 21.25 16.18
C LYS B 30 -17.15 20.14 15.15
N SER B 31 -18.34 20.06 14.55
CA SER B 31 -18.58 19.07 13.48
C SER B 31 -17.72 19.35 12.26
N ARG B 32 -17.58 20.63 11.91
CA ARG B 32 -16.71 21.03 10.82
C ARG B 32 -15.27 20.60 11.07
N ASN B 33 -14.77 20.79 12.29
CA ASN B 33 -13.42 20.34 12.66
CA ASN B 33 -13.41 20.34 12.62
C ASN B 33 -13.25 18.85 12.36
N PHE B 34 -14.26 18.06 12.71
CA PHE B 34 -14.18 16.61 12.54
C PHE B 34 -14.23 16.23 11.06
N TYR B 35 -15.25 16.69 10.35
CA TYR B 35 -15.44 16.22 8.98
C TYR B 35 -14.48 16.84 7.97
N VAL B 36 -14.07 18.09 8.22
CA VAL B 36 -13.24 18.79 7.25
C VAL B 36 -11.78 18.68 7.67
N ASP B 37 -11.47 19.14 8.88
CA ASP B 37 -10.07 19.17 9.33
C ASP B 37 -9.50 17.77 9.63
N VAL B 38 -10.30 16.92 10.29
CA VAL B 38 -9.81 15.57 10.61
C VAL B 38 -9.95 14.66 9.39
N LEU B 39 -11.17 14.56 8.84
CA LEU B 39 -11.44 13.63 7.76
C LEU B 39 -11.19 14.11 6.34
N GLY B 40 -11.05 15.43 6.11
CA GLY B 40 -10.62 15.84 4.77
C GLY B 40 -11.73 15.93 3.73
N LEU B 41 -12.99 15.87 4.17
CA LEU B 41 -14.08 16.02 3.21
C LEU B 41 -14.06 17.44 2.61
N HIS B 42 -14.62 17.56 1.41
CA HIS B 42 -14.52 18.79 0.61
C HIS B 42 -15.80 19.61 0.69
N VAL B 43 -15.65 20.91 0.95
CA VAL B 43 -16.79 21.79 1.18
C VAL B 43 -17.38 22.23 -0.17
N SER B 44 -18.66 21.91 -0.36
CA SER B 44 -19.43 22.39 -1.51
C SER B 44 -20.12 23.73 -1.20
N TYR B 45 -20.51 23.93 0.06
CA TYR B 45 -21.16 25.16 0.50
C TYR B 45 -21.24 25.10 2.01
N GLU B 46 -21.11 26.26 2.65
CA GLU B 46 -21.39 26.36 4.06
C GLU B 46 -21.89 27.74 4.42
N ASP B 47 -22.64 27.78 5.52
CA ASP B 47 -23.00 29.03 6.18
C ASP B 47 -23.02 28.76 7.69
N GLU B 48 -23.67 29.65 8.43
N GLU B 48 -23.67 29.64 8.43
CA GLU B 48 -23.74 29.54 9.89
CA GLU B 48 -23.73 29.52 9.89
C GLU B 48 -24.67 28.41 10.36
C GLU B 48 -24.66 28.39 10.35
N ASN B 49 -25.45 27.85 9.43
CA ASN B 49 -26.45 26.83 9.76
C ASN B 49 -26.17 25.42 9.24
N GLN B 50 -25.48 25.35 8.09
CA GLN B 50 -25.25 24.10 7.38
C GLN B 50 -23.86 24.03 6.78
N ILE B 51 -23.34 22.80 6.64
CA ILE B 51 -22.12 22.55 5.89
C ILE B 51 -22.42 21.41 4.92
N TYR B 52 -22.15 21.63 3.63
CA TYR B 52 -22.37 20.65 2.56
C TYR B 52 -21.03 20.08 2.12
N LEU B 53 -20.90 18.76 2.20
CA LEU B 53 -19.59 18.11 2.00
C LEU B 53 -19.65 17.01 0.97
N ARG B 54 -18.56 16.78 0.27
CA ARG B 54 -18.50 15.73 -0.74
C ARG B 54 -17.16 15.01 -0.68
N SER B 55 -17.18 13.78 -1.18
CA SER B 55 -15.97 12.96 -1.27
C SER B 55 -15.17 13.29 -2.54
N PHE B 56 -13.96 12.75 -2.61
CA PHE B 56 -12.99 13.08 -3.67
C PHE B 56 -13.47 12.82 -5.11
N GLU B 57 -14.27 11.77 -5.30
CA GLU B 57 -14.64 11.39 -6.65
C GLU B 57 -16.08 11.76 -7.01
N GLU B 58 -16.74 12.50 -6.13
CA GLU B 58 -18.17 12.84 -6.32
C GLU B 58 -18.36 13.98 -7.31
N PHE B 59 -19.39 13.87 -8.17
CA PHE B 59 -19.76 14.98 -9.08
C PHE B 59 -21.11 15.61 -8.74
N ILE B 60 -21.95 14.92 -7.93
CA ILE B 60 -23.19 15.56 -7.44
C ILE B 60 -22.85 16.53 -6.34
N HIS B 61 -23.79 17.40 -5.97
CA HIS B 61 -23.47 18.53 -5.06
C HIS B 61 -22.77 18.10 -3.76
N HIS B 62 -23.28 17.05 -3.10
CA HIS B 62 -22.79 16.68 -1.79
C HIS B 62 -23.11 15.22 -1.47
N ASN B 63 -22.36 14.69 -0.51
CA ASN B 63 -22.59 13.35 0.08
C ASN B 63 -23.02 13.44 1.54
N LEU B 64 -22.88 14.61 2.13
CA LEU B 64 -23.17 14.78 3.54
C LEU B 64 -23.54 16.23 3.79
N VAL B 65 -24.68 16.42 4.45
CA VAL B 65 -25.13 17.75 4.88
C VAL B 65 -25.17 17.74 6.39
N LEU B 66 -24.45 18.68 6.99
CA LEU B 66 -24.47 18.86 8.42
C LEU B 66 -25.37 20.05 8.73
N THR B 67 -26.46 19.78 9.47
CA THR B 67 -27.43 20.82 9.82
C THR B 67 -27.43 21.10 11.32
N LYS B 68 -27.19 22.36 11.70
CA LYS B 68 -27.28 22.74 13.11
C LYS B 68 -28.70 22.50 13.63
N GLY B 69 -28.81 21.94 14.83
CA GLY B 69 -30.11 21.68 15.48
C GLY B 69 -30.00 21.39 16.97
N PRO B 70 -31.14 21.34 17.67
CA PRO B 70 -31.10 21.16 19.11
C PRO B 70 -30.79 19.71 19.53
N VAL B 71 -31.14 18.76 18.67
CA VAL B 71 -30.98 17.34 18.99
C VAL B 71 -30.29 16.61 17.83
N ALA B 72 -29.12 16.05 18.13
CA ALA B 72 -28.37 15.30 17.12
C ALA B 72 -29.17 14.07 16.67
N ALA B 73 -29.28 13.89 15.37
CA ALA B 73 -30.08 12.82 14.81
C ALA B 73 -29.90 12.77 13.31
N LEU B 74 -30.27 11.65 12.70
CA LEU B 74 -30.40 11.59 11.26
C LEU B 74 -31.67 12.35 10.83
N LYS B 75 -31.52 13.31 9.92
CA LYS B 75 -32.68 14.00 9.32
C LYS B 75 -33.18 13.35 8.02
N ALA B 76 -32.27 12.90 7.15
CA ALA B 76 -32.66 12.17 5.94
C ALA B 76 -31.52 11.31 5.40
N MET B 77 -31.88 10.11 4.93
N MET B 77 -31.87 10.12 4.93
CA MET B 77 -31.00 9.28 4.11
CA MET B 77 -30.93 9.32 4.13
C MET B 77 -31.51 9.36 2.70
C MET B 77 -31.43 9.25 2.69
N ALA B 78 -30.67 9.85 1.80
CA ALA B 78 -31.08 10.05 0.41
C ALA B 78 -30.49 9.09 -0.60
N PHE B 79 -31.39 8.62 -1.49
CA PHE B 79 -31.05 7.79 -2.63
C PHE B 79 -31.32 8.54 -3.91
N ARG B 80 -30.37 8.47 -4.83
CA ARG B 80 -30.60 9.03 -6.14
C ARG B 80 -31.37 8.03 -7.01
N VAL B 81 -32.37 8.53 -7.73
CA VAL B 81 -33.14 7.67 -8.61
C VAL B 81 -32.73 7.91 -10.06
N ARG B 82 -33.09 7.01 -10.96
CA ARG B 82 -32.55 7.02 -12.32
C ARG B 82 -33.03 8.21 -13.19
N THR B 83 -34.30 8.55 -13.05
CA THR B 83 -34.92 9.59 -13.88
C THR B 83 -35.76 10.53 -13.03
N PRO B 84 -36.04 11.75 -13.53
CA PRO B 84 -36.97 12.63 -12.81
C PRO B 84 -38.32 11.95 -12.52
N GLU B 85 -38.79 11.13 -13.45
CA GLU B 85 -40.08 10.42 -13.31
C GLU B 85 -40.09 9.41 -12.14
N ASP B 86 -38.89 9.00 -11.70
CA ASP B 86 -38.80 8.08 -10.58
C ASP B 86 -39.17 8.74 -9.26
N VAL B 87 -39.11 10.06 -9.18
CA VAL B 87 -39.54 10.76 -7.97
C VAL B 87 -41.07 10.62 -7.83
N ASP B 88 -41.80 10.82 -8.92
CA ASP B 88 -43.24 10.55 -8.92
C ASP B 88 -43.53 9.09 -8.58
N LYS B 89 -42.73 8.16 -9.11
CA LYS B 89 -42.93 6.74 -8.82
C LYS B 89 -42.74 6.46 -7.33
N ALA B 90 -41.75 7.10 -6.70
CA ALA B 90 -41.55 6.94 -5.27
C ALA B 90 -42.72 7.50 -4.44
N GLU B 91 -43.25 8.65 -4.85
CA GLU B 91 -44.41 9.25 -4.19
C GLU B 91 -45.60 8.27 -4.20
N ALA B 92 -45.92 7.77 -5.38
CA ALA B 92 -47.05 6.85 -5.60
C ALA B 92 -46.86 5.56 -4.79
N TYR B 93 -45.62 5.07 -4.78
CA TYR B 93 -45.26 3.85 -4.06
C TYR B 93 -45.48 3.98 -2.56
N TYR B 94 -44.94 5.03 -1.96
CA TYR B 94 -45.05 5.24 -0.52
C TYR B 94 -46.44 5.67 -0.07
N GLN B 95 -47.15 6.39 -0.94
CA GLN B 95 -48.56 6.72 -0.67
C GLN B 95 -49.38 5.43 -0.57
N GLU B 96 -49.14 4.48 -1.48
CA GLU B 96 -49.82 3.18 -1.45
C GLU B 96 -49.52 2.40 -0.17
N LEU B 97 -48.28 2.48 0.29
CA LEU B 97 -47.88 1.92 1.58
C LEU B 97 -48.49 2.62 2.80
N GLY B 98 -49.19 3.74 2.58
CA GLY B 98 -49.79 4.52 3.66
C GLY B 98 -48.82 5.32 4.50
N CYS B 99 -47.66 5.64 3.91
CA CYS B 99 -46.65 6.44 4.59
C CYS B 99 -46.84 7.92 4.36
N ARG B 100 -46.46 8.71 5.35
CA ARG B 100 -46.43 10.16 5.21
C ARG B 100 -45.30 10.56 4.26
N THR B 101 -45.64 11.37 3.27
CA THR B 101 -44.65 11.88 2.32
C THR B 101 -44.68 13.41 2.29
N GLU B 102 -43.56 14.02 1.91
CA GLU B 102 -43.51 15.47 1.68
C GLU B 102 -42.70 15.71 0.40
N ARG B 103 -43.26 16.51 -0.49
CA ARG B 103 -42.66 16.77 -1.79
C ARG B 103 -42.23 18.25 -1.90
N ARG B 104 -40.98 18.48 -2.32
CA ARG B 104 -40.49 19.84 -2.55
C ARG B 104 -39.86 19.93 -3.94
N LYS B 105 -40.51 20.67 -4.84
CA LYS B 105 -40.07 20.84 -6.21
C LYS B 105 -38.66 21.41 -6.34
N ASP B 106 -38.26 22.22 -5.37
CA ASP B 106 -36.93 22.84 -5.37
C ASP B 106 -36.03 22.30 -4.26
N GLY B 107 -36.40 21.13 -3.73
CA GLY B 107 -35.56 20.41 -2.76
C GLY B 107 -35.70 20.83 -1.32
N PHE B 108 -35.18 19.98 -0.42
CA PHE B 108 -35.14 20.25 1.01
C PHE B 108 -33.82 20.86 1.43
N VAL B 109 -32.79 20.61 0.63
CA VAL B 109 -31.43 21.11 0.91
C VAL B 109 -30.85 21.72 -0.36
N LYS B 110 -29.87 22.60 -0.20
CA LYS B 110 -29.22 23.22 -1.34
C LYS B 110 -28.57 22.16 -2.22
N GLY B 111 -28.59 22.40 -3.52
CA GLY B 111 -27.98 21.55 -4.52
C GLY B 111 -28.76 20.29 -4.88
N ILE B 112 -29.98 20.18 -4.34
CA ILE B 112 -30.92 19.14 -4.75
C ILE B 112 -32.17 19.81 -5.31
N GLY B 113 -32.65 19.29 -6.44
CA GLY B 113 -33.90 19.73 -7.08
C GLY B 113 -35.10 18.99 -6.50
N ASP B 114 -36.02 18.62 -7.39
CA ASP B 114 -37.28 17.97 -7.02
C ASP B 114 -37.00 16.74 -6.14
N ALA B 115 -37.54 16.75 -4.92
CA ALA B 115 -37.22 15.73 -3.92
C ALA B 115 -38.44 15.29 -3.13
N LEU B 116 -38.48 14.00 -2.81
CA LEU B 116 -39.55 13.44 -2.01
C LEU B 116 -38.93 12.90 -0.74
N ARG B 117 -39.43 13.32 0.41
CA ARG B 117 -39.04 12.69 1.66
C ARG B 117 -40.21 11.91 2.23
N VAL B 118 -39.89 10.76 2.81
CA VAL B 118 -40.94 9.88 3.34
C VAL B 118 -40.58 9.40 4.74
N GLU B 119 -41.60 9.16 5.57
CA GLU B 119 -41.41 8.37 6.78
C GLU B 119 -41.72 6.94 6.36
N ASP B 120 -40.68 6.14 6.18
CA ASP B 120 -40.89 4.82 5.59
C ASP B 120 -41.52 3.82 6.60
N PRO B 121 -41.90 2.61 6.14
CA PRO B 121 -42.55 1.63 7.02
C PRO B 121 -41.74 1.22 8.27
N LEU B 122 -40.41 1.43 8.23
CA LEU B 122 -39.54 1.12 9.36
C LEU B 122 -39.23 2.36 10.21
N GLY B 123 -39.85 3.49 9.85
CA GLY B 123 -39.74 4.74 10.59
C GLY B 123 -38.58 5.62 10.16
N PHE B 124 -37.94 5.28 9.04
CA PHE B 124 -36.76 6.04 8.61
C PHE B 124 -37.12 7.17 7.66
N PRO B 125 -36.42 8.31 7.80
CA PRO B 125 -36.62 9.39 6.83
C PRO B 125 -35.82 9.14 5.57
N TYR B 126 -36.48 8.62 4.54
CA TYR B 126 -35.84 8.40 3.24
C TYR B 126 -36.07 9.62 2.35
N GLU B 127 -35.08 9.98 1.54
CA GLU B 127 -35.28 10.91 0.41
C GLU B 127 -34.96 10.25 -0.95
N PHE B 128 -35.81 10.58 -1.93
CA PHE B 128 -35.60 10.18 -3.31
C PHE B 128 -35.54 11.45 -4.15
N PHE B 129 -34.48 11.56 -4.96
CA PHE B 129 -34.31 12.70 -5.84
C PHE B 129 -33.55 12.28 -7.10
N PHE B 130 -33.75 13.02 -8.18
CA PHE B 130 -32.88 12.91 -9.33
C PHE B 130 -32.04 14.17 -9.48
N GLU B 131 -32.71 15.31 -9.53
CA GLU B 131 -32.07 16.60 -9.83
CA GLU B 131 -32.05 16.58 -9.84
C GLU B 131 -31.06 16.99 -8.76
N THR B 132 -29.83 17.27 -9.21
CA THR B 132 -28.80 17.76 -8.33
C THR B 132 -27.79 18.62 -9.10
N THR B 133 -27.31 19.67 -8.45
CA THR B 133 -26.30 20.56 -9.03
C THR B 133 -24.97 19.83 -9.12
N HIS B 134 -24.44 19.74 -10.34
CA HIS B 134 -23.13 19.13 -10.57
C HIS B 134 -22.05 20.08 -10.12
N VAL B 135 -20.98 19.52 -9.58
CA VAL B 135 -19.85 20.33 -9.11
C VAL B 135 -18.57 19.77 -9.73
N GLU B 136 -17.43 20.39 -9.45
CA GLU B 136 -16.16 19.90 -9.96
C GLU B 136 -15.83 18.54 -9.34
N ARG B 137 -15.75 17.54 -10.19
CA ARG B 137 -15.38 16.18 -9.78
C ARG B 137 -13.88 16.21 -9.46
N LEU B 138 -13.53 15.98 -8.18
CA LEU B 138 -12.14 16.17 -7.75
C LEU B 138 -11.23 14.96 -7.93
N HIS B 139 -11.64 13.98 -8.74
CA HIS B 139 -11.01 12.63 -8.74
C HIS B 139 -9.56 12.62 -9.19
N MET B 140 -9.14 13.65 -9.94
CA MET B 140 -7.72 13.75 -10.33
C MET B 140 -7.01 14.95 -9.72
N ARG B 141 -7.62 15.51 -8.69
CA ARG B 141 -7.08 16.67 -7.98
C ARG B 141 -6.08 16.20 -6.92
N TYR B 142 -5.00 15.59 -7.39
CA TYR B 142 -4.03 15.01 -6.48
C TYR B 142 -3.27 16.05 -5.67
N ASP B 143 -3.36 17.30 -6.12
CA ASP B 143 -2.90 18.42 -5.31
C ASP B 143 -3.70 18.64 -4.01
N LEU B 144 -4.91 18.08 -3.95
CA LEU B 144 -5.76 18.14 -2.76
C LEU B 144 -5.80 16.81 -2.01
N TYR B 145 -5.32 15.74 -2.62
CA TYR B 145 -5.48 14.38 -2.08
C TYR B 145 -4.79 14.25 -0.72
N SER B 146 -5.58 13.81 0.27
N SER B 146 -5.55 13.85 0.30
CA SER B 146 -5.10 13.57 1.63
CA SER B 146 -4.94 13.65 1.62
C SER B 146 -4.57 12.15 1.78
C SER B 146 -4.56 12.18 1.80
N ALA B 147 -3.65 11.95 2.73
CA ALA B 147 -3.18 10.59 3.04
C ALA B 147 -4.32 9.67 3.51
N GLY B 148 -5.42 10.28 3.96
CA GLY B 148 -6.59 9.51 4.39
C GLY B 148 -7.81 9.74 3.52
N GLU B 149 -7.61 10.08 2.24
CA GLU B 149 -8.71 10.60 1.42
C GLU B 149 -9.95 9.70 1.32
N LEU B 150 -11.10 10.28 1.62
CA LEU B 150 -12.39 9.61 1.44
C LEU B 150 -12.88 9.89 0.03
N VAL B 151 -13.04 8.82 -0.75
CA VAL B 151 -13.23 8.93 -2.21
C VAL B 151 -14.67 8.81 -2.67
N ARG B 152 -15.47 8.08 -1.91
N ARG B 152 -15.48 8.01 -1.97
CA ARG B 152 -16.88 7.86 -2.24
CA ARG B 152 -16.89 7.78 -2.34
C ARG B 152 -17.74 7.75 -1.00
C ARG B 152 -17.75 7.59 -1.11
N LEU B 153 -19.04 7.95 -1.19
CA LEU B 153 -20.00 7.51 -0.18
C LEU B 153 -20.38 6.08 -0.57
N ASP B 154 -20.27 5.13 0.36
CA ASP B 154 -20.55 3.74 0.03
C ASP B 154 -21.92 3.23 0.50
N HIS B 155 -22.26 3.46 1.76
CA HIS B 155 -23.56 2.95 2.29
C HIS B 155 -24.07 3.57 3.55
N PHE B 156 -25.34 3.23 3.86
CA PHE B 156 -25.89 3.46 5.18
C PHE B 156 -26.08 2.12 5.89
N ASN B 157 -26.19 2.18 7.21
CA ASN B 157 -26.62 1.02 7.96
C ASN B 157 -27.64 1.42 9.00
N GLN B 158 -28.78 0.72 8.98
CA GLN B 158 -29.96 1.05 9.76
C GLN B 158 -30.20 0.03 10.87
N VAL B 159 -30.49 0.50 12.09
CA VAL B 159 -30.89 -0.41 13.19
C VAL B 159 -32.42 -0.53 13.17
N THR B 160 -32.91 -1.77 13.11
CA THR B 160 -34.36 -2.02 13.06
C THR B 160 -34.65 -3.29 13.87
N PRO B 161 -35.78 -3.31 14.60
CA PRO B 161 -36.04 -4.49 15.47
C PRO B 161 -36.30 -5.84 14.78
N ASP B 162 -36.89 -5.83 13.58
CA ASP B 162 -37.35 -7.05 12.89
C ASP B 162 -36.70 -7.14 11.50
N VAL B 163 -35.58 -7.86 11.41
CA VAL B 163 -34.82 -7.82 10.16
C VAL B 163 -35.55 -8.43 8.94
N PRO B 164 -36.12 -9.64 9.09
CA PRO B 164 -36.90 -10.19 7.96
C PRO B 164 -38.01 -9.27 7.46
N ARG B 165 -38.71 -8.59 8.36
CA ARG B 165 -39.78 -7.66 7.95
C ARG B 165 -39.22 -6.53 7.06
N GLY B 166 -38.09 -5.96 7.48
CA GLY B 166 -37.44 -4.88 6.72
C GLY B 166 -36.85 -5.37 5.42
N ARG B 167 -36.28 -6.58 5.48
CA ARG B 167 -35.66 -7.17 4.32
C ARG B 167 -36.66 -7.34 3.18
N LYS B 168 -37.85 -7.82 3.51
CA LYS B 168 -38.86 -8.05 2.48
C LYS B 168 -39.30 -6.73 1.83
N TYR B 169 -39.50 -5.72 2.65
CA TYR B 169 -39.81 -4.37 2.22
C TYR B 169 -38.71 -3.83 1.27
N LEU B 170 -37.46 -3.96 1.67
CA LEU B 170 -36.36 -3.46 0.81
C LEU B 170 -36.21 -4.25 -0.48
N GLU B 171 -36.45 -5.56 -0.43
CA GLU B 171 -36.43 -6.39 -1.62
C GLU B 171 -37.54 -5.95 -2.61
N ASP B 172 -38.74 -5.67 -2.12
CA ASP B 172 -39.80 -5.15 -2.97
C ASP B 172 -39.39 -3.81 -3.63
N LEU B 173 -38.60 -3.02 -2.90
CA LEU B 173 -38.04 -1.75 -3.40
C LEU B 173 -36.97 -1.94 -4.49
N GLY B 174 -36.49 -3.18 -4.66
CA GLY B 174 -35.50 -3.50 -5.68
C GLY B 174 -34.09 -3.78 -5.15
N PHE B 175 -33.88 -3.59 -3.85
CA PHE B 175 -32.58 -3.95 -3.24
C PHE B 175 -32.40 -5.45 -3.26
N ARG B 176 -31.17 -5.90 -3.48
CA ARG B 176 -30.91 -7.33 -3.50
C ARG B 176 -29.99 -7.70 -2.36
N VAL B 177 -30.39 -8.72 -1.61
CA VAL B 177 -29.59 -9.16 -0.46
C VAL B 177 -28.34 -9.88 -0.96
N THR B 178 -27.21 -9.47 -0.41
CA THR B 178 -25.90 -10.03 -0.75
C THR B 178 -25.35 -10.93 0.36
N GLU B 179 -25.48 -10.48 1.60
CA GLU B 179 -25.05 -11.29 2.75
C GLU B 179 -26.01 -11.13 3.92
N ASP B 180 -26.02 -12.12 4.81
CA ASP B 180 -26.75 -11.97 6.06
C ASP B 180 -26.12 -12.79 7.18
N ILE B 181 -26.60 -12.53 8.40
CA ILE B 181 -26.17 -13.29 9.58
C ILE B 181 -27.43 -13.87 10.19
N GLN B 182 -27.43 -15.19 10.37
CA GLN B 182 -28.54 -15.93 10.98
C GLN B 182 -28.00 -16.92 12.01
N ASP B 183 -28.88 -17.53 12.82
CA ASP B 183 -28.46 -18.71 13.56
C ASP B 183 -29.24 -19.96 13.10
N ASP B 184 -29.00 -21.08 13.76
CA ASP B 184 -29.62 -22.35 13.40
C ASP B 184 -31.05 -22.48 13.94
N GLU B 185 -31.56 -21.40 14.56
CA GLU B 185 -32.89 -21.42 15.17
C GLU B 185 -33.85 -20.46 14.50
N GLY B 186 -33.48 -19.99 13.31
CA GLY B 186 -34.38 -19.19 12.48
C GLY B 186 -34.31 -17.69 12.69
N THR B 187 -33.39 -17.24 13.55
CA THR B 187 -33.27 -15.80 13.81
C THR B 187 -32.32 -15.15 12.82
N THR B 188 -32.72 -14.00 12.29
CA THR B 188 -31.87 -13.17 11.44
C THR B 188 -31.40 -11.96 12.26
N TYR B 189 -30.09 -11.73 12.25
CA TYR B 189 -29.46 -10.68 13.05
C TYR B 189 -29.10 -9.44 12.23
N ALA B 190 -28.86 -9.65 10.94
CA ALA B 190 -28.42 -8.58 10.05
C ALA B 190 -28.55 -9.00 8.59
N ALA B 191 -28.78 -8.04 7.71
CA ALA B 191 -28.78 -8.28 6.27
C ALA B 191 -28.20 -7.07 5.53
N TRP B 192 -27.53 -7.35 4.43
CA TRP B 192 -26.88 -6.35 3.56
C TRP B 192 -27.55 -6.37 2.19
N MET B 193 -27.82 -5.19 1.62
CA MET B 193 -28.56 -5.18 0.35
C MET B 193 -28.15 -4.01 -0.53
N HIS B 194 -28.13 -4.26 -1.84
CA HIS B 194 -27.56 -3.28 -2.78
C HIS B 194 -28.47 -2.92 -3.94
N ARG B 195 -28.16 -1.76 -4.51
CA ARG B 195 -28.61 -1.39 -5.86
C ARG B 195 -27.43 -1.19 -6.82
N LYS B 196 -26.34 -0.59 -6.34
CA LYS B 196 -25.25 -0.14 -7.24
C LYS B 196 -24.19 -1.19 -7.65
N GLY B 197 -24.29 -2.42 -7.15
CA GLY B 197 -23.36 -3.47 -7.55
C GLY B 197 -22.14 -3.59 -6.64
N THR B 198 -22.23 -3.00 -5.46
CA THR B 198 -21.26 -3.27 -4.40
C THR B 198 -21.99 -4.14 -3.39
N VAL B 199 -21.35 -4.47 -2.27
CA VAL B 199 -22.03 -5.35 -1.30
C VAL B 199 -23.33 -4.73 -0.79
N HIS B 200 -23.34 -3.41 -0.62
CA HIS B 200 -24.57 -2.77 -0.15
C HIS B 200 -24.65 -1.27 -0.37
N ASP B 201 -25.89 -0.81 -0.42
CA ASP B 201 -26.21 0.61 -0.38
C ASP B 201 -26.86 0.94 0.95
N THR B 202 -27.57 -0.05 1.48
CA THR B 202 -28.01 0.01 2.86
C THR B 202 -27.97 -1.37 3.50
N ALA B 203 -28.12 -1.40 4.81
CA ALA B 203 -28.08 -2.65 5.55
C ALA B 203 -28.99 -2.54 6.74
N LEU B 204 -29.43 -3.68 7.24
CA LEU B 204 -30.23 -3.73 8.45
C LEU B 204 -29.44 -4.46 9.52
N THR B 205 -29.33 -3.84 10.68
CA THR B 205 -28.73 -4.45 11.86
C THR B 205 -29.84 -4.61 12.90
N GLY B 206 -30.03 -5.82 13.41
CA GLY B 206 -31.06 -6.07 14.43
C GLY B 206 -30.81 -5.26 15.70
N GLY B 207 -31.83 -4.53 16.16
CA GLY B 207 -31.74 -3.85 17.43
C GLY B 207 -32.92 -2.91 17.60
N ASN B 208 -32.96 -2.20 18.71
CA ASN B 208 -34.06 -1.26 18.95
C ASN B 208 -33.99 -0.14 17.91
N GLY B 209 -35.12 0.20 17.31
CA GLY B 209 -35.10 1.17 16.21
C GLY B 209 -36.44 1.84 15.98
N PRO B 210 -36.53 2.77 15.01
CA PRO B 210 -35.46 3.17 14.05
C PRO B 210 -34.29 3.97 14.67
N ARG B 211 -33.06 3.52 14.41
CA ARG B 211 -31.88 4.34 14.67
C ARG B 211 -30.91 4.15 13.51
N LEU B 212 -30.07 5.16 13.28
CA LEU B 212 -29.06 5.09 12.21
C LEU B 212 -27.77 4.51 12.80
N HIS B 213 -27.34 3.37 12.28
CA HIS B 213 -26.13 2.76 12.84
C HIS B 213 -24.90 3.54 12.39
N HIS B 214 -24.74 3.72 11.09
CA HIS B 214 -23.63 4.52 10.55
C HIS B 214 -23.82 4.93 9.11
N VAL B 215 -22.97 5.85 8.66
CA VAL B 215 -22.80 6.18 7.25
C VAL B 215 -21.37 5.76 6.89
N ALA B 216 -21.19 5.17 5.72
CA ALA B 216 -19.85 4.70 5.32
C ALA B 216 -19.29 5.39 4.10
N PHE B 217 -18.02 5.75 4.19
CA PHE B 217 -17.23 6.28 3.08
C PHE B 217 -16.10 5.33 2.74
N SER B 218 -15.76 5.30 1.46
CA SER B 218 -14.66 4.44 1.03
CA SER B 218 -14.67 4.44 0.95
C SER B 218 -13.36 5.20 0.82
N THR B 219 -12.25 4.48 0.91
CA THR B 219 -10.92 4.99 0.52
C THR B 219 -10.45 4.14 -0.66
N HIS B 220 -9.36 4.54 -1.30
CA HIS B 220 -8.81 3.71 -2.39
C HIS B 220 -8.11 2.46 -1.82
N GLU B 221 -7.28 2.67 -0.79
CA GLU B 221 -6.42 1.59 -0.30
C GLU B 221 -6.50 1.46 1.22
N LYS B 222 -6.06 0.30 1.71
CA LYS B 222 -6.08 0.01 3.13
C LYS B 222 -5.20 1.00 3.91
N HIS B 223 -4.07 1.41 3.34
CA HIS B 223 -3.21 2.34 4.07
C HIS B 223 -3.89 3.68 4.32
N ASN B 224 -4.87 4.05 3.49
CA ASN B 224 -5.62 5.29 3.73
C ASN B 224 -6.41 5.23 5.03
N ILE B 225 -6.96 4.06 5.33
CA ILE B 225 -7.68 3.85 6.57
C ILE B 225 -6.73 3.86 7.76
N ILE B 226 -5.58 3.21 7.59
CA ILE B 226 -4.54 3.24 8.63
CA ILE B 226 -4.57 3.24 8.65
C ILE B 226 -4.16 4.68 8.99
N GLN B 227 -3.99 5.51 7.95
CA GLN B 227 -3.65 6.90 8.15
C GLN B 227 -4.69 7.67 8.99
N ILE B 228 -5.98 7.37 8.80
CA ILE B 228 -7.02 8.03 9.61
C ILE B 228 -6.80 7.72 11.09
N CYS B 229 -6.56 6.44 11.39
CA CYS B 229 -6.23 6.03 12.75
C CYS B 229 -5.00 6.75 13.29
N ASP B 230 -3.95 6.77 12.48
CA ASP B 230 -2.70 7.40 12.86
C ASP B 230 -2.89 8.90 13.17
N LYS B 231 -3.67 9.57 12.32
CA LYS B 231 -3.94 10.99 12.48
C LYS B 231 -4.74 11.24 13.75
N MET B 232 -5.74 10.40 13.98
CA MET B 232 -6.51 10.48 15.24
C MET B 232 -5.64 10.29 16.48
N GLY B 233 -4.65 9.38 16.43
CA GLY B 233 -3.73 9.29 17.57
C GLY B 233 -2.92 10.59 17.70
N ALA B 234 -2.46 11.15 16.58
CA ALA B 234 -1.66 12.39 16.64
C ALA B 234 -2.44 13.59 17.22
N LEU B 235 -3.74 13.62 16.93
CA LEU B 235 -4.62 14.66 17.43
C LEU B 235 -5.13 14.34 18.84
N ARG B 236 -4.66 13.21 19.38
CA ARG B 236 -5.02 12.75 20.73
C ARG B 236 -6.53 12.65 20.89
N ILE B 237 -7.16 12.10 19.84
CA ILE B 237 -8.58 11.77 19.85
C ILE B 237 -8.80 10.29 19.51
N SER B 238 -7.84 9.45 19.91
CA SER B 238 -7.99 8.00 19.70
C SER B 238 -9.21 7.43 20.43
N ASP B 239 -9.72 8.15 21.44
CA ASP B 239 -10.94 7.73 22.11
C ASP B 239 -12.16 7.79 21.20
N ARG B 240 -12.04 8.50 20.09
CA ARG B 240 -13.13 8.58 19.09
C ARG B 240 -13.02 7.47 18.01
N ILE B 241 -11.99 6.62 18.14
CA ILE B 241 -11.92 5.40 17.33
C ILE B 241 -12.68 4.35 18.11
N GLU B 242 -13.80 3.89 17.55
CA GLU B 242 -14.68 3.00 18.29
C GLU B 242 -14.27 1.54 18.14
N ARG B 243 -14.00 1.15 16.90
CA ARG B 243 -13.79 -0.26 16.57
C ARG B 243 -12.97 -0.35 15.30
N GLY B 244 -11.96 -1.23 15.34
CA GLY B 244 -11.11 -1.45 14.18
C GLY B 244 -9.73 -0.83 14.36
N PRO B 245 -8.94 -0.75 13.26
CA PRO B 245 -9.35 -1.21 11.95
C PRO B 245 -9.35 -2.72 11.85
N GLY B 246 -10.00 -3.24 10.81
CA GLY B 246 -10.08 -4.68 10.66
C GLY B 246 -10.42 -5.10 9.24
N ARG B 247 -10.54 -6.41 9.06
CA ARG B 247 -11.06 -6.99 7.82
C ARG B 247 -12.45 -7.53 8.19
N HIS B 248 -13.50 -7.13 7.47
CA HIS B 248 -14.82 -7.72 7.70
C HIS B 248 -14.87 -9.15 7.17
N GLY B 249 -15.67 -10.00 7.80
CA GLY B 249 -16.05 -11.27 7.21
C GLY B 249 -17.11 -10.96 6.16
N VAL B 250 -18.31 -10.62 6.64
CA VAL B 250 -19.37 -10.16 5.76
C VAL B 250 -18.82 -8.94 5.00
N SER B 251 -18.86 -9.03 3.67
CA SER B 251 -18.44 -7.94 2.74
C SER B 251 -16.96 -8.03 2.33
N ASN B 252 -16.14 -8.65 3.18
CA ASN B 252 -14.69 -8.77 2.90
C ASN B 252 -13.92 -7.42 2.83
N ALA B 253 -14.57 -6.33 3.21
CA ALA B 253 -13.94 -5.00 3.18
C ALA B 253 -13.04 -4.75 4.37
N PHE B 254 -11.99 -3.94 4.16
CA PHE B 254 -11.17 -3.41 5.24
C PHE B 254 -11.94 -2.22 5.85
N TYR B 255 -11.94 -2.09 7.16
CA TYR B 255 -12.88 -1.14 7.79
C TYR B 255 -12.35 -0.45 9.04
N LEU B 256 -13.03 0.63 9.41
CA LEU B 256 -12.78 1.37 10.64
C LEU B 256 -14.10 2.05 11.04
N TYR B 257 -14.40 2.09 12.33
CA TYR B 257 -15.53 2.89 12.83
C TYR B 257 -15.03 3.96 13.79
N ILE B 258 -15.45 5.20 13.52
CA ILE B 258 -15.11 6.35 14.35
C ILE B 258 -16.39 7.11 14.73
N LEU B 259 -16.29 7.95 15.76
CA LEU B 259 -17.47 8.66 16.27
C LEU B 259 -17.29 10.16 16.10
N ASP B 260 -18.28 10.82 15.49
CA ASP B 260 -18.24 12.28 15.36
C ASP B 260 -18.58 12.99 16.68
N PRO B 261 -18.47 14.35 16.74
CA PRO B 261 -18.69 14.99 18.02
C PRO B 261 -20.06 14.78 18.68
N ASP B 262 -21.07 14.42 17.90
CA ASP B 262 -22.40 14.08 18.41
C ASP B 262 -22.60 12.56 18.55
N ASN B 263 -21.50 11.81 18.49
CA ASN B 263 -21.51 10.34 18.57
C ASN B 263 -22.18 9.67 17.37
N HIS B 264 -22.40 10.43 16.29
CA HIS B 264 -22.77 9.79 15.02
C HIS B 264 -21.61 8.91 14.56
N ARG B 265 -21.91 7.68 14.16
CA ARG B 265 -20.88 6.72 13.75
C ARG B 265 -20.60 6.78 12.26
N ILE B 266 -19.32 6.89 11.91
CA ILE B 266 -18.88 6.87 10.53
C ILE B 266 -17.98 5.65 10.33
N GLU B 267 -18.26 4.90 9.26
CA GLU B 267 -17.38 3.81 8.87
C GLU B 267 -16.52 4.26 7.69
N ILE B 268 -15.25 3.89 7.73
CA ILE B 268 -14.38 4.00 6.56
C ILE B 268 -14.17 2.57 6.06
N TYR B 269 -14.22 2.41 4.75
CA TYR B 269 -14.46 1.11 4.14
C TYR B 269 -13.69 1.02 2.81
N THR B 270 -13.13 -0.16 2.51
CA THR B 270 -12.51 -0.34 1.19
C THR B 270 -12.45 -1.80 0.76
N GLN B 271 -12.57 -1.99 -0.56
CA GLN B 271 -12.26 -3.24 -1.24
C GLN B 271 -13.21 -4.40 -0.97
N ASP B 272 -14.50 -4.11 -1.05
CA ASP B 272 -15.47 -5.19 -1.18
C ASP B 272 -15.55 -5.68 -2.64
N TYR B 273 -16.54 -6.51 -2.96
CA TYR B 273 -16.55 -7.19 -4.26
C TYR B 273 -17.79 -6.83 -5.10
N TYR B 274 -17.79 -7.24 -6.35
CA TYR B 274 -18.86 -6.92 -7.30
C TYR B 274 -20.07 -7.85 -7.12
N THR B 275 -21.25 -7.27 -7.11
CA THR B 275 -22.51 -7.99 -6.81
C THR B 275 -23.56 -7.75 -7.92
N GLY B 276 -23.15 -7.10 -9.01
CA GLY B 276 -24.08 -6.64 -10.04
C GLY B 276 -24.83 -7.70 -10.84
N ASP B 277 -24.36 -8.95 -10.80
CA ASP B 277 -25.08 -10.03 -11.49
C ASP B 277 -26.35 -10.40 -10.73
N PRO B 278 -27.47 -10.64 -11.44
CA PRO B 278 -28.73 -10.85 -10.71
C PRO B 278 -28.79 -12.15 -9.89
N ASP B 279 -27.95 -13.12 -10.24
CA ASP B 279 -27.81 -14.37 -9.48
C ASP B 279 -26.56 -14.40 -8.58
N ASN B 280 -26.04 -13.21 -8.26
CA ASN B 280 -24.94 -13.09 -7.33
C ASN B 280 -25.20 -13.99 -6.13
N PRO B 281 -24.25 -14.89 -5.80
CA PRO B 281 -24.45 -15.84 -4.68
C PRO B 281 -24.60 -15.12 -3.34
N THR B 282 -25.70 -15.39 -2.64
CA THR B 282 -25.92 -14.82 -1.32
CA THR B 282 -25.95 -14.86 -1.30
C THR B 282 -25.09 -15.64 -0.31
N ILE B 283 -24.58 -14.96 0.70
CA ILE B 283 -23.73 -15.62 1.69
C ILE B 283 -24.40 -15.44 3.05
N THR B 284 -24.63 -16.56 3.74
CA THR B 284 -25.18 -16.52 5.09
C THR B 284 -24.13 -17.00 6.08
N TRP B 285 -23.82 -16.16 7.07
CA TRP B 285 -22.88 -16.50 8.12
C TRP B 285 -23.67 -16.89 9.35
N ASN B 286 -23.12 -17.82 10.15
CA ASN B 286 -23.74 -18.11 11.45
C ASN B 286 -23.37 -17.06 12.49
N VAL B 287 -24.34 -16.64 13.30
CA VAL B 287 -24.07 -15.60 14.30
C VAL B 287 -22.92 -15.92 15.27
N HIS B 288 -22.65 -17.21 15.52
CA HIS B 288 -21.62 -17.59 16.49
C HIS B 288 -20.23 -17.70 15.86
N ASP B 289 -20.15 -17.45 14.54
CA ASP B 289 -18.87 -17.53 13.85
C ASP B 289 -18.05 -16.30 14.17
N ASN B 290 -16.97 -16.48 14.93
CA ASN B 290 -16.14 -15.36 15.37
C ASN B 290 -15.35 -14.66 14.27
N GLN B 291 -15.42 -15.17 13.03
CA GLN B 291 -14.79 -14.45 11.90
C GLN B 291 -15.79 -13.69 11.01
N ARG B 292 -17.05 -13.66 11.43
CA ARG B 292 -18.09 -13.09 10.58
C ARG B 292 -18.04 -11.56 10.51
N ARG B 293 -17.71 -10.92 11.62
CA ARG B 293 -17.72 -9.45 11.64
C ARG B 293 -16.30 -8.91 11.52
N ASP B 294 -15.41 -9.44 12.33
CA ASP B 294 -13.99 -9.21 12.12
C ASP B 294 -13.36 -10.55 11.77
N TRP B 295 -12.82 -10.62 10.55
CA TRP B 295 -12.30 -11.84 9.96
C TRP B 295 -11.11 -12.39 10.77
N TRP B 296 -10.45 -11.48 11.50
CA TRP B 296 -9.26 -11.83 12.26
C TRP B 296 -9.65 -12.25 13.68
N GLY B 297 -10.95 -12.27 13.93
CA GLY B 297 -11.48 -12.71 15.22
C GLY B 297 -11.39 -11.69 16.33
N ASN B 298 -11.03 -10.44 16.00
CA ASN B 298 -11.01 -9.43 17.05
C ASN B 298 -12.44 -9.19 17.56
N PRO B 299 -12.55 -8.88 18.86
CA PRO B 299 -13.90 -8.79 19.47
C PRO B 299 -14.65 -7.56 18.99
N VAL B 300 -15.98 -7.69 18.87
CA VAL B 300 -16.81 -6.57 18.48
C VAL B 300 -17.10 -5.76 19.74
N VAL B 301 -16.69 -4.49 19.74
CA VAL B 301 -16.88 -3.62 20.91
C VAL B 301 -18.39 -3.51 21.26
N PRO B 302 -18.74 -3.61 22.55
CA PRO B 302 -20.16 -3.68 22.95
C PRO B 302 -20.98 -2.44 22.52
N SER B 303 -20.37 -1.25 22.52
CA SER B 303 -21.09 -0.05 22.01
C SER B 303 -21.52 -0.16 20.55
N TRP B 304 -20.79 -0.96 19.77
CA TRP B 304 -21.17 -1.19 18.39
C TRP B 304 -22.57 -1.82 18.30
N TYR B 305 -22.91 -2.67 19.26
CA TYR B 305 -24.21 -3.31 19.31
C TYR B 305 -25.29 -2.46 19.97
N THR B 306 -24.89 -1.56 20.85
CA THR B 306 -25.88 -0.85 21.67
C THR B 306 -26.14 0.59 21.27
N GLU B 307 -25.17 1.24 20.63
CA GLU B 307 -25.28 2.67 20.33
C GLU B 307 -25.57 2.93 18.86
N ALA B 308 -26.48 3.87 18.60
CA ALA B 308 -26.82 4.29 17.24
C ALA B 308 -27.55 5.62 17.33
N SER B 309 -27.67 6.32 16.22
CA SER B 309 -28.20 7.69 16.22
C SER B 309 -29.73 7.70 16.19
N LYS B 310 -30.32 8.69 16.86
CA LYS B 310 -31.74 8.98 16.69
C LYS B 310 -32.04 9.31 15.22
N VAL B 311 -33.27 9.08 14.77
CA VAL B 311 -33.71 9.56 13.48
C VAL B 311 -34.95 10.45 13.67
N LEU B 312 -35.14 11.38 12.75
CA LEU B 312 -36.24 12.32 12.85
C LEU B 312 -37.39 11.95 11.94
N ASP B 313 -38.60 12.33 12.34
CA ASP B 313 -39.74 12.34 11.43
C ASP B 313 -39.75 13.61 10.55
N LEU B 314 -40.78 13.75 9.70
CA LEU B 314 -40.83 14.86 8.76
C LEU B 314 -41.12 16.21 9.43
N ASP B 315 -41.54 16.18 10.69
CA ASP B 315 -41.72 17.38 11.52
C ASP B 315 -40.48 17.75 12.33
N GLY B 316 -39.42 16.96 12.21
CA GLY B 316 -38.18 17.22 12.93
C GLY B 316 -38.13 16.70 14.35
N ASN B 317 -39.13 15.91 14.71
CA ASN B 317 -39.16 15.28 16.04
C ASN B 317 -38.54 13.89 15.97
N VAL B 318 -37.90 13.48 17.06
CA VAL B 318 -37.28 12.16 17.12
C VAL B 318 -38.35 11.06 17.06
N GLN B 319 -38.09 10.06 16.23
CA GLN B 319 -38.93 8.86 16.15
C GLN B 319 -38.85 8.04 17.44
N GLU B 320 -40.00 7.59 17.93
CA GLU B 320 -40.05 6.70 19.10
C GLU B 320 -39.34 5.38 18.78
N ILE B 321 -38.67 4.84 19.78
N ILE B 321 -38.70 4.81 19.79
CA ILE B 321 -37.98 3.57 19.66
CA ILE B 321 -37.91 3.58 19.65
C ILE B 321 -38.96 2.43 19.85
C ILE B 321 -38.71 2.32 19.99
N ILE B 322 -38.83 1.42 19.01
CA ILE B 322 -39.52 0.14 19.17
C ILE B 322 -38.46 -0.92 19.49
N LEU B 323 -38.69 -1.65 20.59
CA LEU B 323 -37.73 -2.61 21.08
C LEU B 323 -37.67 -3.89 20.26
N ARG B 324 -36.45 -4.37 20.02
CA ARG B 324 -36.26 -5.70 19.44
C ARG B 324 -36.65 -6.78 20.44
N THR B 325 -37.41 -7.77 19.98
CA THR B 325 -37.80 -8.92 20.79
C THR B 325 -37.04 -10.20 20.38
N ASP B 326 -36.58 -10.25 19.12
CA ASP B 326 -35.67 -11.32 18.68
C ASP B 326 -34.36 -11.34 19.50
N ASP B 327 -33.63 -12.44 19.44
CA ASP B 327 -32.39 -12.55 20.19
C ASP B 327 -31.39 -11.44 19.81
N SER B 328 -30.60 -11.04 20.80
CA SER B 328 -29.59 -9.99 20.63
C SER B 328 -28.26 -10.61 20.21
N GLU B 329 -27.73 -10.10 19.10
CA GLU B 329 -26.39 -10.53 18.67
C GLU B 329 -25.33 -10.39 19.76
N LEU B 330 -25.33 -9.26 20.47
CA LEU B 330 -24.40 -9.08 21.59
C LEU B 330 -24.56 -10.22 22.61
N GLU B 331 -25.80 -10.45 23.06
CA GLU B 331 -26.04 -11.43 24.13
C GLU B 331 -25.61 -12.84 23.72
N VAL B 332 -25.92 -13.21 22.48
CA VAL B 332 -25.68 -14.59 22.04
C VAL B 332 -24.22 -14.89 21.70
N THR B 333 -23.41 -13.82 21.53
CA THR B 333 -22.00 -13.98 21.13
C THR B 333 -20.99 -13.63 22.20
N ILE B 334 -21.23 -12.51 22.90
CA ILE B 334 -20.22 -11.98 23.83
C ILE B 334 -20.76 -11.67 25.24
N GLY B 335 -22.07 -11.82 25.41
CA GLY B 335 -22.73 -11.71 26.73
C GLY B 335 -22.37 -12.85 27.66
N ALA B 336 -22.87 -12.80 28.90
CA ALA B 336 -22.52 -13.80 29.90
C ALA B 336 -22.96 -15.24 29.54
N ASP B 337 -23.99 -15.35 28.70
CA ASP B 337 -24.48 -16.65 28.22
C ASP B 337 -24.14 -16.87 26.74
N GLY B 338 -23.23 -16.07 26.23
CA GLY B 338 -22.92 -16.13 24.79
C GLY B 338 -21.93 -17.23 24.42
N PHE B 339 -21.72 -17.34 23.12
CA PHE B 339 -20.80 -18.34 22.57
C PHE B 339 -20.33 -17.87 21.20
N SER B 340 -19.05 -18.09 20.91
CA SER B 340 -18.53 -17.93 19.56
CA SER B 340 -18.55 -17.95 19.54
C SER B 340 -17.47 -18.99 19.28
N PHE B 341 -17.30 -19.35 18.01
CA PHE B 341 -16.27 -20.32 17.62
C PHE B 341 -15.32 -19.75 16.57
N THR B 342 -14.13 -20.35 16.49
CA THR B 342 -13.19 -20.07 15.39
C THR B 342 -13.41 -21.08 14.26
N ARG B 343 -13.48 -22.35 14.64
CA ARG B 343 -13.77 -23.44 13.70
C ARG B 343 -15.03 -24.16 14.18
N ALA B 344 -16.02 -24.29 13.30
CA ALA B 344 -17.28 -24.95 13.68
C ALA B 344 -16.97 -26.35 14.21
N GLY B 345 -17.60 -26.68 15.33
CA GLY B 345 -17.43 -27.99 15.98
C GLY B 345 -16.13 -28.22 16.73
N ASP B 346 -15.30 -27.20 16.83
CA ASP B 346 -14.05 -27.31 17.56
C ASP B 346 -14.14 -26.49 18.84
N GLU B 347 -13.97 -27.16 19.99
CA GLU B 347 -13.96 -26.46 21.29
C GLU B 347 -12.75 -25.54 21.41
N ASP B 348 -11.63 -25.96 20.84
CA ASP B 348 -10.42 -25.16 20.81
CA ASP B 348 -10.42 -25.14 20.81
C ASP B 348 -10.65 -23.90 19.97
N GLY B 349 -10.33 -22.73 20.54
CA GLY B 349 -10.59 -21.46 19.86
C GLY B 349 -12.04 -21.00 19.96
N SER B 350 -12.80 -21.61 20.87
CA SER B 350 -14.17 -21.16 21.15
CA SER B 350 -14.16 -21.16 21.13
C SER B 350 -14.21 -20.33 22.41
N TYR B 351 -15.27 -19.54 22.55
CA TYR B 351 -15.40 -18.60 23.65
C TYR B 351 -16.78 -18.75 24.25
N HIS B 352 -16.81 -18.96 25.57
CA HIS B 352 -18.04 -19.16 26.33
C HIS B 352 -18.19 -18.00 27.33
N GLY B 353 -19.26 -17.23 27.16
CA GLY B 353 -19.61 -16.15 28.07
C GLY B 353 -18.57 -15.05 28.15
N GLN B 354 -17.85 -14.84 27.05
CA GLN B 354 -16.96 -13.69 26.96
CA GLN B 354 -16.82 -13.81 26.98
C GLN B 354 -16.54 -13.45 25.53
N ALA B 355 -15.78 -12.38 25.34
CA ALA B 355 -15.39 -12.00 24.00
C ALA B 355 -14.11 -12.73 23.63
N SER B 356 -13.69 -12.61 22.38
CA SER B 356 -12.41 -13.17 21.95
C SER B 356 -11.23 -12.41 22.55
N LYS B 357 -10.04 -12.98 22.37
CA LYS B 357 -8.75 -12.35 22.68
C LYS B 357 -8.50 -12.07 24.15
N GLY B 358 -9.35 -12.60 25.03
CA GLY B 358 -9.11 -12.53 26.48
C GLY B 358 -9.90 -11.48 27.22
N PHE B 359 -10.86 -10.87 26.52
CA PHE B 359 -11.71 -9.82 27.08
C PHE B 359 -13.12 -10.28 27.45
N LYS B 360 -13.70 -9.57 28.43
CA LYS B 360 -15.11 -9.67 28.80
C LYS B 360 -15.75 -8.29 28.62
N LEU B 361 -17.09 -8.24 28.62
CA LEU B 361 -17.79 -6.95 28.53
C LEU B 361 -17.48 -6.06 29.72
N GLY B 362 -17.18 -4.79 29.44
CA GLY B 362 -16.91 -3.80 30.48
C GLY B 362 -18.20 -3.24 31.08
N GLU C 4 46.17 5.79 -6.12
CA GLU C 4 46.64 7.12 -6.64
C GLU C 4 46.28 8.33 -5.75
N ILE C 5 45.06 8.35 -5.17
CA ILE C 5 44.84 9.22 -4.03
C ILE C 5 45.38 8.44 -2.81
N PRO C 6 46.43 8.98 -2.15
CA PRO C 6 47.08 8.17 -1.14
C PRO C 6 46.25 8.02 0.14
N LYS C 7 46.49 6.93 0.86
CA LYS C 7 45.88 6.73 2.17
C LYS C 7 46.67 7.52 3.23
N PRO C 8 46.02 8.48 3.91
CA PRO C 8 46.67 9.26 4.96
C PRO C 8 47.11 8.41 6.14
N VAL C 9 48.16 8.86 6.82
CA VAL C 9 48.56 8.29 8.10
C VAL C 9 47.54 8.66 9.18
N ALA C 10 47.00 9.87 9.10
CA ALA C 10 45.97 10.32 10.03
C ALA C 10 44.74 9.41 9.89
N PRO C 11 44.07 9.10 11.02
CA PRO C 11 42.85 8.27 10.98
C PRO C 11 41.68 9.02 10.33
N ALA C 12 40.83 8.27 9.63
CA ALA C 12 39.64 8.87 9.05
C ALA C 12 38.67 9.29 10.16
N PRO C 13 37.93 10.40 9.95
CA PRO C 13 36.87 10.73 10.90
C PRO C 13 35.81 9.63 10.82
N ASP C 14 35.13 9.35 11.93
CA ASP C 14 34.07 8.35 11.94
C ASP C 14 32.79 9.01 11.41
N ILE C 15 32.39 8.65 10.20
CA ILE C 15 31.24 9.27 9.55
C ILE C 15 30.00 8.43 9.85
N LEU C 16 28.95 9.10 10.32
CA LEU C 16 27.69 8.44 10.66
C LEU C 16 26.82 8.20 9.42
N ARG C 17 26.63 9.25 8.63
CA ARG C 17 25.63 9.25 7.55
C ARG C 17 25.68 10.56 6.80
N CYS C 18 25.08 10.57 5.62
CA CYS C 18 24.77 11.81 4.95
C CYS C 18 23.75 12.52 5.86
N ALA C 19 23.87 13.84 5.97
CA ALA C 19 23.02 14.63 6.88
C ALA C 19 22.22 15.76 6.21
N TYR C 20 22.87 16.59 5.39
CA TYR C 20 22.13 17.64 4.66
C TYR C 20 22.90 18.08 3.43
N ALA C 21 22.21 18.71 2.48
CA ALA C 21 22.88 19.38 1.37
C ALA C 21 22.52 20.84 1.39
N GLU C 22 23.48 21.68 1.01
CA GLU C 22 23.17 23.09 0.77
C GLU C 22 23.20 23.32 -0.71
N LEU C 23 22.06 23.73 -1.24
CA LEU C 23 21.91 23.99 -2.67
C LEU C 23 21.73 25.47 -2.91
N VAL C 24 22.52 26.04 -3.81
CA VAL C 24 22.25 27.41 -4.27
C VAL C 24 21.14 27.39 -5.32
N VAL C 25 20.16 28.27 -5.11
CA VAL C 25 19.01 28.42 -6.01
C VAL C 25 18.88 29.87 -6.46
N THR C 26 18.30 30.10 -7.62
CA THR C 26 18.26 31.46 -8.20
C THR C 26 17.01 32.26 -7.81
N ASP C 27 15.90 31.57 -7.60
CA ASP C 27 14.66 32.21 -7.20
C ASP C 27 14.14 31.48 -5.97
N LEU C 28 14.29 32.10 -4.80
CA LEU C 28 13.97 31.45 -3.54
C LEU C 28 12.48 31.10 -3.41
N ALA C 29 11.60 32.01 -3.83
CA ALA C 29 10.16 31.78 -3.76
C ALA C 29 9.76 30.59 -4.62
N LYS C 30 10.30 30.50 -5.84
CA LYS C 30 9.99 29.38 -6.72
C LYS C 30 10.52 28.06 -6.17
N SER C 31 11.73 28.09 -5.61
CA SER C 31 12.29 26.91 -4.98
C SER C 31 11.45 26.51 -3.77
N ARG C 32 10.99 27.50 -2.99
CA ARG C 32 10.15 27.18 -1.82
C ARG C 32 8.86 26.49 -2.25
N ASN C 33 8.25 26.96 -3.33
CA ASN C 33 7.05 26.33 -3.88
CA ASN C 33 7.03 26.34 -3.85
C ASN C 33 7.25 24.85 -4.17
N PHE C 34 8.40 24.51 -4.75
CA PHE C 34 8.74 23.14 -5.08
C PHE C 34 8.94 22.27 -3.84
N TYR C 35 9.85 22.68 -2.96
CA TYR C 35 10.24 21.83 -1.85
C TYR C 35 9.25 21.81 -0.70
N VAL C 36 8.55 22.91 -0.48
CA VAL C 36 7.54 22.98 0.59
C VAL C 36 6.15 22.66 0.05
N ASP C 37 5.68 23.42 -0.94
CA ASP C 37 4.33 23.21 -1.47
C ASP C 37 4.14 21.92 -2.25
N VAL C 38 5.04 21.61 -3.18
CA VAL C 38 4.87 20.37 -3.95
C VAL C 38 5.29 19.15 -3.11
N LEU C 39 6.52 19.18 -2.58
CA LEU C 39 7.11 18.01 -1.92
C LEU C 39 6.85 17.86 -0.41
N GLY C 40 6.37 18.92 0.25
CA GLY C 40 5.91 18.79 1.62
C GLY C 40 7.00 18.78 2.70
N LEU C 41 8.24 19.15 2.34
CA LEU C 41 9.27 19.25 3.36
C LEU C 41 8.91 20.30 4.43
N HIS C 42 9.47 20.12 5.62
CA HIS C 42 9.11 20.94 6.77
C HIS C 42 10.13 22.04 7.05
N VAL C 43 9.63 23.25 7.22
CA VAL C 43 10.48 24.42 7.42
C VAL C 43 11.00 24.48 8.86
N SER C 44 12.33 24.44 9.01
CA SER C 44 12.99 24.61 10.31
C SER C 44 13.31 26.09 10.59
N TYR C 45 13.57 26.82 9.51
CA TYR C 45 13.91 28.22 9.57
C TYR C 45 13.85 28.77 8.17
N GLU C 46 13.41 30.01 8.05
CA GLU C 46 13.53 30.71 6.77
C GLU C 46 13.62 32.22 6.92
N ASP C 47 14.32 32.83 5.98
CA ASP C 47 14.32 34.28 5.84
C ASP C 47 14.32 34.63 4.33
N GLU C 48 14.68 35.87 3.99
CA GLU C 48 14.70 36.31 2.59
C GLU C 48 15.82 35.69 1.73
N ASN C 49 16.78 35.05 2.38
CA ASN C 49 17.99 34.54 1.72
C ASN C 49 18.11 33.02 1.71
N GLN C 50 17.51 32.38 2.70
CA GLN C 50 17.63 30.92 2.90
C GLN C 50 16.37 30.26 3.43
N ILE C 51 16.18 29.00 3.03
CA ILE C 51 15.12 28.14 3.58
C ILE C 51 15.78 26.85 4.07
N TYR C 52 15.53 26.53 5.34
CA TYR C 52 16.06 25.34 5.99
C TYR C 52 14.90 24.34 6.14
N LEU C 53 15.11 23.16 5.57
CA LEU C 53 14.05 22.14 5.45
C LEU C 53 14.49 20.81 6.03
N ARG C 54 13.54 20.08 6.62
CA ARG C 54 13.82 18.75 7.13
C ARG C 54 12.72 17.77 6.78
N SER C 55 13.09 16.50 6.78
CA SER C 55 12.16 15.40 6.53
C SER C 55 11.35 15.05 7.76
N PHE C 56 10.38 14.15 7.58
CA PHE C 56 9.34 13.88 8.59
C PHE C 56 9.93 13.26 9.87
N GLU C 57 10.98 12.46 9.73
CA GLU C 57 11.54 11.72 10.85
C GLU C 57 12.82 12.31 11.42
N GLU C 58 13.20 13.48 10.92
CA GLU C 58 14.51 14.05 11.27
C GLU C 58 14.46 14.76 12.61
N PHE C 59 15.54 14.67 13.38
CA PHE C 59 15.64 15.43 14.63
C PHE C 59 16.77 16.45 14.63
N ILE C 60 17.75 16.28 13.75
CA ILE C 60 18.74 17.38 13.56
C ILE C 60 18.07 18.58 12.87
N HIS C 61 18.74 19.72 12.83
CA HIS C 61 18.07 20.95 12.43
C HIS C 61 17.47 20.89 11.02
N HIS C 62 18.18 20.28 10.08
CA HIS C 62 17.74 20.27 8.68
C HIS C 62 18.43 19.20 7.87
N ASN C 63 17.78 18.85 6.75
CA ASN C 63 18.35 17.97 5.72
C ASN C 63 18.66 18.70 4.42
N LEU C 64 18.16 19.93 4.30
CA LEU C 64 18.30 20.69 3.07
C LEU C 64 18.29 22.19 3.38
N VAL C 65 19.30 22.90 2.86
CA VAL C 65 19.35 24.36 2.96
C VAL C 65 19.32 24.90 1.52
N LEU C 66 18.33 25.75 1.25
CA LEU C 66 18.23 26.44 -0.03
C LEU C 66 18.78 27.83 0.21
N THR C 67 19.83 28.18 -0.52
CA THR C 67 20.49 29.48 -0.37
C THR C 67 20.39 30.26 -1.68
N LYS C 68 19.83 31.47 -1.63
CA LYS C 68 19.70 32.30 -2.82
C LYS C 68 21.10 32.66 -3.33
N GLY C 69 21.33 32.51 -4.62
CA GLY C 69 22.61 32.86 -5.23
C GLY C 69 22.50 33.12 -6.71
N PRO C 70 23.56 33.67 -7.32
CA PRO C 70 23.53 34.00 -8.74
C PRO C 70 23.57 32.79 -9.68
N VAL C 71 24.23 31.71 -9.26
CA VAL C 71 24.42 30.51 -10.08
C VAL C 71 23.99 29.26 -9.28
N ALA C 72 22.96 28.57 -9.78
CA ALA C 72 22.50 27.32 -9.14
C ALA C 72 23.61 26.28 -9.13
N ALA C 73 23.86 25.70 -7.96
CA ALA C 73 24.96 24.76 -7.78
C ALA C 73 24.88 24.13 -6.38
N LEU C 74 25.55 23.00 -6.22
CA LEU C 74 25.77 22.45 -4.89
C LEU C 74 26.84 23.28 -4.16
N LYS C 75 26.47 23.79 -2.98
CA LYS C 75 27.41 24.53 -2.13
C LYS C 75 28.13 23.63 -1.12
N ALA C 76 27.44 22.61 -0.59
CA ALA C 76 28.07 21.63 0.29
C ALA C 76 27.20 20.39 0.44
N MET C 77 27.86 19.25 0.43
CA MET C 77 27.22 18.01 0.87
CA MET C 77 27.26 17.95 0.84
C MET C 77 27.81 17.66 2.23
N ALA C 78 26.93 17.58 3.24
CA ALA C 78 27.37 17.44 4.64
C ALA C 78 27.13 16.06 5.18
N PHE C 79 28.15 15.53 5.89
CA PHE C 79 28.07 14.27 6.61
C PHE C 79 28.20 14.54 8.10
N ARG C 80 27.37 13.90 8.92
CA ARG C 80 27.54 14.04 10.36
C ARG C 80 28.55 13.02 10.82
N VAL C 81 29.43 13.42 11.74
CA VAL C 81 30.43 12.51 12.30
C VAL C 81 30.08 12.14 13.75
N ARG C 82 30.70 11.08 14.27
CA ARG C 82 30.24 10.51 15.56
C ARG C 82 30.43 11.39 16.80
N THR C 83 31.55 12.12 16.84
CA THR C 83 31.90 12.92 18.01
C THR C 83 32.47 14.27 17.59
N PRO C 84 32.45 15.27 18.50
CA PRO C 84 33.11 16.55 18.24
C PRO C 84 34.56 16.39 17.78
N GLU C 85 35.28 15.41 18.33
CA GLU C 85 36.68 15.12 17.97
C GLU C 85 36.87 14.63 16.53
N ASP C 86 35.84 14.05 15.93
CA ASP C 86 35.95 13.60 14.55
C ASP C 86 36.03 14.75 13.55
N VAL C 87 35.59 15.95 13.96
CA VAL C 87 35.76 17.13 13.11
C VAL C 87 37.26 17.51 13.03
N ASP C 88 37.95 17.44 14.18
CA ASP C 88 39.40 17.61 14.21
C ASP C 88 40.10 16.52 13.38
N LYS C 89 39.66 15.27 13.54
CA LYS C 89 40.15 14.19 12.69
C LYS C 89 39.94 14.48 11.21
N ALA C 90 38.75 14.99 10.85
CA ALA C 90 38.48 15.33 9.44
C ALA C 90 39.45 16.38 8.90
N GLU C 91 39.71 17.39 9.71
CA GLU C 91 40.63 18.47 9.35
C GLU C 91 42.03 17.95 9.11
N ALA C 92 42.53 17.11 10.03
CA ALA C 92 43.89 16.54 9.92
C ALA C 92 44.01 15.64 8.68
N TYR C 93 42.96 14.86 8.44
CA TYR C 93 42.90 13.91 7.31
C TYR C 93 42.99 14.63 5.97
N TYR C 94 42.14 15.64 5.78
CA TYR C 94 42.10 16.39 4.52
C TYR C 94 43.32 17.31 4.32
N GLN C 95 43.88 17.82 5.41
CA GLN C 95 45.13 18.57 5.32
C GLN C 95 46.30 17.67 4.91
N GLU C 96 46.28 16.42 5.37
CA GLU C 96 47.28 15.44 4.92
C GLU C 96 47.12 15.13 3.43
N LEU C 97 45.88 15.05 2.95
CA LEU C 97 45.61 14.88 1.52
C LEU C 97 45.97 16.09 0.63
N GLY C 98 46.31 17.23 1.24
CA GLY C 98 46.67 18.43 0.49
C GLY C 98 45.47 19.22 0.01
N CYS C 99 44.33 19.01 0.64
CA CYS C 99 43.09 19.69 0.26
C CYS C 99 42.90 21.01 0.98
N ARG C 100 42.28 21.96 0.29
CA ARG C 100 41.89 23.22 0.91
C ARG C 100 40.77 22.96 1.91
N THR C 101 40.93 23.46 3.13
CA THR C 101 39.93 23.28 4.19
C THR C 101 39.55 24.61 4.83
N GLU C 102 38.31 24.70 5.32
CA GLU C 102 37.88 25.85 6.10
C GLU C 102 37.09 25.37 7.33
N ARG C 103 37.49 25.88 8.49
CA ARG C 103 36.90 25.50 9.77
C ARG C 103 36.12 26.68 10.35
N ARG C 104 34.87 26.44 10.72
CA ARG C 104 34.08 27.46 11.43
C ARG C 104 33.50 26.91 12.73
N LYS C 105 33.98 27.44 13.85
CA LYS C 105 33.57 26.98 15.17
C LYS C 105 32.07 27.14 15.40
N ASP C 106 31.47 28.10 14.72
CA ASP C 106 30.03 28.37 14.86
C ASP C 106 29.22 28.02 13.61
N GLY C 107 29.85 27.26 12.71
CA GLY C 107 29.16 26.69 11.54
C GLY C 107 29.05 27.61 10.36
N PHE C 108 28.68 27.04 9.22
CA PHE C 108 28.50 27.77 7.98
C PHE C 108 27.04 28.14 7.71
N VAL C 109 26.12 27.36 8.30
CA VAL C 109 24.69 27.59 8.13
C VAL C 109 24.05 27.50 9.50
N LYS C 110 22.85 28.06 9.65
CA LYS C 110 22.18 28.02 10.96
C LYS C 110 21.87 26.59 11.41
N GLY C 111 21.86 26.39 12.72
CA GLY C 111 21.57 25.06 13.30
C GLY C 111 22.68 24.02 13.19
N ILE C 112 23.86 24.45 12.71
CA ILE C 112 25.06 23.62 12.71
C ILE C 112 26.10 24.37 13.52
N GLY C 113 26.81 23.65 14.38
CA GLY C 113 27.91 24.20 15.18
C GLY C 113 29.25 23.99 14.50
N ASP C 114 30.26 23.63 15.29
CA ASP C 114 31.62 23.47 14.78
C ASP C 114 31.60 22.64 13.50
N ALA C 115 32.14 23.18 12.41
CA ALA C 115 32.04 22.51 11.11
C ALA C 115 33.28 22.70 10.26
N LEU C 116 33.62 21.66 9.50
CA LEU C 116 34.74 21.73 8.56
C LEU C 116 34.23 21.54 7.15
N ARG C 117 34.55 22.48 6.25
CA ARG C 117 34.29 22.30 4.82
C ARG C 117 35.62 22.12 4.09
N VAL C 118 35.60 21.27 3.08
CA VAL C 118 36.79 20.91 2.33
C VAL C 118 36.47 20.88 0.84
N GLU C 119 37.45 21.22 -0.01
CA GLU C 119 37.37 20.91 -1.43
C GLU C 119 38.07 19.58 -1.58
N ASP C 120 37.30 18.51 -1.76
CA ASP C 120 37.88 17.17 -1.68
C ASP C 120 38.70 16.78 -2.93
N PRO C 121 39.40 15.63 -2.89
CA PRO C 121 40.26 15.22 -4.04
C PRO C 121 39.55 15.08 -5.38
N LEU C 122 38.23 14.92 -5.33
CA LEU C 122 37.40 14.83 -6.53
C LEU C 122 36.73 16.18 -6.85
N GLY C 123 37.09 17.20 -6.09
CA GLY C 123 36.61 18.54 -6.35
C GLY C 123 35.25 18.85 -5.73
N PHE C 124 34.77 17.98 -4.85
CA PHE C 124 33.47 18.22 -4.19
C PHE C 124 33.55 18.97 -2.87
N PRO C 125 32.55 19.86 -2.61
CA PRO C 125 32.54 20.56 -1.33
C PRO C 125 31.87 19.67 -0.28
N TYR C 126 32.68 18.96 0.49
CA TYR C 126 32.19 18.14 1.60
C TYR C 126 32.20 18.95 2.90
N GLU C 127 31.18 18.75 3.73
CA GLU C 127 31.20 19.30 5.10
C GLU C 127 31.15 18.15 6.14
N PHE C 128 31.92 18.30 7.21
CA PHE C 128 31.85 17.41 8.37
C PHE C 128 31.50 18.20 9.63
N PHE C 129 30.54 17.69 10.41
CA PHE C 129 30.11 18.36 11.62
C PHE C 129 29.55 17.31 12.58
N PHE C 130 29.58 17.64 13.87
CA PHE C 130 28.84 16.88 14.88
C PHE C 130 27.70 17.71 15.46
N GLU C 131 28.04 18.90 15.96
CA GLU C 131 27.11 19.79 16.65
C GLU C 131 25.98 20.28 15.75
N THR C 132 24.75 20.07 16.21
CA THR C 132 23.58 20.57 15.49
C THR C 132 22.42 20.79 16.45
N THR C 133 21.64 21.82 16.16
CA THR C 133 20.46 22.14 16.96
C THR C 133 19.37 21.09 16.75
N HIS C 134 18.96 20.43 17.82
CA HIS C 134 17.86 19.45 17.76
C HIS C 134 16.54 20.20 17.64
N VAL C 135 15.60 19.62 16.88
CA VAL C 135 14.29 20.21 16.68
C VAL C 135 13.23 19.14 16.97
N GLU C 136 11.95 19.51 16.95
CA GLU C 136 10.89 18.52 17.20
C GLU C 136 10.93 17.45 16.10
N ARG C 137 11.12 16.19 16.52
CA ARG C 137 11.12 15.07 15.57
C ARG C 137 9.66 14.82 15.20
N LEU C 138 9.35 14.97 13.91
CA LEU C 138 7.93 14.95 13.48
C LEU C 138 7.37 13.56 13.14
N HIS C 139 8.07 12.50 13.57
CA HIS C 139 7.81 11.14 13.09
C HIS C 139 6.42 10.57 13.41
N MET C 140 5.77 11.12 14.45
CA MET C 140 4.39 10.70 14.75
C MET C 140 3.38 11.85 14.60
N ARG C 141 3.76 12.89 13.85
CA ARG C 141 2.87 14.01 13.59
C ARG C 141 2.00 13.71 12.37
N TYR C 142 1.15 12.71 12.54
CA TYR C 142 0.30 12.26 11.45
C TYR C 142 -0.72 13.30 11.02
N ASP C 143 -0.93 14.31 11.85
CA ASP C 143 -1.73 15.47 11.47
C ASP C 143 -1.07 16.33 10.38
N LEU C 144 0.25 16.16 10.22
CA LEU C 144 1.04 16.87 9.21
C LEU C 144 1.41 15.96 8.04
N TYR C 145 1.19 14.66 8.18
CA TYR C 145 1.65 13.70 7.17
C TYR C 145 0.96 13.88 5.82
N SER C 146 1.77 14.06 4.79
N SER C 146 1.74 14.06 4.77
CA SER C 146 1.31 14.15 3.39
CA SER C 146 1.18 14.18 3.43
C SER C 146 1.20 12.78 2.73
C SER C 146 1.20 12.83 2.70
N ALA C 147 0.33 12.71 1.70
CA ALA C 147 0.24 11.48 0.92
C ALA C 147 1.56 11.14 0.22
N GLY C 148 2.43 12.13 0.06
CA GLY C 148 3.75 11.89 -0.57
C GLY C 148 4.92 12.11 0.38
N GLU C 149 4.69 11.89 1.68
CA GLU C 149 5.64 12.37 2.69
C GLU C 149 7.06 11.84 2.54
N LEU C 150 8.01 12.76 2.55
CA LEU C 150 9.44 12.44 2.52
C LEU C 150 9.90 12.27 3.97
N VAL C 151 10.35 11.07 4.32
CA VAL C 151 10.56 10.73 5.73
C VAL C 151 12.02 10.85 6.21
N ARG C 152 12.98 10.62 5.32
CA ARG C 152 14.39 10.74 5.66
CA ARG C 152 14.40 10.73 5.65
C ARG C 152 15.19 11.23 4.45
N LEU C 153 16.35 11.81 4.71
CA LEU C 153 17.37 12.02 3.70
C LEU C 153 18.11 10.69 3.58
N ASP C 154 18.26 10.19 2.35
CA ASP C 154 18.91 8.90 2.19
C ASP C 154 20.36 8.94 1.67
N HIS C 155 20.61 9.72 0.61
CA HIS C 155 21.94 9.68 -0.01
C HIS C 155 22.20 10.84 -0.98
N PHE C 156 23.47 10.99 -1.34
CA PHE C 156 23.88 11.86 -2.44
C PHE C 156 24.36 10.98 -3.60
N ASN C 157 24.43 11.56 -4.79
CA ASN C 157 25.03 10.84 -5.91
C ASN C 157 25.87 11.84 -6.72
N GLN C 158 27.14 11.48 -6.92
CA GLN C 158 28.16 12.42 -7.47
C GLN C 158 28.61 11.95 -8.84
N VAL C 159 28.73 12.89 -9.79
CA VAL C 159 29.31 12.54 -11.09
C VAL C 159 30.81 12.84 -11.05
N THR C 160 31.61 11.83 -11.39
CA THR C 160 33.08 11.95 -11.38
C THR C 160 33.66 11.17 -12.57
N PRO C 161 34.70 11.71 -13.21
CA PRO C 161 35.19 11.05 -14.44
C PRO C 161 35.87 9.69 -14.25
N ASP C 162 36.48 9.47 -13.10
CA ASP C 162 37.27 8.26 -12.84
C ASP C 162 36.72 7.56 -11.60
N VAL C 163 35.93 6.53 -11.83
CA VAL C 163 35.22 5.88 -10.70
C VAL C 163 36.15 5.10 -9.75
N PRO C 164 37.06 4.24 -10.29
CA PRO C 164 37.98 3.55 -9.38
C PRO C 164 38.82 4.49 -8.51
N ARG C 165 39.27 5.61 -9.07
CA ARG C 165 40.03 6.58 -8.30
C ARG C 165 39.25 7.15 -7.10
N GLY C 166 38.00 7.53 -7.36
CA GLY C 166 37.12 8.02 -6.31
C GLY C 166 36.74 6.95 -5.31
N ARG C 167 36.51 5.73 -5.80
CA ARG C 167 36.17 4.59 -4.94
C ARG C 167 37.23 4.28 -3.89
N LYS C 168 38.50 4.27 -4.31
CA LYS C 168 39.59 3.99 -3.37
C LYS C 168 39.63 5.04 -2.27
N TYR C 169 39.50 6.30 -2.67
CA TYR C 169 39.50 7.43 -1.76
C TYR C 169 38.36 7.30 -0.73
N LEU C 170 37.16 6.98 -1.21
CA LEU C 170 36.01 6.86 -0.30
C LEU C 170 36.13 5.64 0.61
N GLU C 171 36.70 4.56 0.10
CA GLU C 171 36.94 3.35 0.92
C GLU C 171 37.92 3.68 2.04
N ASP C 172 38.98 4.41 1.72
CA ASP C 172 39.96 4.81 2.74
C ASP C 172 39.29 5.69 3.79
N LEU C 173 38.32 6.48 3.34
CA LEU C 173 37.53 7.33 4.23
C LEU C 173 36.51 6.52 5.05
N GLY C 174 36.36 5.24 4.73
CA GLY C 174 35.57 4.33 5.55
C GLY C 174 34.24 3.90 4.95
N PHE C 175 33.91 4.43 3.77
CA PHE C 175 32.72 3.94 3.05
C PHE C 175 32.97 2.53 2.55
N ARG C 176 31.92 1.72 2.53
CA ARG C 176 32.00 0.36 2.05
C ARG C 176 31.16 0.22 0.79
N VAL C 177 31.80 -0.26 -0.28
CA VAL C 177 31.06 -0.52 -1.52
C VAL C 177 30.09 -1.67 -1.40
N THR C 178 28.85 -1.41 -1.83
CA THR C 178 27.77 -2.38 -1.74
C THR C 178 27.43 -2.96 -3.13
N GLU C 179 27.43 -2.09 -4.14
CA GLU C 179 27.12 -2.49 -5.53
C GLU C 179 27.94 -1.66 -6.50
N ASP C 180 28.19 -2.23 -7.67
CA ASP C 180 28.78 -1.45 -8.75
C ASP C 180 28.35 -1.94 -10.12
N ILE C 181 28.66 -1.13 -11.13
CA ILE C 181 28.40 -1.50 -12.52
C ILE C 181 29.73 -1.51 -13.26
N GLN C 182 30.04 -2.64 -13.90
CA GLN C 182 31.30 -2.82 -14.66
C GLN C 182 31.01 -3.49 -16.01
N ASP C 183 32.02 -3.57 -16.87
CA ASP C 183 31.91 -4.47 -18.02
C ASP C 183 33.07 -5.47 -18.02
N ASP C 184 33.04 -6.39 -18.98
CA ASP C 184 34.03 -7.45 -19.10
C ASP C 184 35.42 -6.95 -19.53
N GLU C 185 35.47 -5.75 -20.10
N GLU C 185 35.45 -5.73 -20.07
CA GLU C 185 36.75 -5.13 -20.46
CA GLU C 185 36.67 -5.05 -20.49
C GLU C 185 37.46 -4.66 -19.20
C GLU C 185 37.32 -4.27 -19.34
N GLY C 186 36.69 -4.34 -18.16
CA GLY C 186 37.25 -3.83 -16.91
C GLY C 186 36.98 -2.37 -16.58
N THR C 187 36.07 -1.74 -17.32
CA THR C 187 35.64 -0.37 -17.04
C THR C 187 34.60 -0.40 -15.91
N THR C 188 34.70 0.56 -14.98
CA THR C 188 33.68 0.78 -13.93
C THR C 188 32.89 2.02 -14.30
N TYR C 189 31.56 1.88 -14.28
CA TYR C 189 30.66 2.94 -14.68
C TYR C 189 30.02 3.64 -13.49
N ALA C 190 29.96 2.94 -12.37
CA ALA C 190 29.27 3.45 -11.18
C ALA C 190 29.57 2.58 -9.96
N ALA C 191 29.59 3.19 -8.78
CA ALA C 191 29.75 2.46 -7.51
C ALA C 191 28.88 3.12 -6.45
N TRP C 192 28.39 2.31 -5.52
CA TRP C 192 27.53 2.78 -4.41
C TRP C 192 28.24 2.42 -3.10
N MET C 193 28.21 3.32 -2.12
CA MET C 193 28.96 3.06 -0.89
C MET C 193 28.30 3.67 0.33
N HIS C 194 28.41 2.98 1.46
CA HIS C 194 27.65 3.37 2.65
C HIS C 194 28.46 3.54 3.92
N ARG C 195 27.87 4.26 4.86
CA ARG C 195 28.29 4.26 6.26
C ARG C 195 27.15 3.79 7.17
N LYS C 196 25.93 4.26 6.94
CA LYS C 196 24.83 4.02 7.87
C LYS C 196 24.11 2.64 7.78
N GLY C 197 24.54 1.77 6.87
CA GLY C 197 23.94 0.44 6.81
C GLY C 197 22.73 0.32 5.89
N THR C 198 22.58 1.29 5.00
CA THR C 198 21.67 1.16 3.84
C THR C 198 22.58 0.95 2.62
N VAL C 199 21.99 0.88 1.43
CA VAL C 199 22.79 0.59 0.23
C VAL C 199 23.83 1.66 0.00
N HIS C 200 23.49 2.91 0.33
CA HIS C 200 24.49 3.98 0.23
C HIS C 200 24.20 5.24 0.98
N ASP C 201 25.28 5.96 1.29
CA ASP C 201 25.22 7.35 1.71
C ASP C 201 25.71 8.29 0.61
N THR C 202 26.66 7.82 -0.20
CA THR C 202 26.95 8.51 -1.44
C THR C 202 27.24 7.48 -2.52
N ALA C 203 27.33 7.96 -3.75
CA ALA C 203 27.60 7.08 -4.89
C ALA C 203 28.37 7.88 -5.92
N LEU C 204 29.09 7.14 -6.76
CA LEU C 204 29.82 7.72 -7.87
C LEU C 204 29.18 7.23 -9.17
N THR C 205 28.82 8.17 -10.03
CA THR C 205 28.34 7.90 -11.39
C THR C 205 29.43 8.40 -12.36
N GLY C 206 29.90 7.54 -13.25
CA GLY C 206 30.94 7.94 -14.23
C GLY C 206 30.41 9.00 -15.17
N GLY C 207 31.17 10.09 -15.31
CA GLY C 207 30.78 11.18 -16.19
C GLY C 207 31.68 12.38 -15.98
N ASN C 208 31.41 13.45 -16.73
CA ASN C 208 32.17 14.67 -16.59
C ASN C 208 31.88 15.29 -15.23
N GLY C 209 32.92 15.68 -14.49
CA GLY C 209 32.71 16.20 -13.14
C GLY C 209 33.86 17.04 -12.61
N PRO C 210 33.74 17.54 -11.36
CA PRO C 210 32.65 17.24 -10.40
C PRO C 210 31.31 17.88 -10.70
N ARG C 211 30.25 17.07 -10.62
CA ARG C 211 28.88 17.57 -10.66
C ARG C 211 28.07 16.73 -9.67
N LEU C 212 27.01 17.33 -9.14
CA LEU C 212 26.10 16.60 -8.26
C LEU C 212 24.98 16.02 -9.10
N HIS C 213 24.89 14.69 -9.11
CA HIS C 213 23.84 14.02 -9.87
C HIS C 213 22.46 14.23 -9.22
N HIS C 214 22.35 13.88 -7.95
CA HIS C 214 21.08 14.08 -7.21
C HIS C 214 21.25 13.99 -5.70
N VAL C 215 20.23 14.47 -4.98
CA VAL C 215 20.05 14.22 -3.54
C VAL C 215 18.79 13.35 -3.47
N ALA C 216 18.82 12.32 -2.62
CA ALA C 216 17.69 11.37 -2.50
C ALA C 216 17.03 11.46 -1.14
N PHE C 217 15.71 11.47 -1.14
CA PHE C 217 14.89 11.37 0.09
C PHE C 217 14.07 10.08 0.04
N SER C 218 13.80 9.50 1.21
CA SER C 218 13.00 8.27 1.26
CA SER C 218 13.02 8.27 1.31
C SER C 218 11.55 8.55 1.60
N THR C 219 10.70 7.60 1.21
CA THR C 219 9.29 7.56 1.70
C THR C 219 9.12 6.25 2.45
N HIS C 220 7.99 6.11 3.17
CA HIS C 220 7.72 4.85 3.86
C HIS C 220 7.35 3.76 2.85
N GLU C 221 6.48 4.10 1.89
CA GLU C 221 5.89 3.08 1.02
C GLU C 221 5.92 3.51 -0.45
N LYS C 222 5.71 2.53 -1.33
CA LYS C 222 5.76 2.79 -2.76
C LYS C 222 4.63 3.72 -3.20
N HIS C 223 3.46 3.57 -2.57
CA HIS C 223 2.33 4.46 -2.90
C HIS C 223 2.65 5.95 -2.68
N ASN C 224 3.56 6.25 -1.75
CA ASN C 224 3.93 7.64 -1.48
C ASN C 224 4.65 8.25 -2.71
N ILE C 225 5.45 7.42 -3.38
CA ILE C 225 6.19 7.85 -4.57
C ILE C 225 5.20 8.02 -5.73
N ILE C 226 4.27 7.09 -5.87
CA ILE C 226 3.17 7.20 -6.84
CA ILE C 226 3.20 7.22 -6.85
C ILE C 226 2.41 8.53 -6.65
N GLN C 227 2.13 8.86 -5.39
CA GLN C 227 1.39 10.11 -5.08
C GLN C 227 2.14 11.36 -5.58
N ILE C 228 3.47 11.38 -5.43
CA ILE C 228 4.26 12.51 -5.91
C ILE C 228 4.06 12.68 -7.42
N CYS C 229 4.11 11.58 -8.18
CA CYS C 229 3.88 11.63 -9.64
C CYS C 229 2.46 12.14 -9.93
N ASP C 230 1.47 11.58 -9.22
CA ASP C 230 0.07 11.97 -9.42
C ASP C 230 -0.13 13.45 -9.17
N LYS C 231 0.48 13.96 -8.10
CA LYS C 231 0.36 15.36 -7.73
C LYS C 231 1.01 16.26 -8.79
N MET C 232 2.17 15.84 -9.31
CA MET C 232 2.82 16.62 -10.39
C MET C 232 1.97 16.66 -11.65
N GLY C 233 1.28 15.56 -11.95
CA GLY C 233 0.28 15.55 -13.02
C GLY C 233 -0.82 16.57 -12.77
N ALA C 234 -1.38 16.57 -11.55
CA ALA C 234 -2.47 17.50 -11.21
C ALA C 234 -2.04 18.98 -11.28
N LEU C 235 -0.77 19.23 -10.95
CA LEU C 235 -0.19 20.58 -10.98
C LEU C 235 0.30 20.95 -12.38
N ARG C 236 0.12 20.01 -13.33
CA ARG C 236 0.53 20.18 -14.72
C ARG C 236 2.02 20.53 -14.85
N ILE C 237 2.81 19.84 -14.05
CA ILE C 237 4.27 19.93 -14.06
C ILE C 237 4.89 18.55 -14.27
N SER C 238 4.18 17.68 -15.01
CA SER C 238 4.70 16.35 -15.33
C SER C 238 6.00 16.40 -16.17
N ASP C 239 6.26 17.53 -16.83
CA ASP C 239 7.53 17.70 -17.56
C ASP C 239 8.74 17.81 -16.62
N ARG C 240 8.46 17.95 -15.32
CA ARG C 240 9.54 17.95 -14.31
C ARG C 240 9.78 16.56 -13.70
N ILE C 241 8.99 15.57 -14.14
CA ILE C 241 9.29 14.17 -13.86
C ILE C 241 10.28 13.72 -14.91
N GLU C 242 11.50 13.42 -14.49
CA GLU C 242 12.56 13.08 -15.44
C GLU C 242 12.60 11.61 -15.83
N ARG C 243 12.51 10.73 -14.83
CA ARG C 243 12.74 9.32 -15.01
C ARG C 243 12.01 8.57 -13.91
N GLY C 244 11.30 7.52 -14.30
CA GLY C 244 10.56 6.69 -13.36
C GLY C 244 9.08 7.00 -13.39
N PRO C 245 8.34 6.50 -12.40
CA PRO C 245 8.86 5.72 -11.29
C PRO C 245 9.24 4.31 -11.75
N GLY C 246 10.09 3.65 -10.96
CA GLY C 246 10.49 2.29 -11.28
C GLY C 246 11.05 1.55 -10.08
N ARG C 247 11.55 0.35 -10.36
CA ARG C 247 12.28 -0.47 -9.42
C ARG C 247 13.71 -0.48 -9.91
N HIS C 248 14.64 -0.10 -9.04
CA HIS C 248 16.06 -0.19 -9.37
C HIS C 248 16.51 -1.64 -9.38
N GLY C 249 17.47 -1.98 -10.24
CA GLY C 249 18.18 -3.23 -10.11
C GLY C 249 19.19 -3.05 -8.99
N VAL C 250 20.21 -2.23 -9.26
CA VAL C 250 21.14 -1.84 -8.19
C VAL C 250 20.30 -1.24 -7.04
N SER C 251 20.54 -1.72 -5.82
CA SER C 251 19.86 -1.22 -4.59
C SER C 251 18.48 -1.83 -4.33
N ASN C 252 17.81 -2.32 -5.37
CA ASN C 252 16.46 -2.89 -5.27
C ASN C 252 15.39 -1.88 -4.80
N ALA C 253 15.72 -0.60 -4.75
CA ALA C 253 14.77 0.42 -4.27
C ALA C 253 13.75 0.83 -5.34
N PHE C 254 12.54 1.18 -4.89
CA PHE C 254 11.53 1.78 -5.76
C PHE C 254 11.90 3.27 -5.82
N TYR C 255 11.80 3.89 -7.00
CA TYR C 255 12.39 5.22 -7.18
C TYR C 255 11.62 6.12 -8.14
N LEU C 256 12.00 7.40 -8.10
CA LEU C 256 11.50 8.44 -8.99
C LEU C 256 12.54 9.53 -9.03
N TYR C 257 12.80 10.10 -10.22
CA TYR C 257 13.63 11.33 -10.27
C TYR C 257 12.85 12.49 -10.82
N ILE C 258 12.98 13.63 -10.13
CA ILE C 258 12.28 14.86 -10.50
C ILE C 258 13.28 16.01 -10.53
N LEU C 259 12.90 17.10 -11.21
CA LEU C 259 13.79 18.25 -11.37
C LEU C 259 13.23 19.48 -10.67
N ASP C 260 14.04 20.13 -9.84
CA ASP C 260 13.62 21.35 -9.17
C ASP C 260 13.71 22.56 -10.12
N PRO C 261 13.25 23.75 -9.69
CA PRO C 261 13.26 24.91 -10.60
C PRO C 261 14.60 25.26 -11.26
N ASP C 262 15.70 24.93 -10.59
CA ASP C 262 17.05 25.16 -11.16
C ASP C 262 17.66 23.91 -11.80
N ASN C 263 16.81 22.92 -12.07
N ASN C 263 16.81 22.91 -12.04
CA ASN C 263 17.24 21.62 -12.63
CA ASN C 263 17.20 21.64 -12.64
C ASN C 263 18.19 20.81 -11.74
C ASN C 263 18.02 20.72 -11.72
N HIS C 264 18.14 21.08 -10.43
CA HIS C 264 18.74 20.17 -9.44
C HIS C 264 17.84 18.93 -9.41
N ARG C 265 18.44 17.77 -9.53
CA ARG C 265 17.71 16.51 -9.55
C ARG C 265 17.51 15.94 -8.14
N ILE C 266 16.26 15.58 -7.86
CA ILE C 266 15.90 14.98 -6.59
C ILE C 266 15.37 13.57 -6.85
N GLU C 267 15.91 12.58 -6.13
CA GLU C 267 15.37 11.23 -6.19
C GLU C 267 14.48 10.98 -4.99
N ILE C 268 13.36 10.31 -5.22
CA ILE C 268 12.56 9.75 -4.14
C ILE C 268 12.73 8.24 -4.18
N TYR C 269 12.93 7.63 -3.00
CA TYR C 269 13.57 6.33 -2.92
C TYR C 269 12.93 5.57 -1.76
N THR C 270 12.71 4.26 -1.91
CA THR C 270 12.22 3.48 -0.75
C THR C 270 12.55 2.00 -0.84
N GLN C 271 12.78 1.40 0.33
CA GLN C 271 12.85 -0.04 0.49
C GLN C 271 14.06 -0.72 -0.15
N ASP C 272 15.22 -0.13 0.06
CA ASP C 272 16.45 -0.89 -0.17
C ASP C 272 16.73 -1.80 1.03
N TYR C 273 17.91 -2.44 1.07
CA TYR C 273 18.17 -3.52 2.02
C TYR C 273 19.30 -3.17 3.01
N TYR C 274 19.46 -4.02 4.03
CA TYR C 274 20.47 -3.81 5.10
C TYR C 274 21.89 -4.20 4.66
N THR C 275 22.84 -3.32 4.91
CA THR C 275 24.22 -3.55 4.47
C THR C 275 25.23 -3.48 5.61
N GLY C 276 24.74 -3.43 6.85
CA GLY C 276 25.59 -3.06 8.00
C GLY C 276 26.64 -4.09 8.38
N ASP C 277 26.48 -5.34 7.95
CA ASP C 277 27.49 -6.37 8.28
C ASP C 277 28.77 -6.10 7.46
N PRO C 278 29.95 -6.27 8.10
CA PRO C 278 31.21 -5.90 7.42
C PRO C 278 31.54 -6.73 6.18
N ASP C 279 31.00 -7.95 6.11
CA ASP C 279 31.18 -8.83 4.96
C ASP C 279 29.95 -8.83 4.04
N ASN C 280 29.15 -7.76 4.12
CA ASN C 280 27.97 -7.64 3.26
C ASN C 280 28.38 -7.96 1.81
N PRO C 281 27.67 -8.90 1.14
CA PRO C 281 28.10 -9.28 -0.23
C PRO C 281 27.97 -8.14 -1.23
N THR C 282 29.05 -7.89 -1.96
N THR C 282 29.08 -7.86 -1.92
CA THR C 282 29.13 -6.81 -2.95
CA THR C 282 29.07 -6.88 -2.98
C THR C 282 28.64 -7.30 -4.32
C THR C 282 28.35 -7.47 -4.17
N ILE C 283 27.64 -6.61 -4.90
CA ILE C 283 26.98 -7.03 -6.11
C ILE C 283 27.52 -6.24 -7.30
N THR C 284 27.98 -6.95 -8.33
CA THR C 284 28.44 -6.30 -9.56
C THR C 284 27.49 -6.65 -10.70
N TRP C 285 27.01 -5.63 -11.40
CA TRP C 285 26.16 -5.80 -12.56
C TRP C 285 26.96 -5.48 -13.82
N ASN C 286 26.60 -6.16 -14.91
CA ASN C 286 27.19 -5.87 -16.21
C ASN C 286 26.51 -4.65 -16.82
N VAL C 287 27.30 -3.74 -17.41
CA VAL C 287 26.77 -2.50 -17.96
C VAL C 287 25.66 -2.73 -19.02
N HIS C 288 25.71 -3.90 -19.66
CA HIS C 288 24.79 -4.21 -20.76
C HIS C 288 23.49 -4.87 -20.29
N ASP C 289 23.40 -5.13 -18.98
CA ASP C 289 22.22 -5.76 -18.38
C ASP C 289 21.10 -4.72 -18.29
N ASN C 290 20.05 -4.92 -19.09
CA ASN C 290 18.96 -3.96 -19.19
C ASN C 290 18.07 -3.90 -17.95
N GLN C 291 18.34 -4.77 -16.97
CA GLN C 291 17.59 -4.72 -15.71
C GLN C 291 18.41 -4.11 -14.57
N ARG C 292 19.61 -3.58 -14.87
CA ARG C 292 20.52 -3.13 -13.80
C ARG C 292 20.06 -1.79 -13.18
N ARG C 293 19.50 -0.91 -14.02
CA ARG C 293 19.12 0.42 -13.58
C ARG C 293 17.61 0.52 -13.34
N ASP C 294 16.84 0.06 -14.32
CA ASP C 294 15.42 -0.17 -14.10
C ASP C 294 15.20 -1.67 -14.26
N TRP C 295 14.75 -2.32 -13.18
CA TRP C 295 14.60 -3.77 -13.10
C TRP C 295 13.56 -4.29 -14.10
N TRP C 296 12.66 -3.40 -14.51
CA TRP C 296 11.55 -3.77 -15.39
C TRP C 296 11.96 -3.52 -16.85
N GLY C 297 13.21 -3.09 -17.02
CA GLY C 297 13.77 -2.86 -18.35
C GLY C 297 13.37 -1.57 -19.01
N ASN C 298 12.71 -0.66 -18.27
CA ASN C 298 12.36 0.63 -18.86
C ASN C 298 13.62 1.40 -19.24
N PRO C 299 13.57 2.16 -20.35
CA PRO C 299 14.78 2.85 -20.80
C PRO C 299 15.23 3.95 -19.85
N VAL C 300 16.54 4.15 -19.77
CA VAL C 300 17.08 5.26 -19.00
C VAL C 300 17.16 6.50 -19.90
N VAL C 301 16.36 7.51 -19.53
CA VAL C 301 16.32 8.80 -20.21
CA VAL C 301 16.33 8.79 -20.24
C VAL C 301 17.75 9.35 -20.43
N PRO C 302 18.07 9.82 -21.66
CA PRO C 302 19.42 10.34 -21.91
C PRO C 302 19.88 11.48 -20.99
N SER C 303 18.98 12.39 -20.61
CA SER C 303 19.32 13.48 -19.68
C SER C 303 19.84 12.95 -18.34
N TRP C 304 19.40 11.74 -17.96
CA TRP C 304 19.84 11.16 -16.70
C TRP C 304 21.34 10.89 -16.72
N TYR C 305 21.87 10.51 -17.88
CA TYR C 305 23.31 10.33 -18.06
C TYR C 305 24.08 11.61 -18.33
N THR C 306 23.45 12.63 -18.90
CA THR C 306 24.22 13.79 -19.36
C THR C 306 24.14 15.03 -18.48
N GLU C 307 23.00 15.20 -17.77
CA GLU C 307 22.76 16.40 -16.99
C GLU C 307 23.02 16.18 -15.49
N ALA C 308 23.62 17.18 -14.87
CA ALA C 308 23.90 17.18 -13.42
C ALA C 308 24.22 18.61 -12.97
N SER C 309 24.17 18.86 -11.66
CA SER C 309 24.37 20.19 -11.11
C SER C 309 25.84 20.57 -10.95
N LYS C 310 26.15 21.82 -11.26
CA LYS C 310 27.45 22.38 -10.93
C LYS C 310 27.71 22.27 -9.42
N VAL C 311 28.98 22.24 -9.05
CA VAL C 311 29.33 22.31 -7.63
C VAL C 311 30.28 23.50 -7.41
N LEU C 312 30.25 24.05 -6.21
CA LEU C 312 31.07 25.23 -5.86
C LEU C 312 32.34 24.86 -5.10
N ASP C 313 33.37 25.70 -5.24
CA ASP C 313 34.52 25.62 -4.36
C ASP C 313 34.28 26.47 -3.11
N LEU C 314 35.28 26.59 -2.25
CA LEU C 314 35.08 27.25 -0.97
C LEU C 314 34.91 28.78 -1.06
N ASP C 315 35.22 29.36 -2.22
CA ASP C 315 35.02 30.80 -2.44
C ASP C 315 33.66 31.10 -3.09
N GLY C 316 32.93 30.04 -3.45
CA GLY C 316 31.62 30.20 -4.06
C GLY C 316 31.66 30.24 -5.57
N ASN C 317 32.81 29.91 -6.15
CA ASN C 317 32.95 29.81 -7.59
C ASN C 317 32.72 28.39 -8.08
N VAL C 318 32.12 28.27 -9.25
CA VAL C 318 31.83 26.97 -9.87
C VAL C 318 33.13 26.21 -10.17
N GLN C 319 33.17 24.94 -9.80
CA GLN C 319 34.31 24.07 -10.13
C GLN C 319 34.33 23.74 -11.61
N GLU C 320 35.52 23.89 -12.20
CA GLU C 320 35.75 23.46 -13.58
C GLU C 320 35.47 21.96 -13.77
N ILE C 321 34.82 21.62 -14.88
CA ILE C 321 34.52 20.24 -15.21
C ILE C 321 35.69 19.54 -15.94
N ILE C 322 35.98 18.32 -15.50
CA ILE C 322 36.97 17.45 -16.14
C ILE C 322 36.23 16.36 -16.90
N LEU C 323 36.58 16.16 -18.16
CA LEU C 323 35.90 15.17 -18.99
C LEU C 323 36.27 13.72 -18.65
N ARG C 324 35.26 12.84 -18.67
CA ARG C 324 35.47 11.41 -18.58
C ARG C 324 36.10 10.89 -19.88
N THR C 325 37.17 10.13 -19.74
CA THR C 325 37.79 9.50 -20.90
C THR C 325 37.42 8.01 -21.01
N ASP C 326 37.11 7.39 -19.87
CA ASP C 326 36.56 6.03 -19.83
C ASP C 326 35.27 5.93 -20.66
N ASP C 327 34.88 4.72 -21.05
CA ASP C 327 33.67 4.53 -21.88
C ASP C 327 32.42 5.14 -21.22
N SER C 328 31.48 5.59 -22.04
CA SER C 328 30.26 6.23 -21.57
C SER C 328 29.17 5.18 -21.41
N GLU C 329 28.55 5.13 -20.23
CA GLU C 329 27.43 4.21 -20.02
C GLU C 329 26.30 4.44 -21.03
N LEU C 330 25.98 5.71 -21.29
CA LEU C 330 25.01 6.05 -22.32
C LEU C 330 25.43 5.41 -23.66
N GLU C 331 26.65 5.71 -24.09
CA GLU C 331 27.10 5.28 -25.41
C GLU C 331 27.06 3.77 -25.58
N VAL C 332 27.58 3.03 -24.60
CA VAL C 332 27.71 1.58 -24.77
C VAL C 332 26.38 0.81 -24.60
N THR C 333 25.34 1.47 -24.08
CA THR C 333 24.06 0.80 -23.87
C THR C 333 22.92 1.27 -24.79
N ILE C 334 22.82 2.59 -25.01
CA ILE C 334 21.67 3.15 -25.74
C ILE C 334 22.07 4.05 -26.92
N GLY C 335 23.37 4.27 -27.08
CA GLY C 335 23.90 5.05 -28.20
C GLY C 335 23.89 4.23 -29.48
N ALA C 336 24.29 4.86 -30.59
CA ALA C 336 24.23 4.22 -31.92
C ALA C 336 25.03 2.90 -32.01
N ASP C 337 26.09 2.80 -31.22
CA ASP C 337 26.95 1.61 -31.20
C ASP C 337 26.83 0.81 -29.89
N GLY C 338 25.80 1.14 -29.10
CA GLY C 338 25.58 0.46 -27.83
C GLY C 338 24.64 -0.73 -27.95
N PHE C 339 24.54 -1.49 -26.87
CA PHE C 339 23.59 -2.58 -26.82
C PHE C 339 23.25 -2.93 -25.38
N SER C 340 22.10 -3.57 -25.21
CA SER C 340 21.75 -4.11 -23.90
C SER C 340 20.96 -5.40 -24.08
N PHE C 341 20.90 -6.21 -23.03
CA PHE C 341 20.22 -7.49 -23.07
C PHE C 341 19.23 -7.65 -21.91
N THR C 342 18.25 -8.52 -22.11
CA THR C 342 17.34 -8.93 -21.04
C THR C 342 17.89 -10.21 -20.38
N ARG C 343 18.32 -11.15 -21.21
CA ARG C 343 18.96 -12.38 -20.76
C ARG C 343 20.31 -12.45 -21.44
N ALA C 344 21.38 -12.57 -20.65
CA ALA C 344 22.74 -12.64 -21.18
C ALA C 344 22.83 -13.71 -22.26
N GLY C 345 23.33 -13.32 -23.43
CA GLY C 345 23.53 -14.24 -24.56
C GLY C 345 22.32 -14.53 -25.41
N ASP C 346 21.17 -13.95 -25.05
CA ASP C 346 19.95 -14.11 -25.81
C ASP C 346 19.71 -12.86 -26.65
N GLU C 347 19.59 -13.02 -27.97
CA GLU C 347 19.32 -11.88 -28.83
C GLU C 347 17.84 -11.47 -28.75
N ASP C 348 16.98 -12.41 -28.40
CA ASP C 348 15.59 -12.11 -28.10
C ASP C 348 15.59 -11.26 -26.83
N GLY C 349 15.03 -10.07 -26.92
CA GLY C 349 15.01 -9.15 -25.78
C GLY C 349 16.26 -8.31 -25.64
N SER C 350 17.11 -8.34 -26.68
CA SER C 350 18.28 -7.47 -26.77
C SER C 350 17.96 -6.24 -27.59
N TYR C 351 18.72 -5.18 -27.35
CA TYR C 351 18.50 -3.91 -28.04
C TYR C 351 19.83 -3.45 -28.59
N HIS C 352 19.87 -3.11 -29.89
CA HIS C 352 21.12 -2.70 -30.51
C HIS C 352 20.98 -1.31 -31.11
N GLY C 353 21.84 -0.39 -30.68
CA GLY C 353 21.84 0.98 -31.17
C GLY C 353 20.57 1.76 -30.85
N GLN C 354 19.81 1.27 -29.87
CA GLN C 354 18.67 2.02 -29.36
C GLN C 354 18.30 1.58 -27.95
N ALA C 355 17.38 2.31 -27.33
CA ALA C 355 16.95 1.96 -25.98
C ALA C 355 15.88 0.88 -26.04
N SER C 356 15.47 0.39 -24.86
CA SER C 356 14.42 -0.60 -24.75
C SER C 356 13.04 -0.02 -25.08
N LYS C 357 12.05 -0.91 -25.18
CA LYS C 357 10.62 -0.56 -25.31
C LYS C 357 10.26 0.16 -26.61
N GLY C 358 11.19 0.21 -27.57
CA GLY C 358 10.86 0.74 -28.89
C GLY C 358 11.27 2.18 -29.14
N PHE C 359 12.12 2.70 -28.24
CA PHE C 359 12.60 4.09 -28.31
C PHE C 359 14.06 4.23 -28.78
N LYS C 360 14.34 5.31 -29.49
CA LYS C 360 15.69 5.78 -29.81
C LYS C 360 15.96 7.09 -29.06
N LEU C 361 17.21 7.54 -29.07
CA LEU C 361 17.59 8.82 -28.47
C LEU C 361 17.05 10.00 -29.28
N GLY C 362 16.40 10.93 -28.59
CA GLY C 362 15.85 12.14 -29.20
C GLY C 362 16.92 13.13 -29.62
N GLU D 4 23.60 -2.52 39.31
CA GLU D 4 24.31 -3.39 40.28
C GLU D 4 24.98 -4.63 39.64
N ILE D 5 24.75 -4.82 38.34
CA ILE D 5 25.64 -5.67 37.56
C ILE D 5 26.86 -4.79 37.25
N PRO D 6 28.06 -5.21 37.70
CA PRO D 6 29.20 -4.29 37.51
C PRO D 6 29.64 -4.17 36.05
N LYS D 7 30.24 -3.03 35.70
CA LYS D 7 30.81 -2.85 34.36
C LYS D 7 32.20 -3.48 34.32
N PRO D 8 32.40 -4.51 33.46
CA PRO D 8 33.71 -5.12 33.34
C PRO D 8 34.82 -4.15 32.91
N VAL D 9 36.04 -4.43 33.35
CA VAL D 9 37.22 -3.77 32.84
C VAL D 9 37.42 -4.18 31.38
N ALA D 10 37.21 -5.46 31.09
CA ALA D 10 37.30 -6.01 29.73
C ALA D 10 36.36 -5.28 28.77
N PRO D 11 36.84 -4.99 27.53
CA PRO D 11 35.99 -4.28 26.57
C PRO D 11 34.82 -5.13 26.06
N ALA D 12 33.68 -4.49 25.85
CA ALA D 12 32.51 -5.18 25.27
C ALA D 12 32.82 -5.64 23.85
N PRO D 13 32.26 -6.79 23.44
CA PRO D 13 32.32 -7.17 22.03
C PRO D 13 31.56 -6.13 21.21
N ASP D 14 32.04 -5.84 20.01
CA ASP D 14 31.32 -4.95 19.12
C ASP D 14 30.16 -5.75 18.50
N ILE D 15 28.94 -5.51 18.97
CA ILE D 15 27.76 -6.23 18.46
C ILE D 15 27.15 -5.49 17.27
N LEU D 16 26.91 -6.23 16.18
CA LEU D 16 26.33 -5.66 14.97
C LEU D 16 24.82 -5.51 15.06
N ARG D 17 24.17 -6.60 15.49
CA ARG D 17 22.71 -6.73 15.35
C ARG D 17 22.27 -8.08 15.88
N CYS D 18 20.99 -8.17 16.23
N CYS D 18 20.98 -8.18 16.16
CA CYS D 18 20.38 -9.49 16.42
CA CYS D 18 20.34 -9.48 16.32
C CYS D 18 20.52 -10.23 15.08
C CYS D 18 20.51 -10.25 15.02
N ALA D 19 20.73 -11.55 15.14
CA ALA D 19 20.99 -12.36 13.93
C ALA D 19 20.09 -13.59 13.79
N TYR D 20 19.90 -14.36 14.87
CA TYR D 20 18.97 -15.48 14.82
C TYR D 20 18.55 -15.91 16.19
N ALA D 21 17.44 -16.65 16.25
CA ALA D 21 17.06 -17.35 17.48
C ALA D 21 16.93 -18.84 17.22
N GLU D 22 17.34 -19.65 18.20
CA GLU D 22 17.07 -21.07 18.17
C GLU D 22 15.95 -21.35 19.15
N LEU D 23 14.81 -21.79 18.61
CA LEU D 23 13.64 -22.17 19.38
C LEU D 23 13.50 -23.67 19.43
N VAL D 24 13.31 -24.21 20.64
CA VAL D 24 12.94 -25.61 20.77
C VAL D 24 11.44 -25.75 20.60
N VAL D 25 11.06 -26.70 19.76
CA VAL D 25 9.64 -26.95 19.41
C VAL D 25 9.34 -28.43 19.64
N THR D 26 8.10 -28.76 19.97
CA THR D 26 7.75 -30.15 20.31
C THR D 26 7.33 -31.03 19.13
N ASP D 27 6.74 -30.42 18.10
CA ASP D 27 6.32 -31.14 16.89
C ASP D 27 6.90 -30.39 15.69
N LEU D 28 7.97 -30.95 15.12
CA LEU D 28 8.70 -30.26 14.06
C LEU D 28 7.85 -30.03 12.81
N ALA D 29 7.05 -31.03 12.45
CA ALA D 29 6.18 -30.90 11.27
C ALA D 29 5.14 -29.78 11.43
N LYS D 30 4.51 -29.71 12.60
CA LYS D 30 3.51 -28.65 12.87
C LYS D 30 4.19 -27.28 12.88
N SER D 31 5.39 -27.23 13.44
CA SER D 31 6.13 -25.98 13.44
C SER D 31 6.50 -25.56 12.01
N ARG D 32 6.96 -26.53 11.20
CA ARG D 32 7.26 -26.25 9.79
C ARG D 32 6.04 -25.69 9.05
N ASN D 33 4.87 -26.29 9.25
CA ASN D 33 3.63 -25.80 8.65
CA ASN D 33 3.67 -25.78 8.60
C ASN D 33 3.46 -24.31 8.95
N PHE D 34 3.68 -23.94 10.22
CA PHE D 34 3.51 -22.56 10.66
C PHE D 34 4.52 -21.59 10.02
N TYR D 35 5.81 -21.89 10.19
CA TYR D 35 6.82 -20.95 9.75
C TYR D 35 7.08 -20.93 8.25
N VAL D 36 6.86 -22.07 7.60
CA VAL D 36 7.08 -22.17 6.16
C VAL D 36 5.77 -21.99 5.40
N ASP D 37 4.78 -22.84 5.67
CA ASP D 37 3.54 -22.81 4.89
C ASP D 37 2.69 -21.59 5.19
N VAL D 38 2.58 -21.21 6.46
CA VAL D 38 1.78 -20.03 6.79
C VAL D 38 2.59 -18.76 6.57
N LEU D 39 3.75 -18.65 7.24
CA LEU D 39 4.51 -17.41 7.23
C LEU D 39 5.49 -17.23 6.08
N GLY D 40 5.81 -18.29 5.34
CA GLY D 40 6.61 -18.16 4.11
C GLY D 40 8.11 -17.98 4.27
N LEU D 41 8.65 -18.27 5.45
CA LEU D 41 10.10 -18.21 5.63
C LEU D 41 10.79 -19.23 4.73
N HIS D 42 12.05 -18.96 4.44
CA HIS D 42 12.81 -19.73 3.43
C HIS D 42 13.71 -20.76 4.06
N VAL D 43 13.64 -22.00 3.57
CA VAL D 43 14.41 -23.09 4.16
C VAL D 43 15.86 -23.06 3.67
N SER D 44 16.79 -22.90 4.62
CA SER D 44 18.23 -22.97 4.32
C SER D 44 18.77 -24.39 4.45
N TYR D 45 18.14 -25.16 5.34
CA TYR D 45 18.52 -26.55 5.60
C TYR D 45 17.44 -27.18 6.45
N GLU D 46 17.19 -28.46 6.24
CA GLU D 46 16.33 -29.17 7.16
C GLU D 46 16.61 -30.66 7.23
N ASP D 47 16.33 -31.24 8.40
CA ASP D 47 16.31 -32.68 8.56
C ASP D 47 15.20 -33.04 9.54
N GLU D 48 15.24 -34.26 10.07
CA GLU D 48 14.19 -34.76 10.94
C GLU D 48 14.24 -34.12 12.33
N ASN D 49 15.33 -33.42 12.63
CA ASN D 49 15.52 -32.82 13.96
C ASN D 49 15.46 -31.30 14.01
N GLN D 50 15.80 -30.67 12.89
CA GLN D 50 15.92 -29.20 12.85
C GLN D 50 15.45 -28.62 11.51
N ILE D 51 14.95 -27.39 11.58
CA ILE D 51 14.65 -26.61 10.38
C ILE D 51 15.35 -25.27 10.50
N TYR D 52 16.12 -24.91 9.46
CA TYR D 52 16.88 -23.65 9.44
C TYR D 52 16.18 -22.73 8.45
N LEU D 53 15.77 -21.56 8.93
CA LEU D 53 14.94 -20.64 8.13
C LEU D 53 15.56 -19.27 8.05
N ARG D 54 15.35 -18.59 6.92
CA ARG D 54 15.83 -17.22 6.76
C ARG D 54 14.76 -16.34 6.13
N SER D 55 14.91 -15.04 6.35
CA SER D 55 14.01 -14.05 5.75
C SER D 55 14.40 -13.72 4.30
N PHE D 56 13.57 -12.92 3.63
CA PHE D 56 13.73 -12.65 2.20
C PHE D 56 15.05 -11.96 1.85
N GLU D 57 15.50 -11.05 2.72
CA GLU D 57 16.67 -10.22 2.38
C GLU D 57 17.97 -10.70 3.03
N GLU D 58 17.92 -11.83 3.73
CA GLU D 58 19.05 -12.27 4.54
C GLU D 58 20.11 -12.93 3.67
N PHE D 59 21.38 -12.71 4.02
CA PHE D 59 22.48 -13.42 3.35
C PHE D 59 23.25 -14.33 4.28
N ILE D 60 23.12 -14.13 5.60
CA ILE D 60 23.70 -15.15 6.50
C ILE D 60 22.83 -16.44 6.45
N HIS D 61 23.32 -17.53 7.04
CA HIS D 61 22.70 -18.82 6.81
C HIS D 61 21.23 -18.90 7.26
N HIS D 62 20.92 -18.26 8.39
CA HIS D 62 19.55 -18.37 8.92
C HIS D 62 19.26 -17.25 9.92
N ASN D 63 17.95 -16.96 10.09
CA ASN D 63 17.45 -16.10 11.17
C ASN D 63 16.67 -16.85 12.25
N LEU D 64 16.36 -18.10 11.99
CA LEU D 64 15.58 -18.91 12.93
C LEU D 64 15.96 -20.38 12.79
N VAL D 65 16.25 -21.03 13.91
CA VAL D 65 16.48 -22.48 13.92
C VAL D 65 15.38 -23.10 14.80
N LEU D 66 14.62 -24.02 14.22
CA LEU D 66 13.64 -24.81 14.97
C LEU D 66 14.29 -26.14 15.26
N THR D 67 14.43 -26.44 16.55
CA THR D 67 15.05 -27.68 17.00
C THR D 67 14.03 -28.53 17.77
N LYS D 68 13.82 -29.77 17.34
CA LYS D 68 12.89 -30.65 18.05
C LYS D 68 13.42 -30.93 19.47
N GLY D 69 12.53 -30.87 20.46
CA GLY D 69 12.92 -31.21 21.83
C GLY D 69 11.71 -31.43 22.71
N PRO D 70 11.94 -31.89 23.95
CA PRO D 70 10.84 -32.29 24.83
C PRO D 70 10.03 -31.12 25.41
N VAL D 71 10.68 -29.97 25.59
CA VAL D 71 10.06 -28.80 26.21
C VAL D 71 10.27 -27.57 25.34
N ALA D 72 9.18 -26.97 24.85
CA ALA D 72 9.31 -25.75 24.05
C ALA D 72 9.95 -24.63 24.88
N ALA D 73 10.95 -23.97 24.30
CA ALA D 73 11.72 -22.96 25.01
C ALA D 73 12.67 -22.26 24.04
N LEU D 74 13.13 -21.07 24.42
CA LEU D 74 14.27 -20.43 23.74
C LEU D 74 15.54 -21.17 24.11
N LYS D 75 16.27 -21.64 23.10
CA LYS D 75 17.58 -22.27 23.35
C LYS D 75 18.74 -21.26 23.28
N ALA D 76 18.64 -20.31 22.35
CA ALA D 76 19.65 -19.25 22.24
C ALA D 76 19.13 -18.07 21.45
N MET D 77 19.48 -16.86 21.89
N MET D 77 19.42 -16.87 21.94
CA MET D 77 19.26 -15.65 21.11
CA MET D 77 19.29 -15.62 21.18
C MET D 77 20.62 -15.12 20.71
C MET D 77 20.69 -15.30 20.71
N ALA D 78 20.86 -15.11 19.39
CA ALA D 78 22.21 -14.88 18.86
C ALA D 78 22.36 -13.50 18.25
N PHE D 79 23.48 -12.87 18.60
CA PHE D 79 23.89 -11.57 18.06
C PHE D 79 25.16 -11.76 17.22
N ARG D 80 25.19 -11.15 16.04
CA ARG D 80 26.44 -11.21 15.26
C ARG D 80 27.35 -10.08 15.75
N VAL D 81 28.65 -10.38 15.87
CA VAL D 81 29.65 -9.39 16.25
C VAL D 81 30.51 -9.03 15.04
N ARG D 82 31.26 -7.94 15.15
CA ARG D 82 31.86 -7.33 13.95
C ARG D 82 33.04 -8.10 13.35
N THR D 83 33.80 -8.75 14.23
CA THR D 83 35.02 -9.46 13.85
C THR D 83 35.17 -10.78 14.60
N PRO D 84 35.97 -11.72 14.04
CA PRO D 84 36.27 -12.94 14.79
C PRO D 84 36.81 -12.66 16.19
N GLU D 85 37.60 -11.59 16.33
CA GLU D 85 38.19 -11.21 17.62
C GLU D 85 37.14 -10.80 18.66
N ASP D 86 35.99 -10.33 18.18
CA ASP D 86 34.90 -9.95 19.10
C ASP D 86 34.30 -11.14 19.82
N VAL D 87 34.45 -12.34 19.27
CA VAL D 87 34.03 -13.55 19.98
C VAL D 87 34.94 -13.76 21.22
N ASP D 88 36.25 -13.63 21.04
CA ASP D 88 37.15 -13.65 22.21
C ASP D 88 36.80 -12.57 23.23
N LYS D 89 36.50 -11.37 22.74
CA LYS D 89 36.11 -10.26 23.62
C LYS D 89 34.84 -10.60 24.44
N ALA D 90 33.87 -11.23 23.77
CA ALA D 90 32.66 -11.68 24.47
C ALA D 90 32.99 -12.68 25.58
N GLU D 91 33.85 -13.65 25.28
CA GLU D 91 34.22 -14.67 26.26
C GLU D 91 34.89 -14.02 27.49
N ALA D 92 35.82 -13.10 27.27
CA ALA D 92 36.50 -12.38 28.36
C ALA D 92 35.52 -11.55 29.20
N TYR D 93 34.58 -10.90 28.51
CA TYR D 93 33.62 -10.00 29.15
C TYR D 93 32.71 -10.77 30.09
N TYR D 94 32.12 -11.85 29.59
CA TYR D 94 31.20 -12.64 30.39
C TYR D 94 31.90 -13.44 31.47
N GLN D 95 33.14 -13.83 31.22
CA GLN D 95 33.91 -14.50 32.26
C GLN D 95 34.20 -13.56 33.43
N GLU D 96 34.55 -12.31 33.12
CA GLU D 96 34.71 -11.28 34.14
C GLU D 96 33.40 -11.05 34.93
N LEU D 97 32.26 -11.11 34.25
CA LEU D 97 30.96 -10.99 34.91
C LEU D 97 30.61 -12.21 35.78
N GLY D 98 31.43 -13.26 35.71
CA GLY D 98 31.21 -14.48 36.47
C GLY D 98 30.13 -15.40 35.89
N CYS D 99 29.85 -15.22 34.60
CA CYS D 99 28.81 -16.02 33.96
C CYS D 99 29.35 -17.33 33.42
N ARG D 100 28.51 -18.35 33.37
CA ARG D 100 28.83 -19.60 32.66
C ARG D 100 28.92 -19.36 31.15
N THR D 101 30.00 -19.84 30.54
CA THR D 101 30.21 -19.70 29.10
C THR D 101 30.57 -21.03 28.48
N GLU D 102 30.25 -21.18 27.20
CA GLU D 102 30.65 -22.35 26.43
C GLU D 102 31.08 -21.90 25.02
N ARG D 103 32.30 -22.27 24.64
CA ARG D 103 32.88 -21.87 23.35
C ARG D 103 32.96 -23.09 22.43
N ARG D 104 32.50 -22.94 21.19
CA ARG D 104 32.57 -24.04 20.22
C ARG D 104 33.13 -23.49 18.91
N LYS D 105 34.34 -23.92 18.57
CA LYS D 105 35.00 -23.49 17.33
C LYS D 105 34.22 -23.83 16.06
N ASP D 106 33.41 -24.88 16.11
CA ASP D 106 32.64 -25.32 14.95
C ASP D 106 31.19 -24.89 15.04
N GLY D 107 30.86 -24.06 16.04
CA GLY D 107 29.48 -23.58 16.20
C GLY D 107 28.59 -24.55 16.96
N PHE D 108 27.40 -24.07 17.32
CA PHE D 108 26.40 -24.87 18.02
C PHE D 108 25.35 -25.39 17.06
N VAL D 109 25.10 -24.65 15.98
CA VAL D 109 24.13 -25.04 14.96
C VAL D 109 24.82 -24.98 13.58
N LYS D 110 24.20 -25.59 12.58
CA LYS D 110 24.73 -25.57 11.22
C LYS D 110 24.74 -24.15 10.70
N GLY D 111 25.71 -23.83 9.85
CA GLY D 111 25.81 -22.52 9.22
C GLY D 111 26.36 -21.39 10.06
N ILE D 112 26.79 -21.72 11.28
CA ILE D 112 27.49 -20.80 12.15
C ILE D 112 28.82 -21.46 12.53
N GLY D 113 29.90 -20.67 12.48
CA GLY D 113 31.21 -21.15 12.88
C GLY D 113 31.48 -20.83 14.33
N ASP D 114 32.69 -20.37 14.61
CA ASP D 114 33.14 -20.10 15.98
C ASP D 114 32.11 -19.28 16.80
N ALA D 115 31.64 -19.86 17.90
CA ALA D 115 30.55 -19.20 18.64
C ALA D 115 30.70 -19.36 20.14
N LEU D 116 30.23 -18.36 20.88
CA LEU D 116 30.22 -18.37 22.33
C LEU D 116 28.77 -18.31 22.77
N ARG D 117 28.35 -19.28 23.58
CA ARG D 117 27.06 -19.14 24.27
C ARG D 117 27.29 -18.90 25.75
N VAL D 118 26.45 -18.05 26.32
CA VAL D 118 26.57 -17.68 27.73
C VAL D 118 25.22 -17.73 28.43
N GLU D 119 25.24 -18.01 29.73
CA GLU D 119 24.09 -17.78 30.58
C GLU D 119 24.32 -16.39 31.14
N ASP D 120 23.63 -15.40 30.58
CA ASP D 120 23.92 -14.01 30.92
C ASP D 120 23.44 -13.61 32.33
N PRO D 121 23.81 -12.41 32.83
CA PRO D 121 23.42 -12.04 34.22
C PRO D 121 21.93 -11.99 34.50
N LEU D 122 21.11 -11.91 33.45
CA LEU D 122 19.65 -11.97 33.57
C LEU D 122 19.09 -13.37 33.34
N GLY D 123 19.98 -14.34 33.08
CA GLY D 123 19.59 -15.75 32.90
C GLY D 123 19.25 -16.14 31.46
N PHE D 124 19.55 -15.26 30.51
CA PHE D 124 19.24 -15.52 29.11
C PHE D 124 20.39 -16.19 28.39
N PRO D 125 20.05 -17.15 27.50
CA PRO D 125 21.10 -17.82 26.73
C PRO D 125 21.42 -16.95 25.52
N TYR D 126 22.48 -16.17 25.63
CA TYR D 126 22.97 -15.36 24.53
C TYR D 126 24.03 -16.12 23.74
N GLU D 127 24.04 -15.95 22.42
CA GLU D 127 25.15 -16.42 21.58
C GLU D 127 25.81 -15.24 20.88
N PHE D 128 27.14 -15.29 20.77
CA PHE D 128 27.91 -14.33 20.00
C PHE D 128 28.74 -15.08 18.98
N PHE D 129 28.66 -14.63 17.73
CA PHE D 129 29.40 -15.28 16.64
C PHE D 129 29.73 -14.24 15.57
N PHE D 130 30.80 -14.52 14.82
CA PHE D 130 31.07 -13.79 13.59
C PHE D 130 30.88 -14.69 12.36
N GLU D 131 31.56 -15.83 12.33
CA GLU D 131 31.58 -16.69 11.12
C GLU D 131 30.19 -17.28 10.86
N THR D 132 29.74 -17.19 9.61
CA THR D 132 28.51 -17.83 9.19
C THR D 132 28.55 -18.12 7.68
N THR D 133 27.91 -19.22 7.30
CA THR D 133 27.85 -19.60 5.90
C THR D 133 26.92 -18.66 5.15
N HIS D 134 27.45 -18.00 4.12
CA HIS D 134 26.63 -17.15 3.27
C HIS D 134 25.75 -17.99 2.35
N VAL D 135 24.53 -17.52 2.10
CA VAL D 135 23.59 -18.21 1.24
C VAL D 135 23.09 -17.23 0.16
N GLU D 136 22.32 -17.71 -0.80
CA GLU D 136 21.74 -16.82 -1.81
C GLU D 136 20.83 -15.79 -1.15
N ARG D 137 21.15 -14.52 -1.31
CA ARG D 137 20.32 -13.44 -0.78
C ARG D 137 19.12 -13.31 -1.70
N LEU D 138 17.93 -13.57 -1.16
CA LEU D 138 16.71 -13.66 -1.96
C LEU D 138 16.01 -12.32 -2.21
N HIS D 139 16.71 -11.21 -1.96
CA HIS D 139 16.05 -9.88 -1.90
C HIS D 139 15.36 -9.43 -3.20
N MET D 140 15.78 -10.00 -4.32
CA MET D 140 15.12 -9.69 -5.60
C MET D 140 14.45 -10.91 -6.25
N ARG D 141 14.25 -11.96 -5.46
CA ARG D 141 13.58 -13.16 -5.91
C ARG D 141 12.06 -12.96 -5.84
N TYR D 142 11.56 -12.02 -6.63
CA TYR D 142 10.13 -11.71 -6.62
C TYR D 142 9.26 -12.86 -7.13
N ASP D 143 9.88 -13.84 -7.76
CA ASP D 143 9.18 -15.07 -8.16
C ASP D 143 8.81 -15.92 -6.94
N LEU D 144 9.46 -15.64 -5.81
CA LEU D 144 9.22 -16.32 -4.52
C LEU D 144 8.46 -15.45 -3.52
N TYR D 145 8.33 -14.17 -3.80
CA TYR D 145 7.78 -13.20 -2.83
C TYR D 145 6.31 -13.48 -2.54
N SER D 146 6.00 -13.61 -1.26
CA SER D 146 4.62 -13.83 -0.85
CA SER D 146 4.64 -13.84 -0.79
C SER D 146 3.95 -12.52 -0.47
N ALA D 147 2.63 -12.52 -0.52
CA ALA D 147 1.86 -11.34 -0.18
C ALA D 147 2.09 -10.90 1.29
N GLY D 148 2.62 -11.83 2.11
CA GLY D 148 2.94 -11.54 3.51
C GLY D 148 4.44 -11.60 3.83
N GLU D 149 5.29 -11.36 2.83
CA GLU D 149 6.73 -11.69 2.95
C GLU D 149 7.45 -11.06 4.13
N LEU D 150 8.12 -11.90 4.92
CA LEU D 150 8.97 -11.45 6.02
C LEU D 150 10.35 -11.20 5.45
N VAL D 151 10.78 -9.95 5.55
CA VAL D 151 12.00 -9.49 4.83
C VAL D 151 13.31 -9.49 5.67
N ARG D 152 13.18 -9.26 6.97
CA ARG D 152 14.34 -9.22 7.87
CA ARG D 152 14.34 -9.22 7.86
C ARG D 152 13.96 -9.70 9.26
N LEU D 153 14.95 -10.17 10.00
CA LEU D 153 14.79 -10.34 11.43
C LEU D 153 15.03 -8.97 12.06
N ASP D 154 14.12 -8.53 12.94
CA ASP D 154 14.31 -7.19 13.51
C ASP D 154 14.83 -7.15 14.93
N HIS D 155 14.20 -7.91 15.83
CA HIS D 155 14.57 -7.82 17.25
C HIS D 155 14.05 -8.99 18.08
N PHE D 156 14.57 -9.07 19.31
CA PHE D 156 14.07 -9.95 20.36
C PHE D 156 13.42 -9.07 21.43
N ASN D 157 12.58 -9.67 22.26
CA ASN D 157 12.05 -8.97 23.42
C ASN D 157 12.05 -9.94 24.59
N GLN D 158 12.67 -9.51 25.68
CA GLN D 158 12.95 -10.36 26.84
C GLN D 158 12.10 -9.93 28.03
N VAL D 159 11.52 -10.88 28.77
CA VAL D 159 10.83 -10.60 30.03
C VAL D 159 11.81 -10.77 31.20
N THR D 160 11.93 -9.72 32.02
CA THR D 160 12.84 -9.76 33.17
C THR D 160 12.20 -8.97 34.33
N PRO D 161 12.37 -9.43 35.58
CA PRO D 161 11.66 -8.78 36.71
C PRO D 161 12.12 -7.35 37.05
N ASP D 162 13.39 -7.03 36.79
CA ASP D 162 14.01 -5.74 37.22
C ASP D 162 14.57 -5.02 35.99
N VAL D 163 13.76 -4.13 35.41
CA VAL D 163 14.16 -3.51 34.15
C VAL D 163 15.41 -2.59 34.27
N PRO D 164 15.44 -1.69 35.28
CA PRO D 164 16.66 -0.87 35.38
C PRO D 164 17.98 -1.66 35.53
N ARG D 165 17.95 -2.76 36.29
CA ARG D 165 19.11 -3.64 36.44
C ARG D 165 19.59 -4.20 35.09
N GLY D 166 18.65 -4.74 34.30
CA GLY D 166 18.97 -5.23 32.95
C GLY D 166 19.41 -4.14 32.00
N ARG D 167 18.74 -2.98 32.08
CA ARG D 167 19.08 -1.81 31.26
C ARG D 167 20.56 -1.40 31.42
N LYS D 168 21.02 -1.26 32.67
CA LYS D 168 22.41 -0.87 32.91
C LYS D 168 23.38 -1.89 32.26
N TYR D 169 23.11 -3.17 32.49
CA TYR D 169 23.92 -4.25 31.94
C TYR D 169 23.97 -4.16 30.41
N LEU D 170 22.81 -3.95 29.77
CA LEU D 170 22.82 -3.88 28.29
C LEU D 170 23.51 -2.60 27.77
N GLU D 171 23.39 -1.51 28.52
CA GLU D 171 24.07 -0.26 28.15
C GLU D 171 25.59 -0.44 28.24
N ASP D 172 26.06 -1.16 29.27
CA ASP D 172 27.49 -1.46 29.39
C ASP D 172 27.98 -2.33 28.22
N LEU D 173 27.10 -3.22 27.78
CA LEU D 173 27.36 -4.10 26.64
C LEU D 173 27.35 -3.33 25.30
N GLY D 174 26.85 -2.09 25.32
CA GLY D 174 26.92 -1.23 24.14
C GLY D 174 25.58 -0.90 23.49
N PHE D 175 24.50 -1.48 24.01
CA PHE D 175 23.16 -1.15 23.49
C PHE D 175 22.78 0.26 23.91
N ARG D 176 22.10 0.98 23.01
CA ARG D 176 21.67 2.34 23.34
C ARG D 176 20.17 2.37 23.52
N VAL D 177 19.71 2.89 24.66
CA VAL D 177 18.27 2.97 24.91
C VAL D 177 17.66 4.04 24.02
N THR D 178 16.57 3.66 23.36
CA THR D 178 15.87 4.56 22.44
C THR D 178 14.54 5.03 23.04
N GLU D 179 13.78 4.11 23.63
CA GLU D 179 12.51 4.45 24.29
C GLU D 179 12.32 3.66 25.57
N ASP D 180 11.47 4.18 26.47
CA ASP D 180 11.08 3.42 27.66
C ASP D 180 9.70 3.83 28.17
N ILE D 181 9.18 3.06 29.11
CA ILE D 181 7.89 3.32 29.74
C ILE D 181 8.12 3.38 31.25
N GLN D 182 7.77 4.51 31.86
CA GLN D 182 7.95 4.70 33.30
C GLN D 182 6.69 5.30 33.90
N ASP D 183 6.63 5.38 35.23
CA ASP D 183 5.58 6.22 35.85
C ASP D 183 6.19 7.30 36.75
N ASP D 184 5.33 8.17 37.27
CA ASP D 184 5.82 9.31 38.05
C ASP D 184 6.42 8.86 39.39
N GLU D 185 6.06 7.66 39.83
CA GLU D 185 6.61 7.08 41.06
C GLU D 185 8.00 6.46 40.86
N GLY D 186 8.48 6.48 39.61
CA GLY D 186 9.83 6.05 39.29
C GLY D 186 10.00 4.57 38.96
N THR D 187 8.89 3.89 38.69
CA THR D 187 8.96 2.50 38.25
C THR D 187 9.20 2.50 36.73
N THR D 188 10.03 1.59 36.26
CA THR D 188 10.26 1.37 34.81
C THR D 188 9.61 0.04 34.47
N TYR D 189 8.79 0.05 33.39
CA TYR D 189 8.01 -1.11 32.98
C TYR D 189 8.59 -1.79 31.74
N ALA D 190 9.38 -1.04 30.98
CA ALA D 190 9.92 -1.56 29.73
C ALA D 190 10.95 -0.61 29.16
N ALA D 191 11.93 -1.17 28.45
CA ALA D 191 12.96 -0.35 27.77
C ALA D 191 13.33 -1.03 26.43
N TRP D 192 13.64 -0.21 25.44
CA TRP D 192 14.04 -0.67 24.08
C TRP D 192 15.47 -0.20 23.83
N MET D 193 16.30 -1.05 23.21
CA MET D 193 17.70 -0.70 23.00
C MET D 193 18.29 -1.33 21.75
N HIS D 194 19.19 -0.59 21.11
CA HIS D 194 19.66 -0.99 19.79
C HIS D 194 21.19 -1.01 19.61
N ARG D 195 21.58 -1.75 18.59
CA ARG D 195 22.93 -1.66 18.02
C ARG D 195 22.90 -1.23 16.56
N LYS D 196 21.97 -1.79 15.78
CA LYS D 196 21.98 -1.59 14.32
C LYS D 196 21.36 -0.32 13.74
N GLY D 197 20.85 0.58 14.58
CA GLY D 197 20.34 1.87 14.09
C GLY D 197 18.85 1.87 13.80
N THR D 198 18.15 0.84 14.30
CA THR D 198 16.68 0.85 14.32
C THR D 198 16.27 1.05 15.79
N VAL D 199 14.96 1.05 16.07
CA VAL D 199 14.54 1.33 17.44
C VAL D 199 15.14 0.31 18.40
N HIS D 200 15.27 -0.94 17.98
CA HIS D 200 15.88 -1.93 18.86
C HIS D 200 16.41 -3.18 18.21
N ASP D 201 17.33 -3.82 18.93
CA ASP D 201 17.78 -5.18 18.65
C ASP D 201 17.29 -6.11 19.73
N THR D 202 17.20 -5.59 20.96
CA THR D 202 16.50 -6.31 21.98
C THR D 202 15.76 -5.33 22.87
N ALA D 203 14.90 -5.87 23.72
CA ALA D 203 14.10 -5.01 24.58
C ALA D 203 13.83 -5.78 25.86
N LEU D 204 13.55 -5.04 26.92
CA LEU D 204 13.17 -5.61 28.18
C LEU D 204 11.74 -5.22 28.52
N THR D 205 10.96 -6.22 28.88
CA THR D 205 9.57 -6.07 29.29
C THR D 205 9.52 -6.55 30.74
N GLY D 206 8.98 -5.71 31.62
CA GLY D 206 8.89 -6.09 33.03
C GLY D 206 7.94 -7.25 33.23
N GLY D 207 8.42 -8.27 33.94
CA GLY D 207 7.61 -9.43 34.27
C GLY D 207 8.46 -10.53 34.90
N ASN D 208 7.82 -11.63 35.25
CA ASN D 208 8.56 -12.77 35.82
C ASN D 208 9.50 -13.28 34.71
N GLY D 209 10.75 -13.56 35.06
CA GLY D 209 11.76 -13.96 34.06
C GLY D 209 13.00 -14.59 34.67
N PRO D 210 13.92 -15.08 33.83
CA PRO D 210 13.94 -14.90 32.37
C PRO D 210 12.89 -15.68 31.58
N ARG D 211 12.16 -14.97 30.72
CA ARG D 211 11.36 -15.62 29.67
C ARG D 211 11.52 -14.81 28.38
N LEU D 212 11.31 -15.47 27.24
CA LEU D 212 11.37 -14.77 25.95
C LEU D 212 9.97 -14.28 25.57
N HIS D 213 9.84 -12.97 25.44
CA HIS D 213 8.56 -12.41 25.09
C HIS D 213 8.22 -12.69 23.63
N HIS D 214 9.11 -12.32 22.73
CA HIS D 214 8.86 -12.59 21.29
C HIS D 214 10.11 -12.43 20.44
N VAL D 215 10.04 -12.93 19.20
CA VAL D 215 11.04 -12.65 18.14
C VAL D 215 10.24 -11.89 17.09
N ALA D 216 10.84 -10.84 16.51
CA ALA D 216 10.14 -9.99 15.55
C ALA D 216 10.81 -10.05 14.19
N PHE D 217 9.99 -10.19 13.14
CA PHE D 217 10.41 -10.04 11.75
C PHE D 217 9.75 -8.83 11.11
N SER D 218 10.45 -8.24 10.14
N SER D 218 10.43 -8.22 10.14
CA SER D 218 9.93 -7.08 9.39
CA SER D 218 9.86 -7.05 9.47
C SER D 218 9.20 -7.50 8.11
C SER D 218 9.30 -7.40 8.09
N THR D 219 8.34 -6.61 7.64
CA THR D 219 7.83 -6.67 6.24
C THR D 219 8.20 -5.34 5.58
N HIS D 220 8.02 -5.27 4.25
CA HIS D 220 8.24 -4.02 3.54
C HIS D 220 7.17 -3.00 3.87
N GLU D 221 5.92 -3.44 3.82
CA GLU D 221 4.82 -2.51 3.89
C GLU D 221 3.74 -2.99 4.86
N LYS D 222 2.86 -2.06 5.20
CA LYS D 222 1.77 -2.37 6.13
C LYS D 222 0.79 -3.41 5.57
N HIS D 223 0.50 -3.34 4.27
CA HIS D 223 -0.41 -4.32 3.65
C HIS D 223 0.11 -5.77 3.77
N ASN D 224 1.43 -5.95 3.86
CA ASN D 224 1.99 -7.30 4.06
C ASN D 224 1.57 -7.90 5.42
N ILE D 225 1.52 -7.04 6.43
CA ILE D 225 1.08 -7.48 7.75
C ILE D 225 -0.43 -7.78 7.75
N ILE D 226 -1.21 -6.91 7.09
CA ILE D 226 -2.64 -7.16 6.88
CA ILE D 226 -2.63 -7.18 6.92
C ILE D 226 -2.87 -8.52 6.21
N GLN D 227 -2.08 -8.83 5.18
CA GLN D 227 -2.20 -10.12 4.51
C GLN D 227 -1.97 -11.33 5.44
N ILE D 228 -1.01 -11.24 6.35
CA ILE D 228 -0.80 -12.32 7.31
C ILE D 228 -2.09 -12.58 8.12
N CYS D 229 -2.70 -11.49 8.60
CA CYS D 229 -3.99 -11.61 9.30
C CYS D 229 -5.07 -12.26 8.43
N ASP D 230 -5.17 -11.77 7.20
CA ASP D 230 -6.17 -12.26 6.26
C ASP D 230 -5.97 -13.77 5.98
N LYS D 231 -4.70 -14.17 5.82
CA LYS D 231 -4.38 -15.56 5.52
C LYS D 231 -4.74 -16.45 6.70
N MET D 232 -4.45 -15.98 7.90
CA MET D 232 -4.80 -16.72 9.12
C MET D 232 -6.32 -16.89 9.25
N GLY D 233 -7.09 -15.84 8.94
CA GLY D 233 -8.54 -15.98 8.85
C GLY D 233 -8.93 -17.06 7.83
N ALA D 234 -8.29 -17.04 6.66
CA ALA D 234 -8.64 -18.03 5.58
C ALA D 234 -8.34 -19.47 6.01
N LEU D 235 -7.24 -19.63 6.73
CA LEU D 235 -6.83 -20.92 7.27
C LEU D 235 -7.62 -21.32 8.54
N ARG D 236 -8.53 -20.42 8.95
CA ARG D 236 -9.34 -20.60 10.15
C ARG D 236 -8.46 -20.83 11.40
N ILE D 237 -7.39 -20.05 11.49
CA ILE D 237 -6.52 -20.04 12.67
C ILE D 237 -6.41 -18.63 13.25
N SER D 238 -7.50 -17.85 13.14
CA SER D 238 -7.51 -16.50 13.69
C SER D 238 -7.33 -16.52 15.22
N ASP D 239 -7.63 -17.65 15.85
CA ASP D 239 -7.39 -17.78 17.31
C ASP D 239 -5.90 -17.70 17.68
N ARG D 240 -5.03 -17.79 16.68
CA ARG D 240 -3.59 -17.66 16.90
C ARG D 240 -3.09 -16.24 16.64
N ILE D 241 -3.99 -15.33 16.26
CA ILE D 241 -3.68 -13.90 16.23
C ILE D 241 -3.91 -13.40 17.67
N GLU D 242 -2.83 -13.02 18.35
CA GLU D 242 -2.95 -12.66 19.77
C GLU D 242 -3.36 -11.21 19.97
N ARG D 243 -2.69 -10.31 19.27
CA ARG D 243 -2.84 -8.88 19.48
C ARG D 243 -2.52 -8.15 18.18
N GLY D 244 -3.34 -7.16 17.84
CA GLY D 244 -3.13 -6.35 16.64
C GLY D 244 -4.06 -6.76 15.50
N PRO D 245 -3.79 -6.27 14.28
CA PRO D 245 -2.66 -5.41 13.95
C PRO D 245 -2.90 -4.00 14.51
N GLY D 246 -1.82 -3.26 14.68
CA GLY D 246 -1.91 -1.91 15.18
C GLY D 246 -0.72 -1.05 14.81
N ARG D 247 -0.77 0.19 15.27
CA ARG D 247 0.38 1.07 15.24
C ARG D 247 0.91 1.19 16.67
N HIS D 248 2.21 0.93 16.86
CA HIS D 248 2.81 1.13 18.18
C HIS D 248 2.96 2.63 18.48
N GLY D 249 2.86 2.99 19.76
CA GLY D 249 3.31 4.30 20.21
C GLY D 249 4.82 4.25 20.27
N VAL D 250 5.34 3.56 21.28
CA VAL D 250 6.78 3.29 21.34
C VAL D 250 7.20 2.65 19.99
N SER D 251 8.24 3.18 19.36
CA SER D 251 8.80 2.68 18.08
C SER D 251 8.09 3.18 16.82
N ASN D 252 6.80 3.53 16.92
CA ASN D 252 6.01 4.00 15.77
C ASN D 252 5.83 2.95 14.66
N ALA D 253 6.13 1.70 14.98
CA ALA D 253 6.04 0.62 13.98
C ALA D 253 4.61 0.10 13.85
N PHE D 254 4.25 -0.34 12.64
CA PHE D 254 3.01 -1.08 12.42
C PHE D 254 3.32 -2.54 12.80
N TYR D 255 2.38 -3.20 13.50
CA TYR D 255 2.71 -4.46 14.16
C TYR D 255 1.56 -5.48 14.17
N LEU D 256 1.93 -6.72 14.45
CA LEU D 256 1.00 -7.83 14.67
C LEU D 256 1.73 -8.83 15.57
N TYR D 257 1.01 -9.43 16.52
CA TYR D 257 1.54 -10.56 17.29
C TYR D 257 0.72 -11.81 17.05
N ILE D 258 1.44 -12.90 16.76
CA ILE D 258 0.82 -14.20 16.53
C ILE D 258 1.54 -15.27 17.36
N LEU D 259 0.89 -16.41 17.51
CA LEU D 259 1.42 -17.50 18.36
C LEU D 259 1.70 -18.74 17.52
N ASP D 260 2.91 -19.27 17.63
CA ASP D 260 3.25 -20.51 16.92
C ASP D 260 2.63 -21.74 17.65
N PRO D 261 2.75 -22.95 17.07
CA PRO D 261 2.14 -24.15 17.65
C PRO D 261 2.54 -24.45 19.11
N ASP D 262 3.70 -23.97 19.54
CA ASP D 262 4.16 -24.13 20.94
C ASP D 262 3.96 -22.88 21.79
N ASN D 263 3.17 -21.94 21.26
CA ASN D 263 2.87 -20.67 21.92
CA ASN D 263 2.87 -20.64 21.88
C ASN D 263 4.04 -19.68 21.97
N HIS D 264 5.12 -19.95 21.23
CA HIS D 264 6.13 -18.92 21.05
C HIS D 264 5.48 -17.77 20.27
N ARG D 265 5.69 -16.56 20.77
CA ARG D 265 5.07 -15.39 20.18
C ARG D 265 6.00 -14.80 19.12
N ILE D 266 5.42 -14.50 17.95
CA ILE D 266 6.16 -13.88 16.85
C ILE D 266 5.51 -12.52 16.58
N GLU D 267 6.31 -11.47 16.50
CA GLU D 267 5.82 -10.16 16.05
C GLU D 267 6.18 -9.94 14.61
N ILE D 268 5.23 -9.36 13.86
CA ILE D 268 5.52 -8.86 12.51
C ILE D 268 5.49 -7.33 12.65
N TYR D 269 6.47 -6.64 12.05
CA TYR D 269 6.80 -5.26 12.44
C TYR D 269 7.25 -4.50 11.20
N THR D 270 6.86 -3.24 11.04
CA THR D 270 7.43 -2.47 9.92
C THR D 270 7.46 -0.97 10.20
N GLN D 271 8.46 -0.31 9.63
CA GLN D 271 8.47 1.15 9.50
C GLN D 271 8.67 1.91 10.82
N ASP D 272 9.60 1.43 11.64
CA ASP D 272 10.15 2.31 12.67
C ASP D 272 11.19 3.30 12.08
N TYR D 273 11.93 3.99 12.95
CA TYR D 273 12.75 5.13 12.52
C TYR D 273 14.24 4.89 12.82
N TYR D 274 15.07 5.75 12.25
CA TYR D 274 16.53 5.66 12.37
C TYR D 274 17.04 6.20 13.72
N THR D 275 17.91 5.43 14.36
CA THR D 275 18.40 5.75 15.70
C THR D 275 19.92 5.80 15.76
N GLY D 276 20.57 5.77 14.61
CA GLY D 276 22.03 5.54 14.56
C GLY D 276 22.91 6.66 15.06
N ASP D 277 22.35 7.86 15.23
CA ASP D 277 23.13 9.00 15.76
C ASP D 277 23.31 8.81 17.27
N PRO D 278 24.51 9.08 17.79
CA PRO D 278 24.77 8.76 19.19
C PRO D 278 23.98 9.61 20.20
N ASP D 279 23.49 10.76 19.75
CA ASP D 279 22.64 11.61 20.58
C ASP D 279 21.16 11.47 20.18
N ASN D 280 20.83 10.37 19.52
CA ASN D 280 19.43 10.07 19.21
C ASN D 280 18.55 10.37 20.43
N PRO D 281 17.51 11.22 20.26
CA PRO D 281 16.66 11.58 21.41
C PRO D 281 15.91 10.37 21.97
N THR D 282 16.05 10.15 23.28
CA THR D 282 15.34 9.09 23.98
C THR D 282 13.91 9.56 24.25
N ILE D 283 12.95 8.64 24.21
CA ILE D 283 11.57 9.00 24.40
C ILE D 283 11.06 8.18 25.58
N THR D 284 10.48 8.85 26.58
CA THR D 284 9.87 8.18 27.72
C THR D 284 8.37 8.41 27.72
N TRP D 285 7.60 7.32 27.81
CA TRP D 285 6.15 7.37 27.84
C TRP D 285 5.68 7.07 29.24
N ASN D 286 4.56 7.67 29.63
CA ASN D 286 3.97 7.35 30.91
C ASN D 286 3.17 6.05 30.79
N VAL D 287 3.27 5.18 31.79
CA VAL D 287 2.58 3.88 31.75
C VAL D 287 1.06 3.99 31.60
N HIS D 288 0.48 5.11 32.04
CA HIS D 288 -0.97 5.28 31.95
C HIS D 288 -1.44 5.87 30.63
N ASP D 289 -0.48 6.19 29.76
CA ASP D 289 -0.80 6.75 28.45
C ASP D 289 -1.38 5.66 27.56
N ASN D 290 -2.68 5.75 27.26
CA ASN D 290 -3.34 4.68 26.47
C ASN D 290 -2.91 4.61 25.00
N GLN D 291 -2.07 5.55 24.56
CA GLN D 291 -1.50 5.51 23.19
C GLN D 291 -0.04 5.00 23.12
N ARG D 292 0.50 4.53 24.24
CA ARG D 292 1.93 4.21 24.30
C ARG D 292 2.24 2.87 23.61
N ARG D 293 1.31 1.92 23.72
CA ARG D 293 1.52 0.57 23.20
C ARG D 293 0.76 0.37 21.90
N ASP D 294 -0.54 0.71 21.91
CA ASP D 294 -1.27 0.85 20.67
C ASP D 294 -1.65 2.31 20.49
N TRP D 295 -1.09 2.96 19.46
CA TRP D 295 -1.26 4.42 19.21
C TRP D 295 -2.73 4.79 19.03
N TRP D 296 -3.53 3.82 18.57
CA TRP D 296 -4.95 4.04 18.32
C TRP D 296 -5.80 3.75 19.55
N GLY D 297 -5.14 3.43 20.66
CA GLY D 297 -5.81 3.20 21.93
C GLY D 297 -6.48 1.85 22.06
N ASN D 298 -6.27 0.95 21.10
CA ASN D 298 -6.80 -0.40 21.25
C ASN D 298 -6.22 -1.08 22.51
N PRO D 299 -7.02 -1.91 23.18
CA PRO D 299 -6.54 -2.49 24.43
C PRO D 299 -5.45 -3.54 24.21
N VAL D 300 -4.53 -3.64 25.16
CA VAL D 300 -3.49 -4.65 25.14
C VAL D 300 -4.07 -5.91 25.79
N VAL D 301 -4.13 -7.00 25.03
CA VAL D 301 -4.71 -8.26 25.54
C VAL D 301 -3.92 -8.75 26.78
N PRO D 302 -4.62 -9.26 27.81
CA PRO D 302 -3.90 -9.63 29.03
C PRO D 302 -2.81 -10.70 28.86
N SER D 303 -3.02 -11.65 27.94
CA SER D 303 -1.98 -12.67 27.68
C SER D 303 -0.68 -12.04 27.22
N TRP D 304 -0.75 -10.87 26.59
CA TRP D 304 0.47 -10.19 26.14
C TRP D 304 1.34 -9.81 27.36
N TYR D 305 0.69 -9.53 28.48
CA TYR D 305 1.41 -9.19 29.71
C TYR D 305 1.80 -10.38 30.55
N THR D 306 1.09 -11.49 30.43
CA THR D 306 1.30 -12.65 31.32
C THR D 306 2.07 -13.83 30.72
N GLU D 307 1.95 -14.05 29.40
CA GLU D 307 2.50 -15.25 28.75
C GLU D 307 3.80 -14.94 28.01
N ALA D 308 4.74 -15.88 28.09
CA ALA D 308 6.05 -15.74 27.43
C ALA D 308 6.74 -17.10 27.50
N SER D 309 7.77 -17.28 26.67
CA SER D 309 8.39 -18.61 26.54
C SER D 309 9.46 -18.87 27.60
N LYS D 310 9.55 -20.12 28.05
CA LYS D 310 10.66 -20.57 28.89
C LYS D 310 11.97 -20.35 28.14
N VAL D 311 13.07 -20.22 28.88
CA VAL D 311 14.40 -20.21 28.25
C VAL D 311 15.26 -21.29 28.89
N LEU D 312 16.22 -21.79 28.11
CA LEU D 312 17.09 -22.88 28.59
C LEU D 312 18.44 -22.37 29.06
N ASP D 313 19.04 -23.13 29.97
CA ASP D 313 20.41 -22.91 30.34
C ASP D 313 21.30 -23.71 29.38
N LEU D 314 22.62 -23.68 29.59
CA LEU D 314 23.55 -24.37 28.69
C LEU D 314 23.50 -25.89 28.75
N ASP D 315 22.84 -26.45 29.77
CA ASP D 315 22.64 -27.90 29.84
C ASP D 315 21.36 -28.34 29.17
N GLY D 316 20.57 -27.37 28.68
CA GLY D 316 19.29 -27.71 28.04
C GLY D 316 18.15 -27.81 29.03
N ASN D 317 18.38 -27.37 30.26
CA ASN D 317 17.33 -27.35 31.28
C ASN D 317 16.66 -25.98 31.37
N VAL D 318 15.39 -25.95 31.78
CA VAL D 318 14.65 -24.69 31.84
C VAL D 318 15.21 -23.82 32.99
N GLN D 319 15.50 -22.55 32.70
CA GLN D 319 15.99 -21.60 33.72
C GLN D 319 14.92 -21.29 34.75
N GLU D 320 15.33 -21.20 36.02
CA GLU D 320 14.43 -20.76 37.09
C GLU D 320 13.89 -19.36 36.78
N ILE D 321 12.65 -19.13 37.17
CA ILE D 321 11.98 -17.89 36.87
C ILE D 321 11.78 -17.15 38.19
N ILE D 322 12.14 -15.88 38.20
N ILE D 322 12.14 -15.87 38.18
CA ILE D 322 12.06 -15.04 39.39
CA ILE D 322 12.06 -15.01 39.37
C ILE D 322 10.89 -14.06 39.27
C ILE D 322 10.82 -14.14 39.22
N LEU D 323 10.09 -13.99 40.33
CA LEU D 323 8.91 -13.12 40.36
C LEU D 323 9.24 -11.63 40.37
N ARG D 324 8.61 -10.87 39.46
CA ARG D 324 8.69 -9.42 39.50
C ARG D 324 7.99 -8.90 40.76
N THR D 325 8.68 -8.00 41.46
CA THR D 325 8.11 -7.32 42.64
C THR D 325 7.72 -5.85 42.38
N ASP D 326 8.34 -5.23 41.38
CA ASP D 326 7.91 -3.88 40.91
C ASP D 326 6.47 -3.95 40.39
N ASP D 327 5.81 -2.80 40.29
CA ASP D 327 4.41 -2.76 39.85
C ASP D 327 4.21 -3.45 38.49
N SER D 328 3.04 -4.06 38.32
CA SER D 328 2.69 -4.75 37.07
C SER D 328 2.05 -3.78 36.10
N GLU D 329 2.57 -3.72 34.87
CA GLU D 329 1.93 -2.88 33.83
C GLU D 329 0.45 -3.23 33.62
N LEU D 330 0.12 -4.53 33.62
CA LEU D 330 -1.26 -4.98 33.46
C LEU D 330 -2.10 -4.38 34.60
N GLU D 331 -1.62 -4.58 35.83
CA GLU D 331 -2.42 -4.19 37.02
C GLU D 331 -2.64 -2.67 37.07
N VAL D 332 -1.60 -1.89 36.80
CA VAL D 332 -1.74 -0.42 36.92
C VAL D 332 -2.50 0.23 35.75
N THR D 333 -2.70 -0.51 34.65
CA THR D 333 -3.38 0.08 33.49
C THR D 333 -4.76 -0.50 33.17
N ILE D 334 -4.89 -1.82 33.22
CA ILE D 334 -6.16 -2.47 32.83
C ILE D 334 -6.76 -3.38 33.92
N GLY D 335 -6.06 -3.53 35.03
CA GLY D 335 -6.55 -4.33 36.16
C GLY D 335 -7.64 -3.59 36.93
N ALA D 336 -8.18 -4.24 37.97
CA ALA D 336 -9.31 -3.67 38.73
C ALA D 336 -9.01 -2.31 39.35
N ASP D 337 -7.74 -2.09 39.74
CA ASP D 337 -7.30 -0.84 40.34
C ASP D 337 -6.45 0.00 39.41
N GLY D 338 -6.51 -0.28 38.12
CA GLY D 338 -5.65 0.45 37.19
C GLY D 338 -6.38 1.59 36.49
N PHE D 339 -5.64 2.36 35.71
CA PHE D 339 -6.28 3.34 34.84
C PHE D 339 -5.37 3.69 33.66
N SER D 340 -6.00 4.21 32.62
CA SER D 340 -5.25 4.83 31.52
C SER D 340 -5.99 6.05 31.01
N PHE D 341 -5.27 6.89 30.27
CA PHE D 341 -5.86 8.11 29.74
C PHE D 341 -5.58 8.25 28.24
N THR D 342 -6.43 9.00 27.56
CA THR D 342 -6.17 9.42 26.18
C THR D 342 -5.42 10.76 26.15
N ARG D 343 -5.91 11.73 26.93
CA ARG D 343 -5.21 13.00 27.17
C ARG D 343 -4.88 13.13 28.66
N ALA D 344 -3.61 13.39 28.99
CA ALA D 344 -3.19 13.51 30.39
C ALA D 344 -4.07 14.54 31.10
N GLY D 345 -4.67 14.14 32.22
CA GLY D 345 -5.48 15.04 33.06
C GLY D 345 -6.93 15.16 32.65
N ASP D 346 -7.30 14.50 31.55
CA ASP D 346 -8.66 14.54 31.04
C ASP D 346 -9.41 13.27 31.43
N GLU D 347 -10.48 13.42 32.20
CA GLU D 347 -11.33 12.28 32.55
C GLU D 347 -12.06 11.69 31.34
N ASP D 348 -12.39 12.55 30.37
CA ASP D 348 -13.00 12.11 29.12
CA ASP D 348 -13.00 12.12 29.13
C ASP D 348 -11.96 11.33 28.34
N GLY D 349 -12.32 10.12 27.91
CA GLY D 349 -11.36 9.24 27.21
C GLY D 349 -10.40 8.54 28.16
N SER D 350 -10.70 8.57 29.46
CA SER D 350 -9.96 7.80 30.44
CA SER D 350 -9.95 7.79 30.44
C SER D 350 -10.70 6.52 30.80
N TYR D 351 -9.96 5.51 31.23
CA TYR D 351 -10.51 4.20 31.56
C TYR D 351 -10.06 3.86 32.95
N HIS D 352 -11.01 3.49 33.82
CA HIS D 352 -10.69 3.17 35.20
C HIS D 352 -11.17 1.76 35.53
N GLY D 353 -10.25 0.90 35.97
CA GLY D 353 -10.59 -0.47 36.36
C GLY D 353 -11.01 -1.36 35.21
N GLN D 354 -10.71 -0.94 33.98
CA GLN D 354 -10.92 -1.78 32.80
C GLN D 354 -10.07 -1.28 31.63
N ALA D 355 -10.15 -2.00 30.52
CA ALA D 355 -9.42 -1.64 29.31
C ALA D 355 -10.22 -0.65 28.48
N SER D 356 -9.58 -0.11 27.44
CA SER D 356 -10.23 0.76 26.48
C SER D 356 -11.26 0.02 25.63
N LYS D 357 -12.08 0.80 24.93
CA LYS D 357 -13.03 0.31 23.89
C LYS D 357 -14.16 -0.55 24.47
N GLY D 358 -14.38 -0.48 25.77
CA GLY D 358 -15.54 -1.11 26.41
C GLY D 358 -15.31 -2.49 26.98
N PHE D 359 -14.06 -2.90 27.09
CA PHE D 359 -13.70 -4.24 27.58
C PHE D 359 -13.14 -4.26 29.01
N LYS D 360 -13.40 -5.37 29.70
CA LYS D 360 -12.81 -5.74 30.98
C LYS D 360 -11.98 -6.99 30.74
N LEU D 361 -11.14 -7.35 31.71
CA LEU D 361 -10.34 -8.58 31.65
C LEU D 361 -11.23 -9.83 31.74
N GLY D 362 -11.00 -10.79 30.86
CA GLY D 362 -11.75 -12.05 30.89
C GLY D 362 -11.24 -12.98 31.97
#